data_7C4S
#
_entry.id   7C4S
#
_cell.length_a   79.480
_cell.length_b   247.080
_cell.length_c   98.610
_cell.angle_alpha   90.000
_cell.angle_beta   97.370
_cell.angle_gamma   90.000
#
_symmetry.space_group_name_H-M   'C 1 2 1'
#
loop_
_entity.id
_entity.type
_entity.pdbx_description
1 polymer 'Antibody Fab fragment light chain'
2 polymer 'Antibody Fab fragment heavy chain'
3 polymer 'Sphingosine 1-phosphate receptor 3'
4 non-polymer '(2S,3R,4E)-2-amino-3-hydroxyoctadec-4-en-1-yl dihydrogen phosphate'
#
loop_
_entity_poly.entity_id
_entity_poly.type
_entity_poly.pdbx_seq_one_letter_code
_entity_poly.pdbx_strand_id
1 'polypeptide(L)'
;DIVMTQSPKSMSMSVGERVTLSCKASENVGIFVSWYQQKPEQSPKLLIYGASNRYTGVPDRFTGSGSATDFTLTLSSVQA
EDLADYYCGQSYNYPLTFGAGTKLELKRADAAPTVSIFPPSSEQLTSGGASVVCFLNNFYPKDINVKWKIDGSERQNGVL
NSWTDQDSKDSTYSMSSTLTLTKDEYERHNSYTCEATHKTSTSPIVKSFNRNEC
;
L,K
2 'polypeptide(L)'
;DVQLQQSGAELVRPGASVKLSCKASGYTFTDYEMHWVKQTPVHGLEWIGAIDPETGGTAYSQKFKGKATKTADKSSSTAY
MELRSLTSEDSAVYYCTIPYYSNLRFAYWGQGTLVTVSSAKTTPPSVYPLAPGCGDTTGSSVTLGCLVKGYFPESVTVTW
NSGSLSSSVHTFPALLQSGLYTMSSSVTVPSSTWPSQTVTCSVAHPASSTTVDKKLEPS
;
H,J
3 'polypeptide(L)'
;MATALPPRLQPVRGQETLREHYQYVGKLAGRLKEASEGSTLTTVLFLVICSFIVLENLMVLIAIWKNNKFHNRMYFFIGN
LALCDLLAGIAYKVNILMSGKKTFSLSPTVWFLREGSMFVALGASTCSLLAIAIERHLTMIKMRPYDANKRHRVFLLIGM
CWLIAFTLGALPILGWNCLHNLPDCSTILPLYSKKYIAFCISIFTAILVTIVILYARIYFLVKSSSRKVANHNNSERSMA
LLRTVVIVVSVFIACWSPLFILFLIDVACRVQACPILFKAQWFIVLAVLNSAMNPVIYTLASKEMRRAFFRLVCNCLVRG
RGARASPIQPALDPSRSKSSSSNNSSHSPKVKEDLPHTAPSSCIMDKNAALQNGIFCN
;
A,B
#
# COMPACT_ATOMS: atom_id res chain seq x y z
N ASP A 1 4.78 -0.79 -13.35
CA ASP A 1 5.83 -1.73 -13.73
C ASP A 1 5.26 -2.91 -14.52
N ILE A 2 5.80 -4.10 -14.27
CA ILE A 2 5.38 -5.32 -14.97
C ILE A 2 4.83 -6.27 -13.91
N VAL A 3 3.53 -6.50 -13.92
CA VAL A 3 2.91 -7.35 -12.91
C VAL A 3 3.07 -8.81 -13.31
N MET A 4 3.61 -9.63 -12.41
CA MET A 4 3.62 -11.08 -12.57
C MET A 4 2.61 -11.70 -11.62
N THR A 5 1.72 -12.53 -12.16
CA THR A 5 0.61 -13.12 -11.43
C THR A 5 0.85 -14.61 -11.27
N GLN A 6 1.16 -15.05 -10.06
CA GLN A 6 1.60 -16.41 -9.79
C GLN A 6 0.49 -17.18 -9.08
N SER A 7 0.18 -18.36 -9.61
CA SER A 7 -0.87 -19.22 -9.10
C SER A 7 -0.33 -20.65 -9.06
N PRO A 8 -0.74 -21.46 -8.07
CA PRO A 8 -1.70 -21.20 -6.99
C PRO A 8 -1.05 -20.53 -5.77
N LYS A 9 -1.86 -20.05 -4.82
CA LYS A 9 -1.29 -19.38 -3.66
C LYS A 9 -0.70 -20.39 -2.68
N SER A 10 -1.36 -21.54 -2.55
CA SER A 10 -0.93 -22.63 -1.69
C SER A 10 -1.60 -23.90 -2.19
N MET A 11 -0.92 -25.04 -2.03
CA MET A 11 -1.50 -26.30 -2.45
C MET A 11 -0.96 -27.41 -1.55
N SER A 12 -1.88 -28.20 -0.97
CA SER A 12 -1.53 -29.23 0.00
C SER A 12 -1.17 -30.51 -0.74
N MET A 13 0.06 -30.98 -0.54
CA MET A 13 0.54 -32.13 -1.27
C MET A 13 0.99 -33.28 -0.35
N SER A 14 0.89 -34.49 -0.88
CA SER A 14 1.51 -35.66 -0.28
C SER A 14 2.67 -36.08 -1.16
N VAL A 15 3.57 -36.87 -0.58
CA VAL A 15 4.88 -37.11 -1.18
C VAL A 15 4.75 -38.01 -2.41
N GLY A 16 5.36 -37.59 -3.50
CA GLY A 16 5.33 -38.34 -4.75
C GLY A 16 4.39 -37.79 -5.80
N GLU A 17 3.54 -36.82 -5.47
CA GLU A 17 2.58 -36.30 -6.42
C GLU A 17 3.27 -35.36 -7.40
N ARG A 18 2.55 -35.05 -8.48
CA ARG A 18 2.98 -34.05 -9.45
C ARG A 18 2.30 -32.72 -9.17
N VAL A 19 3.04 -31.63 -9.34
CA VAL A 19 2.48 -30.29 -9.19
C VAL A 19 3.02 -29.44 -10.36
N THR A 20 2.26 -28.42 -10.75
CA THR A 20 2.65 -27.49 -11.80
C THR A 20 2.25 -26.10 -11.35
N LEU A 21 3.23 -25.20 -11.27
CA LEU A 21 3.03 -23.84 -10.82
C LEU A 21 3.02 -22.88 -12.00
N SER A 22 2.05 -21.96 -12.03
CA SER A 22 1.89 -21.04 -13.14
C SER A 22 2.30 -19.63 -12.74
N CYS A 23 2.84 -18.92 -13.72
CA CYS A 23 3.27 -17.53 -13.52
C CYS A 23 3.06 -16.81 -14.84
N LYS A 24 2.08 -15.91 -14.87
CA LYS A 24 1.75 -15.16 -16.08
C LYS A 24 2.25 -13.73 -15.94
N ALA A 25 2.50 -13.10 -17.09
CA ALA A 25 3.06 -11.77 -17.14
C ALA A 25 2.08 -10.79 -17.77
N SER A 26 2.17 -9.54 -17.34
CA SER A 26 1.34 -8.51 -17.95
C SER A 26 1.87 -8.14 -19.33
N GLU A 27 3.16 -8.36 -19.57
CA GLU A 27 3.82 -7.96 -20.81
C GLU A 27 4.64 -9.11 -21.36
N ASN A 28 5.29 -8.85 -22.49
CA ASN A 28 6.28 -9.76 -23.02
C ASN A 28 7.52 -9.62 -22.14
N VAL A 29 7.89 -10.72 -21.51
CA VAL A 29 9.11 -10.81 -20.71
C VAL A 29 10.19 -11.59 -21.44
N GLY A 30 9.82 -12.48 -22.36
CA GLY A 30 10.81 -13.16 -23.15
C GLY A 30 11.08 -14.49 -22.51
N ILE A 31 12.34 -14.77 -22.18
CA ILE A 31 12.62 -15.97 -21.41
C ILE A 31 13.43 -15.58 -20.17
N PHE A 32 13.32 -14.35 -19.73
CA PHE A 32 14.15 -13.91 -18.61
C PHE A 32 13.59 -14.29 -17.23
N VAL A 33 12.52 -15.09 -17.17
CA VAL A 33 11.85 -15.42 -15.91
C VAL A 33 12.68 -16.43 -15.12
N SER A 34 12.84 -16.19 -13.82
CA SER A 34 13.50 -17.13 -12.92
C SER A 34 12.49 -17.79 -12.00
N TRP A 35 12.97 -18.78 -11.25
CA TRP A 35 12.17 -19.47 -10.25
C TRP A 35 13.01 -19.69 -9.00
N TYR A 36 12.49 -19.27 -7.86
CA TYR A 36 13.23 -19.32 -6.61
C TYR A 36 12.48 -20.18 -5.60
N GLN A 37 13.23 -20.62 -4.58
CA GLN A 37 12.69 -21.41 -3.49
C GLN A 37 13.13 -20.74 -2.19
N GLN A 38 12.21 -20.60 -1.24
CA GLN A 38 12.55 -19.98 0.04
C GLN A 38 12.05 -20.84 1.19
N LYS A 39 12.92 -21.04 2.17
CA LYS A 39 12.70 -21.76 3.42
C LYS A 39 12.76 -20.76 4.59
N PRO A 40 12.16 -21.07 5.75
CA PRO A 40 12.01 -20.05 6.81
C PRO A 40 13.33 -19.56 7.40
N GLU A 41 13.47 -18.23 7.44
CA GLU A 41 14.70 -17.49 7.76
C GLU A 41 15.86 -18.03 6.93
N GLN A 42 15.69 -17.97 5.61
CA GLN A 42 16.73 -18.33 4.67
C GLN A 42 16.58 -17.44 3.44
N SER A 43 17.68 -17.33 2.70
CA SER A 43 17.65 -16.57 1.45
C SER A 43 16.83 -17.33 0.41
N PRO A 44 16.27 -16.63 -0.57
CA PRO A 44 15.73 -17.32 -1.73
C PRO A 44 16.85 -17.99 -2.49
N LYS A 45 16.62 -19.22 -2.93
CA LYS A 45 17.64 -20.02 -3.60
C LYS A 45 17.16 -20.34 -4.99
N LEU A 46 17.97 -19.98 -5.99
CA LEU A 46 17.54 -20.05 -7.38
C LEU A 46 17.52 -21.49 -7.88
N LEU A 47 16.38 -21.89 -8.43
CA LEU A 47 16.21 -23.20 -9.03
C LEU A 47 16.43 -23.16 -10.54
N ILE A 48 15.66 -22.35 -11.24
CA ILE A 48 15.62 -22.33 -12.70
C ILE A 48 15.74 -20.89 -13.17
N TYR A 49 16.75 -20.64 -13.98
CA TYR A 49 16.93 -19.37 -14.68
C TYR A 49 16.63 -19.61 -16.16
N GLY A 50 16.34 -18.54 -16.88
CA GLY A 50 16.10 -18.69 -18.30
C GLY A 50 14.72 -19.28 -18.57
N ALA A 51 14.57 -19.85 -19.76
CA ALA A 51 13.39 -20.61 -20.10
C ALA A 51 13.29 -21.81 -19.17
N SER A 52 14.19 -22.80 -19.36
CA SER A 52 14.33 -23.95 -18.48
C SER A 52 15.81 -24.29 -18.38
N ASN A 53 16.54 -23.55 -17.55
CA ASN A 53 17.93 -23.87 -17.27
C ASN A 53 18.08 -24.09 -15.77
N ARG A 54 18.35 -25.34 -15.40
CA ARG A 54 18.47 -25.71 -14.00
C ARG A 54 19.79 -25.20 -13.44
N TYR A 55 19.72 -24.57 -12.28
CA TYR A 55 20.93 -24.16 -11.58
C TYR A 55 21.67 -25.41 -11.06
N THR A 56 22.95 -25.21 -10.73
CA THR A 56 23.79 -26.28 -10.25
C THR A 56 23.27 -26.79 -8.90
N GLY A 57 23.02 -28.10 -8.81
CA GLY A 57 22.49 -28.70 -7.61
C GLY A 57 20.98 -28.88 -7.59
N VAL A 58 20.30 -28.51 -8.66
CA VAL A 58 18.85 -28.66 -8.75
C VAL A 58 18.57 -30.01 -9.39
N PRO A 59 17.75 -30.87 -8.76
CA PRO A 59 17.53 -32.22 -9.28
C PRO A 59 16.70 -32.26 -10.56
N ASP A 60 16.56 -33.47 -11.13
CA ASP A 60 15.86 -33.67 -12.40
C ASP A 60 14.35 -33.59 -12.28
N ARG A 61 13.81 -33.59 -11.06
CA ARG A 61 12.36 -33.46 -10.88
C ARG A 61 11.87 -32.05 -11.13
N PHE A 62 12.75 -31.05 -11.08
CA PHE A 62 12.38 -29.68 -11.38
C PHE A 62 12.50 -29.45 -12.88
N THR A 63 11.41 -28.94 -13.47
CA THR A 63 11.32 -28.73 -14.91
C THR A 63 10.68 -27.38 -15.16
N GLY A 64 11.33 -26.56 -15.97
CA GLY A 64 10.76 -25.27 -16.31
C GLY A 64 10.23 -25.27 -17.72
N SER A 65 9.41 -24.28 -18.05
CA SER A 65 8.88 -24.09 -19.39
C SER A 65 8.35 -22.68 -19.49
N GLY A 66 8.21 -22.22 -20.71
CA GLY A 66 7.53 -20.96 -20.96
C GLY A 66 8.24 -20.07 -21.97
N SER A 67 7.48 -19.11 -22.48
CA SER A 67 7.96 -18.15 -23.47
C SER A 67 7.07 -16.91 -23.39
N ALA A 68 7.70 -15.74 -23.33
CA ALA A 68 7.09 -14.41 -23.40
C ALA A 68 6.11 -14.14 -22.25
N THR A 69 4.94 -14.79 -22.25
CA THR A 69 3.89 -14.47 -21.30
C THR A 69 3.62 -15.59 -20.30
N ASP A 70 3.37 -16.81 -20.77
CA ASP A 70 2.95 -17.91 -19.90
C ASP A 70 4.17 -18.75 -19.52
N PHE A 71 4.32 -19.03 -18.22
CA PHE A 71 5.48 -19.75 -17.71
C PHE A 71 5.02 -20.77 -16.69
N THR A 72 5.62 -21.97 -16.74
CA THR A 72 5.29 -23.04 -15.82
C THR A 72 6.56 -23.56 -15.16
N LEU A 73 6.39 -24.16 -13.98
CA LEU A 73 7.43 -24.91 -13.29
C LEU A 73 6.79 -26.17 -12.72
N THR A 74 7.29 -27.34 -13.11
CA THR A 74 6.67 -28.58 -12.69
C THR A 74 7.62 -29.37 -11.80
N LEU A 75 7.02 -30.17 -10.90
CA LEU A 75 7.70 -31.16 -10.07
C LEU A 75 7.13 -32.53 -10.41
N SER A 76 7.94 -33.41 -11.01
CA SER A 76 7.45 -34.72 -11.43
C SER A 76 7.26 -35.67 -10.25
N SER A 77 7.96 -35.45 -9.14
CA SER A 77 7.75 -36.19 -7.90
C SER A 77 8.07 -35.24 -6.77
N VAL A 78 7.05 -34.83 -6.01
CA VAL A 78 7.28 -33.97 -4.86
C VAL A 78 7.92 -34.79 -3.73
N GLN A 79 9.10 -34.35 -3.29
CA GLN A 79 9.81 -34.96 -2.18
C GLN A 79 9.64 -34.09 -0.94
N ALA A 80 10.13 -34.59 0.20
CA ALA A 80 9.85 -33.95 1.48
C ALA A 80 10.63 -32.67 1.68
N GLU A 81 11.82 -32.57 1.07
CA GLU A 81 12.61 -31.35 1.20
C GLU A 81 12.23 -30.30 0.14
N ASP A 82 11.25 -30.60 -0.72
CA ASP A 82 10.71 -29.63 -1.64
C ASP A 82 9.56 -28.83 -1.03
N LEU A 83 9.20 -29.12 0.22
CA LEU A 83 8.13 -28.43 0.92
C LEU A 83 8.66 -27.06 1.35
N ALA A 84 8.43 -26.06 0.51
CA ALA A 84 8.86 -24.69 0.80
C ALA A 84 7.99 -23.72 0.03
N ASP A 85 8.34 -22.44 0.09
CA ASP A 85 7.71 -21.40 -0.69
C ASP A 85 8.45 -21.24 -2.02
N TYR A 86 7.71 -20.91 -3.07
CA TYR A 86 8.27 -20.74 -4.40
C TYR A 86 7.82 -19.43 -5.02
N TYR A 87 8.71 -18.79 -5.78
CA TYR A 87 8.42 -17.52 -6.42
C TYR A 87 8.88 -17.55 -7.87
N CYS A 88 8.28 -16.66 -8.66
CA CYS A 88 8.74 -16.36 -10.01
C CYS A 88 9.04 -14.88 -10.08
N GLY A 89 10.06 -14.51 -10.88
CA GLY A 89 10.42 -13.12 -11.04
C GLY A 89 10.87 -12.87 -12.46
N GLN A 90 10.77 -11.60 -12.89
CA GLN A 90 10.79 -11.36 -14.33
C GLN A 90 12.20 -11.10 -14.90
N SER A 91 12.98 -10.21 -14.26
CA SER A 91 14.38 -9.90 -14.60
C SER A 91 14.62 -9.42 -16.05
N TYR A 92 13.57 -8.97 -16.75
CA TYR A 92 13.70 -8.49 -18.13
C TYR A 92 13.80 -6.99 -18.21
N ASN A 93 13.30 -6.29 -17.19
CA ASN A 93 13.35 -4.84 -17.13
C ASN A 93 13.51 -4.49 -15.66
N TYR A 94 14.37 -3.54 -15.37
CA TYR A 94 14.40 -3.03 -14.00
C TYR A 94 13.27 -2.00 -13.85
N PRO A 95 12.48 -2.04 -12.77
CA PRO A 95 12.51 -2.82 -11.53
C PRO A 95 12.13 -4.28 -11.67
N LEU A 96 12.76 -5.13 -10.86
CA LEU A 96 12.46 -6.56 -10.89
C LEU A 96 11.17 -6.77 -10.12
N THR A 97 10.23 -7.48 -10.70
CA THR A 97 8.99 -7.75 -9.99
C THR A 97 8.82 -9.25 -9.82
N PHE A 98 8.39 -9.65 -8.63
CA PHE A 98 8.24 -11.05 -8.32
C PHE A 98 6.77 -11.42 -8.19
N GLY A 99 6.52 -12.71 -8.01
CA GLY A 99 5.17 -13.18 -7.78
C GLY A 99 4.75 -13.01 -6.33
N ALA A 100 3.58 -13.58 -6.02
CA ALA A 100 3.03 -13.46 -4.68
C ALA A 100 3.45 -14.62 -3.79
N GLY A 101 3.63 -15.80 -4.37
CA GLY A 101 4.11 -16.95 -3.63
C GLY A 101 3.25 -18.19 -3.84
N THR A 102 3.89 -19.36 -3.70
CA THR A 102 3.20 -20.64 -3.73
C THR A 102 3.81 -21.48 -2.62
N LYS A 103 3.02 -21.81 -1.61
CA LYS A 103 3.47 -22.60 -0.47
C LYS A 103 3.12 -24.06 -0.70
N LEU A 104 4.15 -24.90 -0.83
CA LEU A 104 3.92 -26.33 -0.88
C LEU A 104 3.82 -26.87 0.54
N GLU A 105 2.75 -27.60 0.82
CA GLU A 105 2.41 -27.98 2.18
C GLU A 105 2.17 -29.49 2.24
N LEU A 106 2.18 -30.02 3.46
CA LEU A 106 1.96 -31.44 3.66
C LEU A 106 0.47 -31.70 3.82
N LYS A 107 -0.02 -32.70 3.08
CA LYS A 107 -1.43 -33.07 3.10
C LYS A 107 -1.65 -34.16 4.14
N ARG A 108 -2.69 -33.99 4.97
CA ARG A 108 -3.13 -35.04 5.86
C ARG A 108 -4.65 -35.08 5.88
N ALA A 109 -5.20 -36.00 6.68
CA ALA A 109 -6.64 -36.07 6.84
C ALA A 109 -7.12 -34.92 7.70
N ASP A 110 -8.42 -34.62 7.59
CA ASP A 110 -8.99 -33.47 8.27
C ASP A 110 -8.99 -33.67 9.78
N ALA A 111 -9.03 -32.54 10.50
CA ALA A 111 -8.97 -32.57 11.95
C ALA A 111 -9.73 -31.36 12.48
N ALA A 112 -10.73 -31.61 13.34
CA ALA A 112 -11.48 -30.51 13.90
C ALA A 112 -10.65 -29.81 14.98
N PRO A 113 -10.77 -28.50 15.12
CA PRO A 113 -10.02 -27.79 16.17
C PRO A 113 -10.64 -28.02 17.54
N THR A 114 -9.79 -27.91 18.56
CA THR A 114 -10.20 -28.06 19.96
C THR A 114 -10.17 -26.66 20.58
N VAL A 115 -11.36 -26.09 20.79
CA VAL A 115 -11.51 -24.67 21.07
C VAL A 115 -11.72 -24.48 22.57
N SER A 116 -11.00 -23.50 23.13
CA SER A 116 -11.01 -23.19 24.56
C SER A 116 -11.03 -21.67 24.74
N ILE A 117 -11.90 -21.17 25.63
CA ILE A 117 -12.06 -19.74 25.84
C ILE A 117 -11.69 -19.38 27.28
N PHE A 118 -11.11 -18.20 27.46
CA PHE A 118 -10.59 -17.85 28.78
C PHE A 118 -10.97 -16.43 29.19
N PRO A 119 -11.43 -16.26 30.43
CA PRO A 119 -11.75 -14.92 30.96
C PRO A 119 -10.50 -14.07 31.13
N PRO A 120 -10.66 -12.78 31.40
CA PRO A 120 -9.53 -12.00 31.91
C PRO A 120 -9.11 -12.47 33.29
N SER A 121 -7.82 -12.34 33.58
CA SER A 121 -7.32 -12.71 34.88
C SER A 121 -7.72 -11.68 35.92
N SER A 122 -7.55 -12.04 37.19
CA SER A 122 -7.85 -11.10 38.26
C SER A 122 -6.82 -9.99 38.31
N GLU A 123 -5.55 -10.33 38.06
CA GLU A 123 -4.46 -9.37 38.15
C GLU A 123 -4.52 -8.34 37.04
N GLN A 124 -4.99 -8.73 35.86
CA GLN A 124 -5.07 -7.79 34.75
C GLN A 124 -6.24 -6.82 34.95
N LEU A 125 -7.31 -7.27 35.60
CA LEU A 125 -8.42 -6.38 35.92
C LEU A 125 -8.06 -5.37 37.00
N THR A 126 -7.05 -5.64 37.82
CA THR A 126 -6.59 -4.63 38.77
C THR A 126 -5.84 -3.51 38.09
N SER A 127 -5.34 -3.73 36.87
CA SER A 127 -4.56 -2.73 36.14
C SER A 127 -5.39 -2.01 35.08
N GLY A 128 -6.69 -2.32 34.96
CA GLY A 128 -7.56 -1.66 34.02
C GLY A 128 -7.65 -2.32 32.66
N GLY A 129 -6.82 -3.32 32.38
CA GLY A 129 -6.93 -4.06 31.14
C GLY A 129 -7.83 -5.27 31.28
N ALA A 130 -8.25 -5.80 30.14
CA ALA A 130 -9.13 -6.96 30.12
C ALA A 130 -8.93 -7.69 28.79
N SER A 131 -8.24 -8.83 28.81
CA SER A 131 -7.99 -9.61 27.61
C SER A 131 -8.83 -10.88 27.65
N VAL A 132 -9.46 -11.20 26.52
CA VAL A 132 -10.17 -12.46 26.35
C VAL A 132 -9.40 -13.29 25.34
N VAL A 133 -9.11 -14.55 25.70
CA VAL A 133 -8.22 -15.40 24.93
C VAL A 133 -9.00 -16.63 24.47
N CYS A 134 -8.86 -16.97 23.20
CA CYS A 134 -9.46 -18.17 22.62
C CYS A 134 -8.39 -18.98 21.91
N PHE A 135 -8.20 -20.22 22.33
CA PHE A 135 -7.17 -21.09 21.77
C PHE A 135 -7.79 -22.09 20.80
N LEU A 136 -7.29 -22.12 19.58
CA LEU A 136 -7.75 -23.06 18.56
C LEU A 136 -6.54 -23.84 18.09
N ASN A 137 -6.45 -25.09 18.52
CA ASN A 137 -5.23 -25.85 18.29
C ASN A 137 -5.55 -27.25 17.78
N ASN A 138 -4.58 -27.80 17.04
CA ASN A 138 -4.62 -29.09 16.35
C ASN A 138 -5.81 -29.16 15.39
N PHE A 139 -5.68 -28.54 14.22
CA PHE A 139 -6.69 -28.64 13.19
C PHE A 139 -6.02 -28.68 11.82
N TYR A 140 -6.70 -29.33 10.88
CA TYR A 140 -6.30 -29.40 9.49
C TYR A 140 -7.57 -29.42 8.65
N PRO A 141 -7.63 -28.65 7.55
CA PRO A 141 -6.61 -27.75 7.00
C PRO A 141 -6.53 -26.37 7.66
N LYS A 142 -5.72 -25.47 7.07
CA LYS A 142 -5.47 -24.16 7.64
C LYS A 142 -6.61 -23.17 7.38
N ASP A 143 -7.58 -23.55 6.55
CA ASP A 143 -8.66 -22.66 6.17
C ASP A 143 -9.63 -22.52 7.34
N ILE A 144 -9.42 -21.49 8.16
CA ILE A 144 -10.26 -21.28 9.35
C ILE A 144 -10.55 -19.79 9.47
N ASN A 145 -11.78 -19.47 9.90
CA ASN A 145 -12.23 -18.11 10.08
C ASN A 145 -12.83 -18.00 11.47
N VAL A 146 -12.41 -16.98 12.22
CA VAL A 146 -12.71 -16.86 13.64
C VAL A 146 -13.35 -15.50 13.88
N LYS A 147 -14.55 -15.49 14.45
CA LYS A 147 -15.24 -14.26 14.82
C LYS A 147 -15.25 -14.11 16.35
N TRP A 148 -15.33 -12.86 16.79
CA TRP A 148 -15.42 -12.51 18.21
C TRP A 148 -16.75 -11.81 18.41
N LYS A 149 -17.67 -12.44 19.15
CA LYS A 149 -19.01 -11.88 19.32
C LYS A 149 -19.22 -11.46 20.77
N ILE A 150 -19.55 -10.20 20.98
CA ILE A 150 -19.81 -9.64 22.30
C ILE A 150 -21.27 -9.20 22.32
N ASP A 151 -22.09 -9.92 23.08
CA ASP A 151 -23.56 -9.78 23.10
C ASP A 151 -24.17 -9.86 21.70
N GLY A 152 -23.64 -10.78 20.89
CA GLY A 152 -24.10 -11.01 19.54
C GLY A 152 -23.45 -10.14 18.48
N SER A 153 -22.64 -9.16 18.86
CA SER A 153 -22.09 -8.19 17.91
C SER A 153 -20.64 -8.54 17.62
N GLU A 154 -20.30 -8.60 16.34
CA GLU A 154 -18.94 -8.94 15.95
C GLU A 154 -18.00 -7.77 16.24
N ARG A 155 -16.77 -8.10 16.63
CA ARG A 155 -15.74 -7.12 16.91
C ARG A 155 -14.43 -7.58 16.30
N GLN A 156 -13.74 -6.68 15.61
CA GLN A 156 -12.48 -7.01 14.95
C GLN A 156 -11.31 -6.13 15.35
N ASN A 157 -11.52 -5.05 16.11
CA ASN A 157 -10.44 -4.10 16.44
C ASN A 157 -9.93 -4.41 17.84
N GLY A 158 -8.63 -4.64 17.93
CA GLY A 158 -7.99 -5.01 19.16
C GLY A 158 -7.64 -6.48 19.24
N VAL A 159 -7.58 -7.17 18.10
CA VAL A 159 -7.44 -8.62 18.05
C VAL A 159 -6.03 -8.96 17.61
N LEU A 160 -5.36 -9.85 18.35
CA LEU A 160 -4.08 -10.41 17.94
C LEU A 160 -4.30 -11.88 17.60
N ASN A 161 -3.77 -12.30 16.46
CA ASN A 161 -3.93 -13.67 16.01
C ASN A 161 -2.55 -14.24 15.74
N SER A 162 -2.19 -15.29 16.47
CA SER A 162 -0.91 -15.94 16.29
C SER A 162 -1.13 -17.33 15.71
N TRP A 163 -0.12 -17.85 15.04
CA TRP A 163 -0.22 -19.11 14.31
C TRP A 163 1.02 -19.96 14.52
N THR A 164 0.84 -21.27 14.51
CA THR A 164 1.96 -22.19 14.37
C THR A 164 1.92 -22.74 12.95
N ASP A 165 3.06 -23.27 12.48
CA ASP A 165 3.08 -23.90 11.16
C ASP A 165 2.59 -25.34 11.28
N GLN A 166 2.91 -26.20 10.32
CA GLN A 166 2.54 -27.61 10.45
C GLN A 166 3.33 -28.24 11.58
N ASP A 167 2.66 -29.05 12.37
CA ASP A 167 3.24 -29.58 13.60
C ASP A 167 4.36 -30.57 13.29
N SER A 168 5.34 -30.62 14.20
CA SER A 168 6.40 -31.60 14.11
C SER A 168 5.95 -33.02 14.34
N LYS A 169 4.70 -33.27 14.74
CA LYS A 169 4.22 -34.65 14.86
C LYS A 169 2.85 -34.85 14.21
N ASP A 170 1.89 -33.97 14.52
CA ASP A 170 0.54 -34.08 13.97
C ASP A 170 0.47 -33.62 12.53
N SER A 171 1.40 -32.75 12.13
CA SER A 171 1.30 -31.92 10.92
C SER A 171 -0.03 -31.16 10.84
N THR A 172 -0.39 -30.52 11.94
CA THR A 172 -1.59 -29.69 12.06
C THR A 172 -1.18 -28.25 12.38
N TYR A 173 -2.18 -27.38 12.43
CA TYR A 173 -1.99 -25.96 12.74
C TYR A 173 -2.64 -25.63 14.07
N SER A 174 -2.27 -24.47 14.60
CA SER A 174 -2.84 -23.98 15.85
C SER A 174 -2.91 -22.47 15.80
N MET A 175 -3.91 -21.91 16.48
CA MET A 175 -4.17 -20.49 16.41
C MET A 175 -4.53 -19.95 17.79
N SER A 176 -4.04 -18.75 18.08
CA SER A 176 -4.29 -18.08 19.35
C SER A 176 -4.84 -16.69 19.05
N SER A 177 -6.10 -16.48 19.39
CA SER A 177 -6.80 -15.21 19.19
C SER A 177 -6.98 -14.53 20.55
N THR A 178 -6.58 -13.26 20.63
CA THR A 178 -6.59 -12.53 21.89
C THR A 178 -7.29 -11.18 21.69
N LEU A 179 -8.52 -11.09 22.17
CA LEU A 179 -9.29 -9.86 22.12
C LEU A 179 -9.02 -9.05 23.40
N THR A 180 -8.59 -7.80 23.23
CA THR A 180 -8.22 -6.93 24.34
C THR A 180 -9.18 -5.76 24.39
N LEU A 181 -9.82 -5.56 25.53
CA LEU A 181 -10.71 -4.44 25.78
C LEU A 181 -10.19 -3.62 26.95
N THR A 182 -10.97 -2.61 27.33
CA THR A 182 -10.76 -1.95 28.61
C THR A 182 -11.60 -2.64 29.67
N LYS A 183 -11.28 -2.37 30.93
CA LYS A 183 -12.04 -2.97 32.04
C LYS A 183 -13.45 -2.40 32.10
N ASP A 184 -13.60 -1.11 31.80
CA ASP A 184 -14.90 -0.46 31.90
C ASP A 184 -15.84 -0.89 30.78
N GLU A 185 -15.29 -1.33 29.65
CA GLU A 185 -16.12 -1.85 28.57
C GLU A 185 -16.38 -3.33 28.75
N TYR A 186 -15.45 -4.05 29.37
CA TYR A 186 -15.64 -5.47 29.63
C TYR A 186 -16.73 -5.71 30.67
N GLU A 187 -16.86 -4.81 31.64
CA GLU A 187 -17.93 -4.93 32.64
C GLU A 187 -19.30 -4.49 32.13
N ARG A 188 -19.40 -3.96 30.90
CA ARG A 188 -20.66 -3.43 30.40
C ARG A 188 -21.53 -4.51 29.74
N HIS A 189 -20.91 -5.47 29.04
CA HIS A 189 -21.63 -6.50 28.32
C HIS A 189 -21.54 -7.83 29.06
N ASN A 190 -22.25 -8.84 28.56
CA ASN A 190 -22.41 -10.11 29.27
C ASN A 190 -21.91 -11.31 28.47
N SER A 191 -22.43 -11.53 27.26
CA SER A 191 -22.13 -12.74 26.51
C SER A 191 -20.88 -12.51 25.67
N TYR A 192 -19.85 -13.32 25.90
CA TYR A 192 -18.58 -13.23 25.19
C TYR A 192 -18.33 -14.56 24.49
N THR A 193 -18.01 -14.49 23.20
CA THR A 193 -18.10 -15.66 22.32
C THR A 193 -16.92 -15.69 21.37
N CYS A 194 -16.26 -16.85 21.31
CA CYS A 194 -15.27 -17.16 20.30
C CYS A 194 -15.89 -18.18 19.35
N GLU A 195 -16.09 -17.78 18.09
CA GLU A 195 -16.84 -18.57 17.11
C GLU A 195 -15.94 -18.90 15.93
N ALA A 196 -15.92 -20.16 15.53
CA ALA A 196 -14.98 -20.63 14.53
C ALA A 196 -15.70 -21.41 13.44
N THR A 197 -15.21 -21.29 12.21
CA THR A 197 -15.76 -22.01 11.08
C THR A 197 -14.69 -22.92 10.50
N HIS A 198 -15.04 -24.16 10.21
CA HIS A 198 -14.05 -25.09 9.69
C HIS A 198 -14.71 -26.10 8.76
N LYS A 199 -13.87 -26.74 7.94
CA LYS A 199 -14.31 -27.76 6.99
C LYS A 199 -14.95 -28.95 7.70
N THR A 200 -14.46 -29.27 8.90
CA THR A 200 -14.87 -30.46 9.62
C THR A 200 -16.26 -30.36 10.23
N SER A 201 -16.92 -29.21 10.17
CA SER A 201 -18.23 -29.05 10.79
C SER A 201 -19.11 -28.11 9.98
N THR A 202 -20.36 -28.52 9.70
CA THR A 202 -21.26 -27.64 8.98
C THR A 202 -21.75 -26.48 9.85
N SER A 203 -22.00 -26.71 11.01
CA SER A 203 -22.34 -25.62 11.91
C SER A 203 -21.07 -25.05 12.54
N PRO A 204 -21.02 -23.77 12.91
CA PRO A 204 -19.77 -23.26 13.48
C PRO A 204 -19.49 -23.74 14.90
N ILE A 205 -18.21 -23.97 15.18
CA ILE A 205 -17.76 -24.43 16.49
C ILE A 205 -17.75 -23.24 17.43
N VAL A 206 -18.55 -23.31 18.48
CA VAL A 206 -18.78 -22.16 19.36
C VAL A 206 -18.40 -22.55 20.78
N LYS A 207 -17.66 -21.66 21.45
CA LYS A 207 -17.35 -21.76 22.87
C LYS A 207 -17.48 -20.35 23.47
N SER A 208 -18.24 -20.23 24.56
CA SER A 208 -18.59 -18.90 25.06
C SER A 208 -18.71 -18.94 26.58
N PHE A 209 -18.89 -17.75 27.16
CA PHE A 209 -19.07 -17.63 28.60
C PHE A 209 -19.79 -16.32 28.92
N ASN A 210 -20.52 -16.35 30.04
CA ASN A 210 -21.23 -15.19 30.56
C ASN A 210 -20.51 -14.72 31.82
N ARG A 211 -20.18 -13.43 31.87
CA ARG A 211 -19.30 -12.94 32.92
C ARG A 211 -20.00 -12.75 34.26
N ASN A 212 -21.32 -12.89 34.31
CA ASN A 212 -22.07 -12.59 35.53
C ASN A 212 -22.17 -13.77 36.48
N GLU A 213 -22.39 -14.98 35.95
CA GLU A 213 -22.71 -16.12 36.80
C GLU A 213 -21.49 -16.68 37.52
N CYS A 214 -20.29 -16.45 36.98
CA CYS A 214 -19.07 -17.04 37.54
C CYS A 214 -17.87 -16.16 37.23
N ASP B 1 32.90 -20.28 -2.46
CA ASP B 1 33.72 -19.23 -3.06
C ASP B 1 33.07 -17.84 -3.00
N VAL B 2 31.86 -17.72 -3.52
CA VAL B 2 31.15 -16.46 -3.59
C VAL B 2 30.17 -16.42 -2.42
N GLN B 3 30.47 -15.57 -1.44
CA GLN B 3 29.61 -15.35 -0.29
C GLN B 3 29.18 -13.91 -0.27
N LEU B 4 27.99 -13.67 0.28
CA LEU B 4 27.50 -12.31 0.50
C LEU B 4 27.22 -12.18 1.98
N GLN B 5 28.26 -11.80 2.73
CA GLN B 5 28.10 -11.60 4.17
C GLN B 5 27.37 -10.29 4.39
N GLN B 6 26.35 -10.33 5.23
CA GLN B 6 25.38 -9.26 5.34
C GLN B 6 25.17 -8.95 6.81
N SER B 7 25.35 -7.69 7.19
CA SER B 7 25.27 -7.29 8.59
C SER B 7 23.81 -7.35 9.03
N GLY B 8 23.46 -8.39 9.79
CA GLY B 8 22.09 -8.62 10.19
C GLY B 8 21.76 -7.97 11.52
N ALA B 9 20.51 -8.20 11.95
CA ALA B 9 19.96 -7.85 13.27
C ALA B 9 20.01 -6.36 13.55
N GLU B 10 18.95 -5.64 13.20
CA GLU B 10 18.85 -4.23 13.53
C GLU B 10 17.55 -3.95 14.24
N LEU B 11 17.51 -2.80 14.91
CA LEU B 11 16.40 -2.41 15.78
C LEU B 11 16.46 -0.90 15.87
N VAL B 12 15.45 -0.21 15.32
CA VAL B 12 15.55 1.22 15.07
C VAL B 12 14.27 1.91 15.51
N ARG B 13 14.43 3.11 16.10
CA ARG B 13 13.32 3.92 16.56
C ARG B 13 12.62 4.56 15.35
N PRO B 14 11.33 4.91 15.46
CA PRO B 14 10.64 5.51 14.31
C PRO B 14 11.10 6.94 14.11
N GLY B 15 11.38 7.28 12.86
CA GLY B 15 11.90 8.59 12.56
C GLY B 15 13.40 8.66 12.56
N ALA B 16 14.07 7.56 12.88
CA ALA B 16 15.51 7.48 12.87
C ALA B 16 15.96 6.85 11.57
N SER B 17 17.26 6.65 11.42
CA SER B 17 17.83 6.15 10.18
C SER B 17 18.67 4.92 10.46
N VAL B 18 18.92 4.14 9.41
CA VAL B 18 19.70 2.92 9.52
C VAL B 18 20.48 2.77 8.22
N LYS B 19 21.67 2.15 8.32
CA LYS B 19 22.56 1.97 7.18
C LYS B 19 23.01 0.51 7.21
N LEU B 20 22.57 -0.26 6.21
CA LEU B 20 22.85 -1.68 6.14
C LEU B 20 24.06 -1.92 5.23
N SER B 21 24.58 -3.13 5.25
CA SER B 21 25.80 -3.43 4.52
C SER B 21 25.76 -4.84 3.99
N CYS B 22 26.31 -5.04 2.80
CA CYS B 22 26.43 -6.34 2.17
C CYS B 22 27.86 -6.51 1.67
N LYS B 23 28.57 -7.49 2.21
CA LYS B 23 30.01 -7.63 2.00
C LYS B 23 30.27 -8.80 1.07
N ALA B 24 31.02 -8.54 0.00
CA ALA B 24 31.20 -9.48 -1.09
C ALA B 24 32.61 -10.04 -1.09
N SER B 25 32.73 -11.32 -1.45
CA SER B 25 34.01 -12.00 -1.48
C SER B 25 33.92 -13.14 -2.49
N GLY B 26 35.03 -13.41 -3.17
CA GLY B 26 35.09 -14.50 -4.11
C GLY B 26 34.97 -14.09 -5.56
N TYR B 27 34.81 -12.81 -5.84
CA TYR B 27 34.70 -12.31 -7.20
C TYR B 27 35.14 -10.86 -7.20
N THR B 28 35.51 -10.38 -8.39
CA THR B 28 35.85 -8.97 -8.57
C THR B 28 34.58 -8.13 -8.43
N PHE B 29 34.54 -7.29 -7.39
CA PHE B 29 33.31 -6.62 -6.96
C PHE B 29 32.82 -5.59 -7.97
N THR B 30 33.73 -4.99 -8.74
CA THR B 30 33.38 -3.93 -9.67
C THR B 30 32.91 -4.44 -11.02
N ASP B 31 32.73 -5.74 -11.19
CA ASP B 31 32.32 -6.28 -12.47
C ASP B 31 30.86 -6.70 -12.53
N TYR B 32 30.14 -6.67 -11.41
CA TYR B 32 28.74 -7.07 -11.40
C TYR B 32 27.95 -6.13 -10.50
N GLU B 33 26.66 -6.00 -10.81
CA GLU B 33 25.81 -5.10 -10.07
C GLU B 33 25.48 -5.67 -8.69
N MET B 34 25.11 -4.77 -7.79
CA MET B 34 24.54 -5.14 -6.51
C MET B 34 23.08 -4.74 -6.49
N HIS B 35 22.21 -5.67 -6.12
CA HIS B 35 20.78 -5.42 -6.00
C HIS B 35 20.31 -5.65 -4.57
N TRP B 36 19.24 -4.96 -4.21
CA TRP B 36 18.66 -5.07 -2.87
C TRP B 36 17.16 -5.32 -2.99
N VAL B 37 16.68 -6.37 -2.34
CA VAL B 37 15.28 -6.80 -2.43
C VAL B 37 14.70 -6.82 -1.02
N LYS B 38 13.46 -6.32 -0.88
CA LYS B 38 12.75 -6.23 0.38
C LYS B 38 11.65 -7.28 0.44
N GLN B 39 11.54 -7.98 1.56
CA GLN B 39 10.52 -9.03 1.71
C GLN B 39 9.71 -8.76 2.97
N THR B 40 8.44 -8.45 2.79
CA THR B 40 7.45 -8.35 3.84
C THR B 40 6.50 -9.55 3.72
N PRO B 41 5.73 -9.89 4.77
CA PRO B 41 4.69 -10.92 4.59
C PRO B 41 3.48 -10.42 3.83
N VAL B 42 3.29 -9.11 3.73
CA VAL B 42 2.11 -8.52 3.12
C VAL B 42 2.36 -8.23 1.65
N HIS B 43 3.40 -7.43 1.37
CA HIS B 43 3.68 -7.00 0.01
C HIS B 43 4.55 -7.99 -0.74
N GLY B 44 5.10 -8.99 -0.07
CA GLY B 44 5.91 -9.98 -0.75
C GLY B 44 7.31 -9.47 -1.02
N LEU B 45 7.88 -9.93 -2.13
CA LEU B 45 9.22 -9.51 -2.54
C LEU B 45 9.13 -8.21 -3.33
N GLU B 46 9.86 -7.20 -2.87
CA GLU B 46 9.87 -5.88 -3.49
C GLU B 46 11.30 -5.48 -3.85
N TRP B 47 11.46 -4.96 -5.07
CA TRP B 47 12.76 -4.49 -5.52
C TRP B 47 12.98 -3.06 -5.07
N ILE B 48 14.10 -2.83 -4.42
CA ILE B 48 14.43 -1.51 -3.94
C ILE B 48 15.25 -0.75 -4.97
N GLY B 49 16.34 -1.34 -5.42
CA GLY B 49 17.17 -0.69 -6.41
C GLY B 49 18.44 -1.47 -6.68
N ALA B 50 19.29 -0.87 -7.51
CA ALA B 50 20.54 -1.49 -7.91
C ALA B 50 21.63 -0.42 -8.01
N ILE B 51 22.87 -0.89 -8.13
CA ILE B 51 24.02 0.02 -8.18
C ILE B 51 25.14 -0.66 -8.96
N ASP B 52 25.79 0.11 -9.83
CA ASP B 52 27.02 -0.31 -10.49
C ASP B 52 28.20 0.08 -9.60
N PRO B 53 29.00 -0.89 -9.08
CA PRO B 53 30.03 -0.58 -8.08
C PRO B 53 31.16 0.31 -8.57
N GLU B 54 31.82 -0.03 -9.67
CA GLU B 54 32.63 0.97 -10.34
C GLU B 54 31.68 1.95 -11.02
N THR B 55 32.05 3.24 -10.99
CA THR B 55 31.21 4.40 -11.30
C THR B 55 29.89 4.34 -10.54
N GLY B 56 29.83 4.94 -9.35
CA GLY B 56 28.68 4.90 -8.46
C GLY B 56 27.37 5.39 -9.06
N GLY B 57 26.77 4.55 -9.89
CA GLY B 57 25.53 4.88 -10.57
C GLY B 57 24.42 3.98 -10.12
N THR B 58 23.29 4.57 -9.77
CA THR B 58 22.19 3.86 -9.15
C THR B 58 20.95 3.91 -10.02
N ALA B 59 20.03 2.99 -9.75
CA ALA B 59 18.70 3.02 -10.32
C ALA B 59 17.74 2.49 -9.27
N TYR B 60 16.67 3.22 -8.99
CA TYR B 60 15.74 2.90 -7.91
C TYR B 60 14.35 2.58 -8.45
N SER B 61 13.49 2.15 -7.55
CA SER B 61 12.06 2.16 -7.82
C SER B 61 11.48 3.46 -7.31
N GLN B 62 10.31 3.83 -7.83
CA GLN B 62 9.77 5.13 -7.50
C GLN B 62 9.16 5.15 -6.12
N LYS B 63 8.82 3.97 -5.58
CA LYS B 63 8.32 3.87 -4.22
C LYS B 63 9.42 4.14 -3.20
N PHE B 64 10.68 3.87 -3.55
CA PHE B 64 11.79 4.00 -2.61
C PHE B 64 12.70 5.18 -2.88
N LYS B 65 12.39 6.04 -3.85
CA LYS B 65 13.18 7.25 -4.08
C LYS B 65 12.94 8.25 -2.95
N GLY B 66 13.78 8.22 -1.93
CA GLY B 66 13.58 9.09 -0.78
C GLY B 66 13.79 8.33 0.52
N LYS B 67 13.48 7.04 0.52
CA LYS B 67 13.81 6.15 1.62
C LYS B 67 15.23 5.62 1.46
N ALA B 68 15.50 4.96 0.34
CA ALA B 68 16.74 4.20 0.16
C ALA B 68 17.82 5.04 -0.50
N THR B 69 19.05 4.83 -0.05
CA THR B 69 20.21 5.49 -0.63
C THR B 69 21.36 4.48 -0.62
N LYS B 70 22.01 4.33 -1.77
CA LYS B 70 22.98 3.27 -1.97
C LYS B 70 24.35 3.84 -2.28
N THR B 71 25.38 3.27 -1.64
CA THR B 71 26.76 3.59 -1.96
C THR B 71 27.49 2.28 -2.27
N ALA B 72 28.77 2.41 -2.63
CA ALA B 72 29.61 1.25 -2.93
C ALA B 72 31.05 1.66 -2.69
N ASP B 73 31.74 0.87 -1.88
CA ASP B 73 33.15 1.10 -1.54
C ASP B 73 33.92 -0.09 -2.12
N LYS B 74 34.64 0.15 -3.21
CA LYS B 74 35.33 -0.95 -3.89
C LYS B 74 36.64 -1.32 -3.21
N SER B 75 37.14 -0.48 -2.31
CA SER B 75 38.37 -0.78 -1.60
C SER B 75 38.15 -1.85 -0.53
N SER B 76 36.91 -2.01 -0.06
CA SER B 76 36.55 -3.04 0.91
C SER B 76 35.65 -4.12 0.32
N SER B 77 35.22 -3.94 -0.95
CA SER B 77 34.33 -4.84 -1.68
C SER B 77 33.02 -5.11 -0.94
N THR B 78 32.38 -4.01 -0.52
CA THR B 78 31.08 -4.10 0.14
C THR B 78 30.19 -2.95 -0.34
N ALA B 79 28.88 -3.16 -0.18
CA ALA B 79 27.87 -2.22 -0.66
C ALA B 79 26.97 -1.85 0.50
N TYR B 80 26.51 -0.60 0.51
CA TYR B 80 25.75 -0.05 1.61
C TYR B 80 24.39 0.43 1.12
N MET B 81 23.38 0.25 1.96
CA MET B 81 22.04 0.75 1.67
C MET B 81 21.49 1.42 2.92
N GLU B 82 21.02 2.65 2.75
CA GLU B 82 20.66 3.49 3.89
C GLU B 82 19.19 3.84 3.82
N LEU B 83 18.43 3.37 4.81
CA LEU B 83 17.03 3.74 4.97
C LEU B 83 16.90 4.90 5.95
N ARG B 84 15.91 5.75 5.71
CA ARG B 84 15.90 7.07 6.31
C ARG B 84 14.48 7.46 6.68
N SER B 85 14.31 7.86 7.94
CA SER B 85 13.03 8.10 8.62
C SER B 85 12.08 6.92 8.45
N LEU B 86 12.28 5.87 9.23
CA LEU B 86 11.52 4.64 9.06
C LEU B 86 10.21 4.70 9.83
N THR B 87 9.17 4.14 9.24
CA THR B 87 7.89 3.91 9.89
C THR B 87 7.75 2.40 10.14
N SER B 88 6.55 1.98 10.53
CA SER B 88 6.35 0.55 10.76
C SER B 88 6.24 -0.23 9.46
N GLU B 89 5.96 0.46 8.34
CA GLU B 89 5.94 -0.18 7.03
C GLU B 89 7.31 -0.68 6.60
N ASP B 90 8.38 -0.07 7.11
CA ASP B 90 9.73 -0.36 6.68
C ASP B 90 10.36 -1.53 7.42
N SER B 91 9.64 -2.17 8.33
CA SER B 91 10.18 -3.30 9.07
C SER B 91 10.00 -4.56 8.24
N ALA B 92 11.10 -5.10 7.73
CA ALA B 92 11.08 -6.28 6.87
C ALA B 92 12.47 -6.92 6.89
N VAL B 93 12.65 -7.94 6.05
CA VAL B 93 13.96 -8.53 5.80
C VAL B 93 14.47 -7.96 4.48
N TYR B 94 15.73 -7.54 4.47
CA TYR B 94 16.35 -6.92 3.30
C TYR B 94 17.47 -7.83 2.82
N TYR B 95 17.34 -8.33 1.60
CA TYR B 95 18.33 -9.20 1.00
C TYR B 95 19.19 -8.40 0.04
N CYS B 96 20.45 -8.81 -0.10
CA CYS B 96 21.31 -8.35 -1.18
C CYS B 96 21.58 -9.53 -2.09
N THR B 97 21.60 -9.27 -3.39
CA THR B 97 21.88 -10.33 -4.35
C THR B 97 22.62 -9.73 -5.53
N ILE B 98 23.24 -10.61 -6.32
CA ILE B 98 24.00 -10.17 -7.49
C ILE B 98 23.40 -10.79 -8.75
N PRO B 99 23.42 -10.07 -9.86
CA PRO B 99 23.19 -10.72 -11.15
C PRO B 99 24.47 -11.42 -11.60
N TYR B 100 24.66 -12.68 -11.20
CA TYR B 100 25.92 -13.36 -11.48
C TYR B 100 25.97 -13.78 -12.94
N TYR B 101 26.99 -13.24 -13.64
CA TYR B 101 27.28 -13.16 -15.08
C TYR B 101 26.35 -12.19 -15.80
N SER B 102 25.10 -12.08 -15.36
CA SER B 102 24.05 -11.38 -16.07
C SER B 102 22.81 -11.24 -15.20
N ASN B 103 21.90 -10.39 -15.65
CA ASN B 103 20.58 -10.27 -15.02
C ASN B 103 19.66 -11.44 -15.32
N LEU B 104 20.09 -12.38 -16.18
CA LEU B 104 19.35 -13.62 -16.39
C LEU B 104 19.43 -14.52 -15.16
N ARG B 105 20.59 -14.55 -14.51
CA ARG B 105 20.85 -15.48 -13.41
C ARG B 105 21.14 -14.69 -12.14
N PHE B 106 20.14 -14.60 -11.26
CA PHE B 106 20.35 -14.08 -9.90
C PHE B 106 20.58 -15.29 -9.00
N ALA B 107 21.80 -15.80 -9.06
CA ALA B 107 22.13 -17.08 -8.43
C ALA B 107 22.57 -16.94 -6.98
N TYR B 108 23.20 -15.82 -6.63
CA TYR B 108 23.83 -15.64 -5.33
C TYR B 108 23.10 -14.57 -4.55
N TRP B 109 22.45 -14.97 -3.47
CA TRP B 109 21.75 -14.05 -2.58
C TRP B 109 22.52 -13.94 -1.27
N GLY B 110 22.18 -12.91 -0.49
CA GLY B 110 22.82 -12.72 0.80
C GLY B 110 22.22 -13.60 1.87
N GLN B 111 21.98 -13.02 3.04
CA GLN B 111 21.36 -13.76 4.12
C GLN B 111 20.20 -13.02 4.75
N GLY B 112 20.04 -11.74 4.45
CA GLY B 112 18.97 -10.96 5.03
C GLY B 112 19.40 -10.22 6.27
N THR B 113 19.00 -8.96 6.38
CA THR B 113 19.12 -8.21 7.62
C THR B 113 17.70 -7.97 8.11
N LEU B 114 17.40 -8.50 9.28
CA LEU B 114 16.10 -8.24 9.88
C LEU B 114 16.10 -6.82 10.45
N VAL B 115 15.09 -6.05 10.09
CA VAL B 115 14.91 -4.70 10.61
C VAL B 115 13.56 -4.68 11.33
N THR B 116 13.59 -4.41 12.62
CA THR B 116 12.37 -4.29 13.42
C THR B 116 12.26 -2.84 13.87
N VAL B 117 11.12 -2.22 13.56
CA VAL B 117 10.92 -0.81 13.83
C VAL B 117 9.93 -0.70 14.97
N SER B 118 10.43 -0.49 16.18
CA SER B 118 9.62 -0.26 17.36
C SER B 118 10.09 1.02 18.04
N SER B 119 9.44 1.35 19.15
CA SER B 119 9.54 2.69 19.71
C SER B 119 9.71 2.70 21.23
N ALA B 120 9.97 1.56 21.85
CA ALA B 120 9.93 1.46 23.29
C ALA B 120 11.28 1.04 23.85
N LYS B 121 11.54 1.49 25.08
CA LYS B 121 12.67 1.01 25.84
C LYS B 121 12.29 -0.37 26.39
N THR B 122 13.31 -1.15 26.77
CA THR B 122 13.17 -2.52 27.26
C THR B 122 12.23 -2.61 28.47
N THR B 123 11.09 -3.26 28.27
CA THR B 123 9.98 -3.26 29.20
C THR B 123 9.68 -4.70 29.61
N PRO B 124 9.58 -4.99 30.91
CA PRO B 124 9.32 -6.37 31.34
C PRO B 124 7.88 -6.78 31.10
N PRO B 125 7.61 -8.06 30.87
CA PRO B 125 6.25 -8.47 30.51
C PRO B 125 5.31 -8.51 31.70
N SER B 126 4.03 -8.38 31.40
CA SER B 126 2.99 -8.67 32.36
C SER B 126 2.46 -10.07 32.05
N VAL B 127 2.44 -10.92 33.07
CA VAL B 127 2.07 -12.32 32.91
C VAL B 127 0.74 -12.55 33.63
N TYR B 128 -0.22 -13.11 32.90
CA TYR B 128 -1.55 -13.34 33.47
C TYR B 128 -1.95 -14.80 33.32
N PRO B 129 -2.47 -15.42 34.36
CA PRO B 129 -2.88 -16.83 34.24
C PRO B 129 -4.28 -16.98 33.66
N LEU B 130 -4.43 -17.87 32.68
CA LEU B 130 -5.70 -18.09 32.01
C LEU B 130 -6.28 -19.41 32.53
N ALA B 131 -7.33 -19.29 33.35
CA ALA B 131 -8.07 -20.40 33.91
C ALA B 131 -9.48 -20.40 33.35
N PRO B 132 -10.14 -21.58 33.24
CA PRO B 132 -11.49 -21.61 32.64
C PRO B 132 -12.58 -20.91 33.47
N GLY B 133 -13.81 -20.87 32.93
CA GLY B 133 -14.83 -19.99 33.47
C GLY B 133 -15.76 -20.58 34.52
N CYS B 134 -15.18 -21.38 35.42
CA CYS B 134 -15.85 -22.02 36.57
C CYS B 134 -17.03 -22.89 36.15
N GLY B 135 -16.97 -23.47 34.96
CA GLY B 135 -17.85 -24.53 34.56
C GLY B 135 -17.05 -25.83 34.53
N ASP B 136 -17.55 -26.83 35.26
CA ASP B 136 -16.86 -28.11 35.32
C ASP B 136 -16.96 -28.81 33.97
N THR B 137 -15.88 -29.50 33.61
CA THR B 137 -15.75 -30.00 32.26
C THR B 137 -16.66 -31.19 32.00
N THR B 138 -17.28 -31.19 30.82
CA THR B 138 -17.94 -32.37 30.27
C THR B 138 -16.95 -33.25 29.53
N GLY B 139 -15.95 -32.65 28.89
CA GLY B 139 -14.91 -33.39 28.19
C GLY B 139 -13.85 -33.97 29.10
N SER B 140 -13.02 -34.82 28.49
CA SER B 140 -12.00 -35.54 29.23
C SER B 140 -10.80 -34.66 29.56
N SER B 141 -10.35 -33.89 28.60
CA SER B 141 -9.16 -33.06 28.72
C SER B 141 -9.53 -31.72 29.35
N VAL B 142 -8.51 -31.06 29.89
CA VAL B 142 -8.66 -29.71 30.45
C VAL B 142 -7.56 -28.86 29.83
N THR B 143 -7.95 -27.79 29.14
CA THR B 143 -7.01 -26.92 28.45
C THR B 143 -6.97 -25.58 29.17
N LEU B 144 -5.76 -25.06 29.37
CA LEU B 144 -5.51 -23.91 30.22
C LEU B 144 -4.15 -23.34 29.85
N GLY B 145 -3.94 -22.06 30.13
CA GLY B 145 -2.79 -21.43 29.54
C GLY B 145 -2.33 -20.17 30.24
N CYS B 146 -1.34 -19.54 29.62
CA CYS B 146 -0.58 -18.44 30.21
C CYS B 146 -0.38 -17.36 29.17
N LEU B 147 -0.60 -16.11 29.55
CA LEU B 147 -0.61 -14.97 28.64
C LEU B 147 0.49 -14.00 29.01
N VAL B 148 1.31 -13.64 28.03
CA VAL B 148 2.45 -12.74 28.20
C VAL B 148 2.17 -11.52 27.31
N LYS B 149 1.94 -10.36 27.92
CA LYS B 149 1.46 -9.19 27.19
C LYS B 149 2.34 -7.98 27.47
N GLY B 150 2.78 -7.31 26.41
CA GLY B 150 3.43 -6.02 26.54
C GLY B 150 4.87 -6.10 27.00
N TYR B 151 5.75 -6.67 26.18
CA TYR B 151 7.16 -6.74 26.51
C TYR B 151 7.99 -6.29 25.31
N PHE B 152 9.24 -5.92 25.61
CA PHE B 152 10.22 -5.51 24.63
C PHE B 152 11.59 -5.64 25.27
N PRO B 153 12.62 -6.12 24.56
CA PRO B 153 12.59 -6.69 23.21
C PRO B 153 12.24 -8.17 23.20
N GLU B 154 12.57 -8.82 22.09
CA GLU B 154 12.19 -10.20 21.83
C GLU B 154 13.23 -11.11 22.51
N SER B 155 13.17 -12.42 22.26
CA SER B 155 13.72 -13.51 23.08
C SER B 155 13.16 -13.42 24.50
N VAL B 156 12.09 -14.19 24.72
CA VAL B 156 11.55 -14.53 26.03
C VAL B 156 11.39 -16.04 26.03
N THR B 157 11.38 -16.65 27.22
CA THR B 157 11.39 -18.11 27.33
C THR B 157 10.34 -18.56 28.33
N VAL B 158 9.36 -19.33 27.86
CA VAL B 158 8.29 -19.84 28.70
C VAL B 158 8.50 -21.34 28.89
N THR B 159 8.35 -21.80 30.14
CA THR B 159 8.36 -23.22 30.46
C THR B 159 7.20 -23.48 31.42
N TRP B 160 6.79 -24.74 31.51
CA TRP B 160 5.65 -25.13 32.33
C TRP B 160 6.12 -26.06 33.43
N ASN B 161 5.91 -25.63 34.69
CA ASN B 161 6.44 -26.26 35.90
C ASN B 161 7.95 -26.46 35.78
N SER B 162 8.63 -25.40 35.33
CA SER B 162 10.06 -25.32 35.09
C SER B 162 10.56 -26.36 34.09
N GLY B 163 9.68 -26.86 33.22
CA GLY B 163 10.02 -27.87 32.25
C GLY B 163 9.59 -29.27 32.59
N SER B 164 8.87 -29.46 33.70
CA SER B 164 8.53 -30.82 34.15
C SER B 164 7.41 -31.45 33.33
N LEU B 165 6.57 -30.65 32.68
CA LEU B 165 5.61 -31.16 31.71
C LEU B 165 5.84 -30.45 30.38
N SER B 166 5.78 -31.22 29.30
CA SER B 166 6.03 -30.70 27.98
C SER B 166 5.16 -31.41 26.96
N SER B 167 4.46 -32.45 27.39
CA SER B 167 3.58 -33.16 26.50
C SER B 167 2.33 -32.34 26.22
N SER B 168 2.10 -32.08 24.93
CA SER B 168 0.99 -31.29 24.39
C SER B 168 0.92 -29.89 25.01
N VAL B 169 1.91 -29.12 24.61
CA VAL B 169 1.98 -27.69 24.90
C VAL B 169 2.13 -26.98 23.56
N HIS B 170 1.44 -25.84 23.43
CA HIS B 170 1.49 -25.01 22.24
C HIS B 170 1.93 -23.63 22.69
N THR B 171 3.17 -23.25 22.33
CA THR B 171 3.69 -21.92 22.58
C THR B 171 3.68 -21.16 21.25
N PHE B 172 2.94 -20.14 21.18
CA PHE B 172 2.69 -19.37 19.98
C PHE B 172 3.70 -18.24 19.84
N PRO B 173 4.04 -17.84 18.60
CA PRO B 173 5.00 -16.75 18.42
C PRO B 173 4.39 -15.39 18.73
N ALA B 174 5.26 -14.42 18.95
CA ALA B 174 4.84 -13.11 19.42
C ALA B 174 4.46 -12.21 18.25
N LEU B 175 3.64 -11.21 18.56
CA LEU B 175 3.22 -10.22 17.59
C LEU B 175 3.52 -8.84 18.12
N LEU B 176 4.05 -7.99 17.24
CA LEU B 176 4.28 -6.60 17.57
C LEU B 176 2.95 -5.85 17.47
N GLN B 177 2.53 -5.23 18.57
CA GLN B 177 1.26 -4.53 18.63
C GLN B 177 1.47 -3.29 19.49
N SER B 178 1.32 -2.10 18.86
CA SER B 178 1.53 -0.79 19.49
C SER B 178 2.94 -0.66 20.06
N GLY B 179 3.94 -1.13 19.31
CA GLY B 179 5.31 -1.08 19.73
C GLY B 179 5.72 -2.13 20.74
N LEU B 180 4.82 -3.05 21.12
CA LEU B 180 5.07 -4.01 22.18
C LEU B 180 4.68 -5.42 21.75
N TYR B 181 5.44 -6.41 22.21
CA TYR B 181 5.20 -7.79 21.85
C TYR B 181 4.17 -8.43 22.78
N THR B 182 3.60 -9.56 22.33
CA THR B 182 2.62 -10.29 23.12
C THR B 182 2.64 -11.75 22.72
N MET B 183 2.83 -12.64 23.69
CA MET B 183 2.99 -14.07 23.46
C MET B 183 1.99 -14.83 24.32
N SER B 184 1.45 -15.93 23.79
CA SER B 184 0.53 -16.76 24.55
C SER B 184 0.98 -18.22 24.45
N SER B 185 0.57 -19.02 25.43
CA SER B 185 0.89 -20.44 25.44
C SER B 185 -0.23 -21.20 26.14
N SER B 186 -0.47 -22.42 25.66
CA SER B 186 -1.54 -23.27 26.20
C SER B 186 -1.00 -24.67 26.47
N VAL B 187 -1.44 -25.27 27.57
CA VAL B 187 -1.07 -26.64 27.93
C VAL B 187 -2.36 -27.44 28.13
N THR B 188 -2.34 -28.71 27.72
CA THR B 188 -3.53 -29.56 27.75
C THR B 188 -3.26 -30.80 28.60
N VAL B 189 -4.11 -31.01 29.62
CA VAL B 189 -3.99 -32.11 30.57
C VAL B 189 -5.37 -32.77 30.67
N PRO B 190 -5.45 -34.00 31.19
CA PRO B 190 -6.77 -34.58 31.46
C PRO B 190 -7.33 -33.98 32.74
N SER B 191 -8.60 -34.35 33.03
CA SER B 191 -9.31 -33.77 34.16
C SER B 191 -8.71 -34.21 35.49
N SER B 192 -8.04 -35.37 35.50
CA SER B 192 -7.43 -35.86 36.73
C SER B 192 -6.12 -35.17 37.07
N THR B 193 -5.53 -34.41 36.14
CA THR B 193 -4.30 -33.68 36.41
C THR B 193 -4.57 -32.34 37.08
N TRP B 194 -5.53 -31.59 36.55
CA TRP B 194 -5.84 -30.27 37.09
C TRP B 194 -7.25 -30.21 37.66
N PRO B 195 -7.45 -29.58 38.83
CA PRO B 195 -6.45 -28.92 39.69
C PRO B 195 -5.88 -29.80 40.79
N SER B 196 -5.77 -31.10 40.53
CA SER B 196 -5.21 -32.01 41.52
C SER B 196 -3.73 -31.72 41.77
N GLN B 197 -2.93 -31.67 40.70
CA GLN B 197 -1.54 -31.22 40.78
C GLN B 197 -1.48 -29.72 40.55
N THR B 198 -0.27 -29.18 40.54
CA THR B 198 -0.06 -27.73 40.41
C THR B 198 0.61 -27.45 39.06
N VAL B 199 -0.02 -26.59 38.27
CA VAL B 199 0.51 -26.21 36.97
C VAL B 199 0.79 -24.72 37.04
N THR B 200 2.06 -24.35 36.94
CA THR B 200 2.47 -22.95 36.94
C THR B 200 3.13 -22.61 35.60
N CYS B 201 3.17 -21.32 35.30
CA CYS B 201 3.76 -20.80 34.07
C CYS B 201 5.05 -20.11 34.44
N SER B 202 6.16 -20.57 33.87
CA SER B 202 7.49 -20.06 34.21
C SER B 202 8.00 -19.27 33.03
N VAL B 203 8.00 -17.93 33.15
CA VAL B 203 8.37 -17.05 32.06
C VAL B 203 9.63 -16.27 32.46
N ALA B 204 10.51 -16.05 31.47
CA ALA B 204 11.82 -15.47 31.73
C ALA B 204 12.17 -14.52 30.60
N HIS B 205 12.24 -13.22 30.91
CA HIS B 205 12.64 -12.20 29.95
C HIS B 205 14.05 -11.74 30.30
N PRO B 206 15.08 -12.14 29.55
CA PRO B 206 16.46 -11.89 30.01
C PRO B 206 16.96 -10.49 29.73
N ALA B 207 16.35 -9.76 28.80
CA ALA B 207 16.84 -8.42 28.46
C ALA B 207 16.52 -7.42 29.55
N SER B 208 15.48 -7.66 30.34
CA SER B 208 15.17 -6.86 31.51
C SER B 208 15.53 -7.56 32.81
N SER B 209 16.22 -8.71 32.72
CA SER B 209 16.60 -9.57 33.87
C SER B 209 15.38 -9.97 34.71
N THR B 210 14.30 -10.34 34.04
CA THR B 210 13.03 -10.62 34.70
C THR B 210 12.67 -12.08 34.56
N THR B 211 12.33 -12.72 35.69
CA THR B 211 11.73 -14.05 35.68
C THR B 211 10.57 -14.03 36.68
N VAL B 212 9.41 -14.50 36.22
CA VAL B 212 8.17 -14.47 36.98
C VAL B 212 7.51 -15.84 36.85
N ASP B 213 7.08 -16.42 37.96
CA ASP B 213 6.28 -17.63 37.98
C ASP B 213 4.85 -17.27 38.36
N LYS B 214 3.88 -17.77 37.60
CA LYS B 214 2.46 -17.52 37.86
C LYS B 214 1.74 -18.85 38.01
N LYS B 215 1.17 -19.09 39.18
CA LYS B 215 0.43 -20.32 39.44
C LYS B 215 -1.00 -20.18 38.95
N LEU B 216 -1.47 -21.21 38.26
CA LEU B 216 -2.78 -21.20 37.63
C LEU B 216 -3.76 -21.86 38.59
N GLU B 217 -4.54 -21.06 39.28
CA GLU B 217 -5.50 -21.56 40.24
C GLU B 217 -6.91 -21.42 39.70
N PRO B 218 -7.84 -22.32 40.09
CA PRO B 218 -9.23 -22.18 39.63
C PRO B 218 -9.98 -21.02 40.27
N SER B 219 -11.24 -20.85 39.92
CA SER B 219 -12.02 -19.71 40.40
C SER B 219 -13.50 -20.04 40.52
N GLY C 14 20.63 -0.44 -33.82
CA GLY C 14 20.28 -1.75 -33.34
C GLY C 14 21.02 -2.18 -32.08
N GLN C 15 21.22 -1.25 -31.14
CA GLN C 15 22.08 -1.53 -29.99
C GLN C 15 21.41 -2.44 -28.98
N GLU C 16 20.09 -2.29 -28.77
CA GLU C 16 19.38 -3.07 -27.76
C GLU C 16 19.23 -4.53 -28.13
N THR C 17 19.32 -4.84 -29.43
CA THR C 17 19.31 -6.24 -29.85
C THR C 17 20.61 -6.93 -29.45
N LEU C 18 21.74 -6.24 -29.59
CA LEU C 18 23.01 -6.82 -29.16
C LEU C 18 23.11 -6.85 -27.63
N ARG C 19 22.45 -5.90 -26.96
CA ARG C 19 22.49 -5.85 -25.50
C ARG C 19 21.76 -7.04 -24.89
N GLU C 20 20.61 -7.39 -25.45
CA GLU C 20 19.80 -8.49 -24.94
C GLU C 20 20.48 -9.85 -25.17
N HIS C 21 21.18 -10.00 -26.30
CA HIS C 21 21.89 -11.26 -26.56
C HIS C 21 23.18 -11.36 -25.75
N TYR C 22 23.86 -10.24 -25.51
CA TYR C 22 25.04 -10.25 -24.65
C TYR C 22 24.68 -10.29 -23.17
N GLN C 23 23.44 -9.97 -22.81
CA GLN C 23 22.94 -10.22 -21.48
C GLN C 23 22.43 -11.65 -21.34
N TYR C 24 22.01 -12.26 -22.45
CA TYR C 24 21.59 -13.65 -22.35
C TYR C 24 22.78 -14.57 -22.21
N VAL C 25 23.86 -14.26 -22.93
CA VAL C 25 25.05 -15.10 -22.97
C VAL C 25 25.85 -14.98 -21.68
N GLY C 26 25.97 -13.77 -21.15
CA GLY C 26 26.66 -13.53 -19.90
C GLY C 26 27.84 -12.60 -20.03
N LYS C 27 28.07 -12.01 -21.21
CA LYS C 27 29.21 -11.12 -21.38
C LYS C 27 28.89 -9.69 -20.99
N LEU C 28 27.60 -9.35 -20.91
CA LEU C 28 27.15 -8.06 -20.38
C LEU C 28 26.30 -8.35 -19.15
N ALA C 29 26.73 -7.84 -17.99
CA ALA C 29 26.12 -8.16 -16.70
C ALA C 29 25.15 -7.07 -16.28
N GLY C 30 23.93 -7.13 -16.81
CA GLY C 30 22.87 -6.31 -16.29
C GLY C 30 22.52 -5.15 -17.21
N ARG C 31 21.33 -4.60 -16.98
CA ARG C 31 20.74 -3.57 -17.82
C ARG C 31 21.13 -2.15 -17.42
N LEU C 32 22.10 -2.00 -16.52
CA LEU C 32 22.55 -0.70 -16.05
C LEU C 32 24.05 -0.54 -16.18
N LYS C 33 24.81 -1.62 -16.19
CA LYS C 33 26.25 -1.56 -16.22
C LYS C 33 26.74 -1.29 -17.64
N GLU C 34 27.64 -0.33 -17.78
CA GLU C 34 28.28 -0.04 -19.05
C GLU C 34 29.39 -1.06 -19.30
N ALA C 35 29.56 -1.47 -20.55
CA ALA C 35 30.52 -2.53 -20.86
C ALA C 35 31.94 -2.00 -20.77
N SER C 36 32.88 -2.91 -20.47
CA SER C 36 34.28 -2.54 -20.31
C SER C 36 35.19 -3.74 -20.53
N GLU C 37 34.90 -4.54 -21.56
CA GLU C 37 35.73 -5.68 -21.95
C GLU C 37 37.06 -5.18 -22.49
N GLY C 38 38.11 -5.22 -21.67
CA GLY C 38 39.41 -4.77 -22.12
C GLY C 38 40.53 -5.43 -21.35
N SER C 39 41.70 -5.41 -21.97
CA SER C 39 42.96 -5.88 -21.40
C SER C 39 44.09 -4.92 -21.67
N THR C 40 44.18 -4.38 -22.91
CA THR C 40 45.26 -3.52 -23.42
C THR C 40 46.65 -4.19 -23.32
N LEU C 41 46.65 -5.52 -23.17
CA LEU C 41 47.84 -6.34 -23.31
C LEU C 41 47.63 -7.35 -24.42
N THR C 42 46.53 -8.11 -24.32
CA THR C 42 46.25 -9.13 -25.31
C THR C 42 45.73 -8.52 -26.60
N THR C 43 45.08 -7.36 -26.50
CA THR C 43 44.58 -6.59 -27.62
C THR C 43 45.65 -5.68 -28.25
N VAL C 44 46.94 -5.92 -27.98
CA VAL C 44 48.02 -5.27 -28.71
C VAL C 44 48.94 -6.41 -29.11
N LEU C 45 48.86 -7.51 -28.34
CA LEU C 45 49.59 -8.74 -28.67
C LEU C 45 49.05 -9.35 -29.96
N PHE C 46 47.73 -9.47 -30.06
CA PHE C 46 47.11 -10.10 -31.23
C PHE C 46 47.25 -9.22 -32.46
N LEU C 47 47.44 -7.91 -32.27
CA LEU C 47 47.70 -7.02 -33.39
C LEU C 47 49.09 -7.29 -33.99
N VAL C 48 50.06 -7.60 -33.13
CA VAL C 48 51.40 -7.94 -33.61
C VAL C 48 51.39 -9.35 -34.20
N ILE C 49 50.47 -10.20 -33.73
CA ILE C 49 50.17 -11.44 -34.43
C ILE C 49 49.57 -11.16 -35.81
N CYS C 50 48.61 -10.22 -35.89
CA CYS C 50 48.09 -9.85 -37.21
C CYS C 50 49.13 -9.12 -38.03
N SER C 51 50.00 -8.34 -37.38
CA SER C 51 51.05 -7.63 -38.11
C SER C 51 52.13 -8.58 -38.63
N PHE C 52 52.23 -9.80 -38.07
CA PHE C 52 53.15 -10.77 -38.65
C PHE C 52 52.49 -11.58 -39.76
N ILE C 53 51.21 -11.90 -39.62
CA ILE C 53 50.52 -12.69 -40.65
C ILE C 53 50.36 -11.88 -41.93
N VAL C 54 50.10 -10.57 -41.81
CA VAL C 54 50.00 -9.74 -43.00
C VAL C 54 51.38 -9.50 -43.60
N LEU C 55 52.42 -9.48 -42.76
CA LEU C 55 53.76 -9.26 -43.28
C LEU C 55 54.34 -10.54 -43.90
N GLU C 56 54.08 -11.69 -43.29
CA GLU C 56 54.57 -12.96 -43.85
C GLU C 56 53.91 -13.25 -45.20
N ASN C 57 52.59 -13.13 -45.24
CA ASN C 57 51.85 -13.52 -46.44
C ASN C 57 51.91 -12.48 -47.54
N LEU C 58 52.27 -11.23 -47.23
CA LEU C 58 52.48 -10.30 -48.32
C LEU C 58 53.79 -10.61 -49.03
N MET C 59 54.79 -11.10 -48.29
CA MET C 59 56.08 -11.42 -48.90
C MET C 59 56.00 -12.64 -49.80
N VAL C 60 55.05 -13.55 -49.54
CA VAL C 60 54.90 -14.73 -50.38
C VAL C 60 54.36 -14.35 -51.74
N LEU C 61 53.46 -13.36 -51.79
CA LEU C 61 52.80 -13.02 -53.04
C LEU C 61 53.70 -12.21 -53.97
N ILE C 62 54.53 -11.31 -53.42
CA ILE C 62 55.47 -10.56 -54.25
C ILE C 62 56.61 -11.46 -54.72
N ALA C 63 57.00 -12.46 -53.92
CA ALA C 63 58.11 -13.33 -54.30
C ALA C 63 57.78 -14.29 -55.43
N ILE C 64 56.51 -14.55 -55.71
CA ILE C 64 56.13 -15.43 -56.81
C ILE C 64 55.82 -14.58 -58.04
N TRP C 65 56.34 -14.99 -59.19
CA TRP C 65 56.15 -14.36 -60.49
C TRP C 65 56.38 -15.39 -61.60
N LYS C 66 57.26 -16.34 -61.32
CA LYS C 66 57.68 -17.34 -62.30
C LYS C 66 57.15 -18.72 -61.94
N ARG C 73 49.39 -24.75 -62.83
CA ARG C 73 50.30 -25.76 -62.29
C ARG C 73 51.01 -25.27 -61.03
N MET C 74 52.17 -24.65 -61.20
CA MET C 74 53.04 -24.32 -60.08
C MET C 74 52.55 -23.08 -59.34
N TYR C 75 52.68 -23.13 -58.00
CA TYR C 75 52.60 -21.98 -57.07
C TYR C 75 51.24 -21.30 -56.92
N PHE C 76 50.26 -21.65 -57.75
CA PHE C 76 48.95 -21.03 -57.64
C PHE C 76 48.19 -21.51 -56.40
N PHE C 77 48.39 -22.77 -56.02
CA PHE C 77 47.77 -23.30 -54.81
C PHE C 77 48.42 -22.70 -53.56
N ILE C 78 49.75 -22.49 -53.61
CA ILE C 78 50.43 -21.80 -52.53
C ILE C 78 50.04 -20.32 -52.53
N GLY C 79 49.86 -19.73 -53.72
CA GLY C 79 49.44 -18.35 -53.81
C GLY C 79 47.99 -18.14 -53.41
N ASN C 80 47.12 -19.14 -53.64
CA ASN C 80 45.74 -19.03 -53.17
C ASN C 80 45.65 -19.15 -51.66
N LEU C 81 46.46 -20.05 -51.08
CA LEU C 81 46.45 -20.22 -49.62
C LEU C 81 47.00 -19.01 -48.91
N ALA C 82 48.09 -18.44 -49.44
CA ALA C 82 48.67 -17.24 -48.85
C ALA C 82 47.77 -16.03 -49.05
N LEU C 83 46.88 -16.08 -50.04
CA LEU C 83 45.84 -15.06 -50.18
C LEU C 83 44.77 -15.22 -49.10
N CYS C 84 44.39 -16.48 -48.79
CA CYS C 84 43.41 -16.74 -47.74
C CYS C 84 43.94 -16.32 -46.39
N ASP C 85 45.21 -16.60 -46.11
CA ASP C 85 45.81 -16.24 -44.84
C ASP C 85 46.10 -14.75 -44.77
N LEU C 86 46.21 -14.08 -45.92
CA LEU C 86 46.36 -12.64 -45.95
C LEU C 86 45.08 -11.97 -45.49
N LEU C 87 43.94 -12.39 -46.05
CA LEU C 87 42.67 -11.78 -45.72
C LEU C 87 42.22 -12.16 -44.31
N ALA C 88 42.66 -13.32 -43.82
CA ALA C 88 42.43 -13.71 -42.43
C ALA C 88 43.19 -12.79 -41.48
N GLY C 89 44.40 -12.38 -41.87
CA GLY C 89 45.16 -11.45 -41.06
C GLY C 89 44.60 -10.04 -41.15
N ILE C 90 44.00 -9.69 -42.29
CA ILE C 90 43.40 -8.37 -42.43
C ILE C 90 42.09 -8.31 -41.65
N ALA C 91 41.34 -9.42 -41.63
CA ALA C 91 40.01 -9.38 -41.04
C ALA C 91 40.04 -9.49 -39.53
N TYR C 92 41.01 -10.22 -38.98
CA TYR C 92 41.13 -10.29 -37.52
C TYR C 92 41.69 -9.00 -36.96
N LYS C 93 42.58 -8.33 -37.71
CA LYS C 93 43.03 -6.99 -37.37
C LYS C 93 41.87 -6.00 -37.42
N VAL C 94 40.96 -6.20 -38.38
CA VAL C 94 39.73 -5.41 -38.42
C VAL C 94 38.82 -5.81 -37.26
N ASN C 95 38.80 -7.10 -36.91
CA ASN C 95 37.85 -7.61 -35.92
C ASN C 95 38.17 -7.15 -34.50
N ILE C 96 39.46 -6.99 -34.16
CA ILE C 96 39.82 -6.52 -32.82
C ILE C 96 39.43 -5.07 -32.63
N LEU C 97 39.63 -4.24 -33.67
CA LEU C 97 39.36 -2.81 -33.56
C LEU C 97 37.87 -2.51 -33.54
N MET C 98 37.01 -3.49 -33.84
CA MET C 98 35.56 -3.36 -33.80
C MET C 98 34.92 -4.33 -32.81
N SER C 99 35.64 -4.69 -31.74
CA SER C 99 35.10 -5.59 -30.74
C SER C 99 35.41 -5.05 -29.35
N GLY C 100 34.83 -5.69 -28.35
CA GLY C 100 35.05 -5.31 -26.96
C GLY C 100 34.07 -4.23 -26.50
N LYS C 101 34.58 -3.03 -26.23
CA LYS C 101 33.72 -1.92 -25.87
C LYS C 101 33.07 -1.30 -27.09
N LYS C 102 33.71 -1.44 -28.26
CA LYS C 102 33.22 -0.91 -29.53
C LYS C 102 32.09 -1.73 -30.12
N THR C 103 31.85 -2.96 -29.64
CA THR C 103 30.91 -3.84 -30.32
C THR C 103 29.45 -3.47 -30.06
N PHE C 104 29.18 -2.48 -29.22
CA PHE C 104 27.82 -2.02 -28.99
C PHE C 104 27.51 -0.73 -29.73
N SER C 105 28.44 -0.22 -30.53
CA SER C 105 28.16 0.84 -31.48
C SER C 105 27.77 0.28 -32.83
N LEU C 106 27.64 -1.03 -32.95
CA LEU C 106 27.45 -1.69 -34.23
C LEU C 106 26.01 -2.18 -34.38
N SER C 107 25.49 -2.05 -35.59
CA SER C 107 24.24 -2.70 -35.93
C SER C 107 24.44 -4.22 -35.97
N PRO C 108 23.39 -5.01 -35.69
CA PRO C 108 23.51 -6.46 -35.90
C PRO C 108 23.76 -6.86 -37.35
N THR C 109 23.31 -6.05 -38.32
CA THR C 109 23.69 -6.27 -39.71
C THR C 109 25.17 -5.98 -39.93
N VAL C 110 25.73 -5.00 -39.21
CA VAL C 110 27.18 -4.79 -39.27
C VAL C 110 27.90 -5.88 -38.48
N TRP C 111 27.26 -6.38 -37.41
CA TRP C 111 27.84 -7.43 -36.57
C TRP C 111 27.98 -8.74 -37.32
N PHE C 112 27.04 -9.03 -38.23
CA PHE C 112 27.15 -10.25 -39.03
C PHE C 112 28.26 -10.12 -40.06
N LEU C 113 28.59 -8.89 -40.48
CA LEU C 113 29.68 -8.67 -41.43
C LEU C 113 31.03 -8.84 -40.74
N ARG C 114 31.13 -8.42 -39.48
CA ARG C 114 32.40 -8.49 -38.77
C ARG C 114 32.77 -9.92 -38.44
N GLU C 115 31.78 -10.73 -38.09
CA GLU C 115 32.03 -12.10 -37.70
C GLU C 115 31.98 -13.04 -38.89
N GLY C 116 31.14 -12.75 -39.87
CA GLY C 116 31.12 -13.59 -41.05
C GLY C 116 32.31 -13.37 -41.97
N SER C 117 33.04 -12.27 -41.78
CA SER C 117 34.30 -12.06 -42.52
C SER C 117 35.39 -13.01 -42.07
N MET C 118 35.25 -13.58 -40.87
CA MET C 118 36.23 -14.52 -40.36
C MET C 118 35.86 -15.95 -40.69
N PHE C 119 34.62 -16.19 -41.10
CA PHE C 119 34.18 -17.50 -41.53
C PHE C 119 34.40 -17.70 -43.02
N VAL C 120 34.51 -16.62 -43.79
CA VAL C 120 34.80 -16.76 -45.22
C VAL C 120 36.31 -16.83 -45.45
N ALA C 121 37.12 -16.17 -44.63
CA ALA C 121 38.56 -16.19 -44.84
C ALA C 121 39.17 -17.48 -44.30
N LEU C 122 38.82 -17.81 -43.06
CA LEU C 122 39.27 -19.05 -42.44
C LEU C 122 38.55 -20.26 -43.04
N GLY C 123 37.35 -20.05 -43.60
CA GLY C 123 36.69 -21.11 -44.34
C GLY C 123 37.40 -21.41 -45.66
N ALA C 124 37.85 -20.35 -46.36
CA ALA C 124 38.60 -20.58 -47.59
C ALA C 124 40.02 -21.05 -47.32
N SER C 125 40.57 -20.69 -46.14
CA SER C 125 41.90 -21.15 -45.78
C SER C 125 41.90 -22.65 -45.49
N THR C 126 40.88 -23.14 -44.78
CA THR C 126 40.80 -24.57 -44.53
C THR C 126 40.37 -25.34 -45.77
N CYS C 127 39.57 -24.73 -46.66
CA CYS C 127 39.19 -25.44 -47.89
C CYS C 127 40.35 -25.54 -48.86
N SER C 128 41.27 -24.56 -48.83
CA SER C 128 42.42 -24.59 -49.73
C SER C 128 43.42 -25.64 -49.29
N LEU C 129 43.53 -25.89 -47.98
CA LEU C 129 44.37 -26.97 -47.47
C LEU C 129 43.85 -28.33 -47.88
N LEU C 130 42.54 -28.47 -48.09
CA LEU C 130 42.02 -29.67 -48.71
C LEU C 130 42.36 -29.73 -50.20
N ALA C 131 42.39 -28.57 -50.87
CA ALA C 131 42.69 -28.54 -52.31
C ALA C 131 44.15 -28.86 -52.58
N ILE C 132 45.05 -28.49 -51.66
CA ILE C 132 46.43 -28.93 -51.73
C ILE C 132 46.52 -30.44 -51.46
N ALA C 133 45.61 -30.98 -50.62
CA ALA C 133 45.63 -32.41 -50.31
C ALA C 133 45.21 -33.26 -51.50
N ILE C 134 44.29 -32.76 -52.34
CA ILE C 134 43.83 -33.51 -53.50
C ILE C 134 44.85 -33.38 -54.64
N GLU C 135 45.62 -32.29 -54.65
CA GLU C 135 46.59 -32.04 -55.72
C GLU C 135 47.78 -32.97 -55.61
N ARG C 136 48.36 -33.10 -54.41
CA ARG C 136 49.47 -34.02 -54.22
C ARG C 136 49.03 -35.48 -54.29
N HIS C 137 47.73 -35.76 -54.13
CA HIS C 137 47.23 -37.12 -54.30
C HIS C 137 46.97 -37.45 -55.76
N LEU C 138 46.50 -36.47 -56.55
CA LEU C 138 46.07 -36.72 -57.93
C LEU C 138 47.23 -37.14 -58.82
N THR C 139 48.28 -36.32 -58.86
CA THR C 139 49.48 -36.65 -59.65
C THR C 139 50.34 -37.61 -58.84
N MET C 140 50.00 -38.89 -58.89
CA MET C 140 50.75 -39.89 -58.15
C MET C 140 50.83 -41.24 -58.86
N ILE C 141 49.87 -42.11 -58.59
CA ILE C 141 49.88 -43.45 -59.15
C ILE C 141 48.92 -43.64 -60.34
N LYS C 142 47.81 -42.90 -60.45
CA LYS C 142 46.80 -43.20 -61.46
C LYS C 142 46.37 -41.92 -62.17
N MET C 143 46.49 -41.92 -63.50
CA MET C 143 46.06 -40.80 -64.33
C MET C 143 44.71 -41.15 -64.93
N ARG C 144 43.66 -40.70 -64.28
CA ARG C 144 42.30 -40.93 -64.75
C ARG C 144 41.96 -39.96 -65.89
N PRO C 145 41.40 -40.45 -66.99
CA PRO C 145 40.94 -39.55 -68.05
C PRO C 145 39.56 -38.95 -67.79
N TYR C 146 39.09 -39.04 -66.54
CA TYR C 146 37.82 -38.46 -66.13
C TYR C 146 37.93 -36.94 -66.05
N ASP C 147 39.12 -36.43 -65.71
CA ASP C 147 39.37 -35.01 -65.50
C ASP C 147 40.45 -34.50 -66.42
N ALA C 148 40.15 -33.41 -67.15
CA ALA C 148 41.20 -32.70 -67.86
C ALA C 148 42.03 -31.94 -66.83
N ASN C 149 43.15 -32.54 -66.42
CA ASN C 149 43.90 -32.04 -65.26
C ASN C 149 44.84 -30.87 -65.58
N LYS C 150 44.75 -30.24 -66.74
CA LYS C 150 45.68 -29.17 -67.09
C LYS C 150 45.40 -27.91 -66.29
N ARG C 151 44.28 -27.24 -66.58
CA ARG C 151 43.84 -26.08 -65.83
C ARG C 151 42.38 -26.15 -65.42
N HIS C 152 41.61 -27.14 -65.89
CA HIS C 152 40.24 -27.31 -65.47
C HIS C 152 40.14 -27.78 -64.02
N ARG C 153 41.15 -28.49 -63.54
CA ARG C 153 41.14 -28.92 -62.15
C ARG C 153 41.57 -27.82 -61.20
N VAL C 154 42.57 -27.02 -61.58
CA VAL C 154 43.07 -25.97 -60.69
C VAL C 154 42.09 -24.80 -60.61
N PHE C 155 41.21 -24.62 -61.59
CA PHE C 155 40.23 -23.56 -61.50
C PHE C 155 38.98 -24.00 -60.74
N LEU C 156 38.55 -25.25 -60.92
CA LEU C 156 37.35 -25.74 -60.24
C LEU C 156 37.59 -26.00 -58.76
N LEU C 157 38.83 -26.30 -58.35
CA LEU C 157 39.11 -26.43 -56.92
C LEU C 157 39.05 -25.09 -56.21
N ILE C 158 39.76 -24.09 -56.74
CA ILE C 158 39.85 -22.79 -56.11
C ILE C 158 38.52 -22.04 -56.21
N GLY C 159 37.75 -22.29 -57.27
CA GLY C 159 36.40 -21.76 -57.34
C GLY C 159 35.49 -22.36 -56.30
N MET C 160 35.60 -23.67 -56.10
CA MET C 160 34.80 -24.32 -55.05
C MET C 160 35.33 -24.03 -53.65
N CYS C 161 36.62 -23.69 -53.51
CA CYS C 161 37.13 -23.34 -52.19
C CYS C 161 36.57 -22.01 -51.71
N TRP C 162 36.34 -21.08 -52.62
CA TRP C 162 35.79 -19.79 -52.24
C TRP C 162 34.28 -19.76 -52.31
N LEU C 163 33.67 -20.66 -53.10
CA LEU C 163 32.21 -20.67 -53.14
C LEU C 163 31.64 -21.28 -51.87
N ILE C 164 32.23 -22.38 -51.39
CA ILE C 164 31.81 -23.00 -50.13
C ILE C 164 32.08 -22.08 -48.95
N ALA C 165 33.18 -21.32 -49.00
CA ALA C 165 33.53 -20.42 -47.89
C ALA C 165 32.55 -19.25 -47.77
N PHE C 166 32.16 -18.65 -48.90
CA PHE C 166 31.19 -17.57 -48.86
C PHE C 166 29.80 -18.08 -48.54
N THR C 167 29.47 -19.29 -48.99
CA THR C 167 28.14 -19.83 -48.76
C THR C 167 27.96 -20.23 -47.30
N LEU C 168 28.97 -20.92 -46.75
CA LEU C 168 28.90 -21.29 -45.35
C LEU C 168 29.09 -20.07 -44.45
N GLY C 169 29.96 -19.15 -44.84
CA GLY C 169 30.33 -18.04 -43.99
C GLY C 169 29.27 -16.95 -43.87
N ALA C 170 28.55 -16.69 -44.95
CA ALA C 170 27.49 -15.69 -44.96
C ALA C 170 26.12 -16.32 -44.81
N LEU C 171 26.06 -17.58 -44.41
CA LEU C 171 24.80 -18.27 -44.16
C LEU C 171 24.01 -17.77 -42.93
N PRO C 172 24.61 -17.25 -41.85
CA PRO C 172 23.75 -16.63 -40.81
C PRO C 172 23.04 -15.35 -41.21
N ILE C 173 23.70 -14.44 -41.94
CA ILE C 173 23.11 -13.11 -42.22
C ILE C 173 21.91 -13.22 -43.18
N LEU C 174 21.85 -14.27 -43.99
CA LEU C 174 20.71 -14.52 -44.86
C LEU C 174 19.50 -15.08 -44.13
N GLY C 175 19.67 -15.53 -42.88
CA GLY C 175 18.53 -15.93 -42.09
C GLY C 175 18.84 -16.78 -40.87
N TRP C 176 19.81 -17.68 -40.98
CA TRP C 176 20.07 -18.73 -39.99
C TRP C 176 20.84 -18.17 -38.79
N ASN C 177 20.11 -17.49 -37.92
CA ASN C 177 20.66 -16.91 -36.71
C ASN C 177 19.70 -17.21 -35.57
N CYS C 178 20.02 -16.72 -34.38
CA CYS C 178 19.15 -16.85 -33.21
C CYS C 178 18.41 -15.55 -32.88
N LEU C 179 18.14 -14.74 -33.90
CA LEU C 179 17.29 -13.57 -33.73
C LEU C 179 15.87 -14.03 -33.45
N HIS C 180 15.28 -13.46 -32.40
CA HIS C 180 13.96 -13.80 -31.84
C HIS C 180 13.86 -15.27 -31.41
N ASN C 181 15.00 -15.94 -31.15
CA ASN C 181 14.98 -17.32 -30.64
C ASN C 181 16.23 -17.45 -29.77
N LEU C 182 16.11 -16.92 -28.55
CA LEU C 182 17.24 -16.88 -27.63
C LEU C 182 17.79 -18.24 -27.18
N PRO C 183 17.00 -19.37 -26.97
CA PRO C 183 17.65 -20.64 -26.61
C PRO C 183 18.59 -21.27 -27.65
N ASP C 184 18.65 -20.72 -28.85
CA ASP C 184 19.51 -21.19 -29.90
C ASP C 184 20.77 -20.34 -30.03
N CYS C 185 20.96 -19.38 -29.13
CA CYS C 185 22.11 -18.50 -29.20
C CYS C 185 23.36 -19.15 -28.63
N SER C 186 24.43 -19.14 -29.42
CA SER C 186 25.72 -19.63 -28.97
C SER C 186 26.30 -18.68 -27.94
N THR C 187 27.22 -19.21 -27.13
CA THR C 187 27.84 -18.41 -26.09
C THR C 187 29.08 -17.70 -26.63
N ILE C 188 29.78 -18.28 -27.61
CA ILE C 188 30.91 -17.61 -28.23
C ILE C 188 30.42 -16.55 -29.21
N LEU C 189 29.48 -16.93 -30.09
CA LEU C 189 28.88 -15.98 -31.03
C LEU C 189 27.44 -15.73 -30.61
N PRO C 190 27.14 -14.60 -29.97
CA PRO C 190 25.83 -14.43 -29.30
C PRO C 190 24.63 -14.27 -30.24
N LEU C 191 24.84 -14.10 -31.54
CA LEU C 191 23.75 -14.04 -32.50
C LEU C 191 23.68 -15.25 -33.42
N TYR C 192 24.69 -16.10 -33.41
CA TYR C 192 24.72 -17.27 -34.29
C TYR C 192 23.83 -18.37 -33.75
N SER C 193 23.57 -19.36 -34.60
CA SER C 193 22.72 -20.48 -34.27
C SER C 193 23.58 -21.65 -33.84
N LYS C 194 23.17 -22.34 -32.78
CA LYS C 194 23.90 -23.53 -32.35
C LYS C 194 23.71 -24.67 -33.35
N LYS C 195 22.59 -24.66 -34.07
CA LYS C 195 22.41 -25.62 -35.15
C LYS C 195 23.30 -25.27 -36.34
N TYR C 196 23.66 -23.99 -36.50
CA TYR C 196 24.61 -23.61 -37.55
C TYR C 196 26.02 -24.02 -37.18
N ILE C 197 26.37 -23.90 -35.89
CA ILE C 197 27.68 -24.35 -35.40
C ILE C 197 27.82 -25.86 -35.57
N ALA C 198 26.75 -26.61 -35.28
CA ALA C 198 26.77 -28.06 -35.45
C ALA C 198 26.83 -28.45 -36.93
N PHE C 199 26.34 -27.59 -37.82
CA PHE C 199 26.61 -27.75 -39.24
C PHE C 199 28.08 -27.49 -39.55
N CYS C 200 28.69 -26.51 -38.88
CA CYS C 200 30.09 -26.20 -39.13
C CYS C 200 31.04 -27.19 -38.47
N ILE C 201 30.63 -27.78 -37.34
CA ILE C 201 31.43 -28.84 -36.71
C ILE C 201 31.43 -30.09 -37.59
N SER C 202 30.25 -30.47 -38.10
CA SER C 202 30.13 -31.74 -38.80
C SER C 202 30.80 -31.70 -40.17
N ILE C 203 30.97 -30.51 -40.77
CA ILE C 203 31.66 -30.45 -42.05
C ILE C 203 33.13 -30.09 -41.89
N PHE C 204 33.56 -29.57 -40.73
CA PHE C 204 34.97 -29.33 -40.49
C PHE C 204 35.68 -30.64 -40.23
N THR C 205 35.06 -31.50 -39.42
CA THR C 205 35.59 -32.83 -39.19
C THR C 205 35.58 -33.65 -40.47
N ALA C 206 34.58 -33.41 -41.33
CA ALA C 206 34.56 -34.04 -42.65
C ALA C 206 35.69 -33.54 -43.54
N ILE C 207 36.14 -32.29 -43.35
CA ILE C 207 37.34 -31.83 -44.03
C ILE C 207 38.58 -32.46 -43.37
N LEU C 208 38.55 -32.58 -42.04
CA LEU C 208 39.74 -33.05 -41.31
C LEU C 208 39.98 -34.54 -41.50
N VAL C 209 38.93 -35.36 -41.50
CA VAL C 209 39.15 -36.78 -41.73
C VAL C 209 39.43 -37.05 -43.20
N THR C 210 39.08 -36.12 -44.10
CA THR C 210 39.43 -36.28 -45.51
C THR C 210 40.92 -36.03 -45.74
N ILE C 211 41.49 -35.00 -45.08
CA ILE C 211 42.91 -34.67 -45.25
C ILE C 211 43.79 -35.77 -44.66
N VAL C 212 43.44 -36.31 -43.50
CA VAL C 212 44.33 -37.26 -42.85
C VAL C 212 44.27 -38.65 -43.49
N ILE C 213 43.20 -38.97 -44.22
CA ILE C 213 43.19 -40.22 -44.97
C ILE C 213 43.85 -40.05 -46.34
N LEU C 214 43.82 -38.84 -46.93
CA LEU C 214 44.53 -38.64 -48.18
C LEU C 214 46.02 -38.51 -47.95
N TYR C 215 46.42 -37.86 -46.85
CA TYR C 215 47.85 -37.69 -46.57
C TYR C 215 48.48 -39.00 -46.11
N ALA C 216 47.69 -39.92 -45.57
CA ALA C 216 48.18 -41.25 -45.27
C ALA C 216 48.17 -42.12 -46.52
N ARG C 217 47.24 -41.85 -47.45
CA ARG C 217 47.23 -42.54 -48.73
C ARG C 217 48.42 -42.13 -49.59
N ILE C 218 48.81 -40.85 -49.54
CA ILE C 218 49.98 -40.39 -50.29
C ILE C 218 51.25 -40.98 -49.69
N TYR C 219 51.29 -41.15 -48.37
CA TYR C 219 52.38 -41.89 -47.75
C TYR C 219 52.33 -43.38 -48.03
N PHE C 220 51.12 -43.95 -48.18
CA PHE C 220 51.00 -45.37 -48.50
C PHE C 220 51.25 -45.66 -49.97
N LEU C 221 51.26 -44.64 -50.83
CA LEU C 221 51.43 -44.86 -52.26
C LEU C 221 52.77 -44.35 -52.79
N VAL C 222 53.66 -43.88 -51.91
CA VAL C 222 55.04 -43.63 -52.31
C VAL C 222 55.93 -44.82 -51.98
N LYS C 223 55.46 -45.74 -51.15
CA LYS C 223 56.07 -47.06 -51.05
C LYS C 223 55.82 -47.82 -52.34
N SER C 224 56.71 -47.66 -53.32
CA SER C 224 56.59 -48.38 -54.59
C SER C 224 57.86 -49.18 -54.87
N SER C 225 58.20 -49.33 -56.15
CA SER C 225 59.39 -50.09 -56.52
C SER C 225 60.64 -49.23 -56.36
N GLU C 236 70.66 -41.38 -53.53
CA GLU C 236 71.32 -42.30 -52.61
C GLU C 236 70.42 -43.50 -52.33
N ARG C 237 69.48 -43.32 -51.40
CA ARG C 237 68.59 -44.40 -50.99
C ARG C 237 67.14 -43.93 -51.04
N SER C 238 66.25 -44.73 -50.44
CA SER C 238 64.87 -44.30 -50.19
C SER C 238 64.82 -43.83 -48.74
N MET C 239 65.20 -42.56 -48.53
CA MET C 239 65.17 -42.01 -47.18
C MET C 239 63.75 -41.67 -46.78
N ALA C 240 62.95 -41.23 -47.76
CA ALA C 240 61.56 -40.79 -47.62
C ALA C 240 61.37 -39.79 -46.49
N LEU C 241 61.56 -38.51 -46.80
CA LEU C 241 61.20 -37.41 -45.91
C LEU C 241 59.68 -37.21 -45.82
N LEU C 242 58.89 -37.97 -46.58
CA LEU C 242 57.46 -37.70 -46.66
C LEU C 242 56.71 -38.16 -45.41
N ARG C 243 57.25 -39.14 -44.68
CA ARG C 243 56.69 -39.46 -43.36
C ARG C 243 56.95 -38.34 -42.38
N THR C 244 58.10 -37.67 -42.49
CA THR C 244 58.43 -36.60 -41.56
C THR C 244 57.71 -35.31 -41.89
N VAL C 245 57.20 -35.13 -43.11
CA VAL C 245 56.46 -33.91 -43.42
C VAL C 245 54.96 -34.07 -43.21
N VAL C 246 54.42 -35.29 -43.35
CA VAL C 246 52.98 -35.47 -43.15
C VAL C 246 52.62 -35.37 -41.67
N ILE C 247 53.60 -35.55 -40.77
CA ILE C 247 53.37 -35.31 -39.35
C ILE C 247 53.43 -33.82 -39.05
N VAL C 248 54.37 -33.10 -39.68
CA VAL C 248 54.57 -31.67 -39.40
C VAL C 248 53.45 -30.83 -40.04
N VAL C 249 52.86 -31.29 -41.15
CA VAL C 249 51.66 -30.63 -41.68
C VAL C 249 50.44 -30.94 -40.83
N SER C 250 50.50 -31.98 -40.00
CA SER C 250 49.46 -32.26 -39.02
C SER C 250 49.71 -31.57 -37.68
N VAL C 251 50.22 -30.33 -37.77
CA VAL C 251 50.06 -29.33 -36.71
C VAL C 251 48.74 -28.60 -36.96
N PHE C 252 48.09 -28.90 -38.09
CA PHE C 252 46.77 -28.36 -38.41
C PHE C 252 45.73 -28.87 -37.43
N ILE C 253 45.85 -30.10 -36.97
CA ILE C 253 44.99 -30.60 -35.90
C ILE C 253 45.43 -30.04 -34.55
N ALA C 254 46.70 -29.69 -34.41
CA ALA C 254 47.16 -29.07 -33.17
C ALA C 254 46.76 -27.61 -33.05
N CYS C 255 46.39 -26.98 -34.16
CA CYS C 255 46.00 -25.57 -34.16
C CYS C 255 44.49 -25.37 -34.22
N TRP C 256 43.75 -26.28 -34.86
CA TRP C 256 42.36 -26.03 -35.18
C TRP C 256 41.37 -26.82 -34.34
N SER C 257 41.74 -28.01 -33.89
CA SER C 257 40.85 -28.83 -33.08
C SER C 257 40.50 -28.30 -31.68
N PRO C 258 41.35 -27.57 -30.92
CA PRO C 258 40.87 -27.03 -29.65
C PRO C 258 39.77 -25.98 -29.76
N LEU C 259 39.66 -25.29 -30.90
CA LEU C 259 38.50 -24.42 -31.10
C LEU C 259 37.23 -25.24 -31.36
N PHE C 260 37.33 -26.35 -32.10
CA PHE C 260 36.11 -27.10 -32.39
C PHE C 260 35.72 -28.06 -31.28
N ILE C 261 36.60 -28.34 -30.33
CA ILE C 261 36.15 -28.88 -29.05
C ILE C 261 35.27 -27.85 -28.35
N LEU C 262 35.70 -26.58 -28.37
CA LEU C 262 34.99 -25.52 -27.67
C LEU C 262 33.67 -25.20 -28.33
N PHE C 263 33.60 -25.35 -29.66
CA PHE C 263 32.31 -25.24 -30.35
C PHE C 263 31.41 -26.40 -29.99
N LEU C 264 32.01 -27.58 -29.79
CA LEU C 264 31.24 -28.75 -29.37
C LEU C 264 30.79 -28.59 -27.92
N ILE C 265 31.60 -27.91 -27.10
CA ILE C 265 31.17 -27.58 -25.74
C ILE C 265 30.04 -26.57 -25.78
N ASP C 266 30.13 -25.58 -26.69
CA ASP C 266 29.15 -24.50 -26.78
C ASP C 266 27.76 -25.05 -27.13
N VAL C 267 27.69 -25.90 -28.16
CA VAL C 267 26.41 -26.47 -28.57
C VAL C 267 25.85 -27.42 -27.50
N ALA C 268 26.71 -28.08 -26.73
CA ALA C 268 26.29 -29.04 -25.73
C ALA C 268 25.93 -28.38 -24.40
N CYS C 269 26.75 -27.44 -23.93
CA CYS C 269 26.51 -26.80 -22.65
C CYS C 269 25.31 -25.88 -22.73
N ARG C 270 24.51 -25.87 -21.68
CA ARG C 270 23.46 -24.88 -21.59
C ARG C 270 24.08 -23.54 -21.18
N VAL C 271 23.23 -22.51 -21.15
CA VAL C 271 23.72 -21.15 -21.04
C VAL C 271 24.21 -20.87 -19.62
N GLN C 272 25.37 -20.20 -19.52
CA GLN C 272 26.01 -19.75 -18.29
C GLN C 272 26.42 -20.89 -17.36
N ALA C 273 26.61 -22.10 -17.88
CA ALA C 273 26.99 -23.24 -17.08
C ALA C 273 28.44 -23.66 -17.28
N CYS C 274 29.02 -23.35 -18.43
CA CYS C 274 30.39 -23.73 -18.76
C CYS C 274 31.23 -22.48 -18.98
N PRO C 275 31.94 -21.97 -17.96
CA PRO C 275 32.63 -20.69 -18.10
C PRO C 275 33.99 -20.75 -18.77
N ILE C 276 34.32 -21.86 -19.43
CA ILE C 276 35.53 -21.90 -20.25
C ILE C 276 35.31 -21.17 -21.57
N LEU C 277 34.06 -20.94 -21.97
CA LEU C 277 33.71 -20.24 -23.20
C LEU C 277 33.99 -18.74 -23.15
N PHE C 278 34.30 -18.18 -21.98
CA PHE C 278 34.65 -16.77 -21.86
C PHE C 278 36.10 -16.48 -22.18
N LYS C 279 36.98 -17.49 -22.05
CA LYS C 279 38.36 -17.37 -22.52
C LYS C 279 38.49 -17.88 -23.96
N ALA C 280 37.47 -17.71 -24.79
CA ALA C 280 37.45 -18.31 -26.12
C ALA C 280 38.34 -17.58 -27.10
N GLN C 281 38.74 -16.34 -26.81
CA GLN C 281 39.58 -15.58 -27.73
C GLN C 281 40.99 -16.16 -27.85
N TRP C 282 41.42 -16.93 -26.85
CA TRP C 282 42.67 -17.67 -26.92
C TRP C 282 42.56 -18.88 -27.83
N PHE C 283 41.37 -19.46 -27.94
CA PHE C 283 41.15 -20.56 -28.87
C PHE C 283 40.96 -20.06 -30.30
N ILE C 284 40.59 -18.78 -30.48
CA ILE C 284 40.46 -18.20 -31.81
C ILE C 284 41.82 -18.00 -32.44
N VAL C 285 42.78 -17.44 -31.67
CA VAL C 285 44.10 -17.16 -32.21
C VAL C 285 44.87 -18.44 -32.50
N LEU C 286 44.54 -19.54 -31.82
CA LEU C 286 45.22 -20.79 -32.10
C LEU C 286 44.78 -21.36 -33.44
N ALA C 287 43.60 -20.96 -33.92
CA ALA C 287 43.24 -21.19 -35.32
C ALA C 287 43.84 -20.15 -36.24
N VAL C 288 44.19 -18.97 -35.73
CA VAL C 288 44.70 -17.89 -36.57
C VAL C 288 46.23 -17.86 -36.56
N LEU C 289 46.87 -18.50 -35.58
CA LEU C 289 48.29 -18.79 -35.72
C LEU C 289 48.59 -19.91 -36.72
N ASN C 290 47.57 -20.68 -37.13
CA ASN C 290 47.73 -21.58 -38.26
C ASN C 290 47.98 -20.82 -39.56
N SER C 291 47.38 -19.63 -39.70
CA SER C 291 47.66 -18.76 -40.85
C SER C 291 49.08 -18.22 -40.83
N ALA C 292 49.72 -18.16 -39.65
CA ALA C 292 51.12 -17.77 -39.60
C ALA C 292 52.03 -18.95 -39.90
N MET C 293 51.59 -20.17 -39.60
CA MET C 293 52.46 -21.32 -39.83
C MET C 293 52.45 -21.77 -41.29
N ASN C 294 51.36 -21.52 -42.02
CA ASN C 294 51.28 -21.94 -43.42
C ASN C 294 52.33 -21.33 -44.36
N PRO C 295 52.85 -20.10 -44.19
CA PRO C 295 54.05 -19.73 -44.95
C PRO C 295 55.31 -20.48 -44.55
N VAL C 296 55.37 -21.06 -43.36
CA VAL C 296 56.56 -21.81 -42.94
C VAL C 296 56.50 -23.26 -43.40
N ILE C 297 55.34 -23.90 -43.30
CA ILE C 297 55.24 -25.31 -43.68
C ILE C 297 55.28 -25.51 -45.19
N TYR C 298 54.66 -24.62 -45.97
CA TYR C 298 54.44 -24.85 -47.39
C TYR C 298 55.43 -24.15 -48.30
N THR C 299 56.27 -23.25 -47.77
CA THR C 299 57.34 -22.64 -48.57
C THR C 299 58.70 -23.05 -48.02
N LEU C 300 58.96 -24.35 -47.96
CA LEU C 300 60.31 -24.84 -47.73
C LEU C 300 61.00 -25.33 -49.00
N ALA C 301 60.29 -25.40 -50.12
CA ALA C 301 60.88 -25.78 -51.39
C ALA C 301 61.76 -24.66 -51.92
N SER C 302 62.96 -25.04 -52.40
CA SER C 302 63.99 -24.21 -53.05
C SER C 302 64.65 -23.14 -52.17
N LYS C 303 64.09 -22.88 -50.98
CA LYS C 303 64.53 -21.87 -50.01
C LYS C 303 64.67 -20.48 -50.62
N GLU C 304 63.52 -19.85 -50.89
CA GLU C 304 63.48 -18.59 -51.63
C GLU C 304 63.93 -17.40 -50.78
N MET C 305 63.54 -17.38 -49.49
CA MET C 305 63.80 -16.24 -48.61
C MET C 305 65.28 -16.07 -48.33
N ARG C 306 65.99 -17.20 -48.30
CA ARG C 306 67.40 -17.30 -47.98
C ARG C 306 68.27 -16.62 -49.03
N ARG C 307 67.80 -16.58 -50.26
CA ARG C 307 68.38 -15.78 -51.32
C ARG C 307 67.74 -14.40 -51.38
N ALA C 308 66.47 -14.27 -50.98
CA ALA C 308 65.72 -13.03 -51.16
C ALA C 308 66.14 -11.92 -50.21
N PHE C 309 66.95 -12.22 -49.20
CA PHE C 309 67.54 -11.20 -48.36
C PHE C 309 69.04 -11.47 -48.18
N PHE C 310 69.75 -11.60 -49.31
CA PHE C 310 71.19 -11.79 -49.28
C PHE C 310 71.93 -10.52 -48.85
N ARG C 311 71.35 -9.35 -49.10
CA ARG C 311 71.97 -8.10 -48.70
C ARG C 311 70.90 -7.15 -48.16
N ASP D 1 -7.95 -1.45 12.08
CA ASP D 1 -8.90 -0.42 12.50
C ASP D 1 -10.33 -0.85 12.24
N ILE D 2 -11.18 0.08 11.79
CA ILE D 2 -12.59 -0.19 11.53
C ILE D 2 -12.83 0.09 10.05
N VAL D 3 -13.10 -0.94 9.27
CA VAL D 3 -13.30 -0.76 7.83
C VAL D 3 -14.74 -0.35 7.56
N MET D 4 -14.91 0.77 6.84
CA MET D 4 -16.22 1.18 6.32
C MET D 4 -16.29 0.92 4.82
N THR D 5 -17.31 0.19 4.39
CA THR D 5 -17.45 -0.25 3.01
C THR D 5 -18.61 0.48 2.38
N GLN D 6 -18.31 1.41 1.49
CA GLN D 6 -19.30 2.32 0.93
C GLN D 6 -19.60 1.93 -0.51
N SER D 7 -20.89 1.81 -0.82
CA SER D 7 -21.37 1.40 -2.13
C SER D 7 -22.55 2.29 -2.49
N PRO D 8 -22.73 2.64 -3.78
CA PRO D 8 -21.97 2.26 -4.98
C PRO D 8 -20.74 3.15 -5.22
N LYS D 9 -19.86 2.74 -6.14
CA LYS D 9 -18.66 3.53 -6.38
C LYS D 9 -18.96 4.77 -7.21
N SER D 10 -19.88 4.63 -8.16
CA SER D 10 -20.32 5.71 -9.02
C SER D 10 -21.69 5.32 -9.56
N MET D 11 -22.53 6.32 -9.79
CA MET D 11 -23.85 6.02 -10.34
C MET D 11 -24.28 7.20 -11.18
N SER D 12 -24.66 6.94 -12.43
CA SER D 12 -25.00 8.00 -13.37
C SER D 12 -26.46 8.39 -13.19
N MET D 13 -26.71 9.67 -12.89
CA MET D 13 -28.05 10.17 -12.64
C MET D 13 -28.49 11.25 -13.62
N SER D 14 -29.80 11.32 -13.80
CA SER D 14 -30.44 12.46 -14.43
C SER D 14 -31.22 13.21 -13.36
N VAL D 15 -31.53 14.47 -13.64
CA VAL D 15 -32.00 15.40 -12.62
C VAL D 15 -33.42 15.03 -12.19
N GLY D 16 -33.63 14.93 -10.88
CA GLY D 16 -34.94 14.62 -10.33
C GLY D 16 -35.08 13.19 -9.83
N GLU D 17 -34.11 12.32 -10.08
CA GLU D 17 -34.21 10.93 -9.68
C GLU D 17 -33.92 10.75 -8.20
N ARG D 18 -34.27 9.58 -7.69
CA ARG D 18 -33.94 9.19 -6.33
C ARG D 18 -32.69 8.31 -6.33
N VAL D 19 -31.83 8.52 -5.33
CA VAL D 19 -30.63 7.72 -5.13
C VAL D 19 -30.53 7.41 -3.64
N THR D 20 -29.90 6.28 -3.32
CA THR D 20 -29.68 5.87 -1.93
C THR D 20 -28.28 5.28 -1.86
N LEU D 21 -27.45 5.84 -1.00
CA LEU D 21 -26.06 5.46 -0.84
C LEU D 21 -25.91 4.63 0.43
N SER D 22 -25.17 3.52 0.34
CA SER D 22 -25.01 2.61 1.45
C SER D 22 -23.60 2.67 2.01
N CYS D 23 -23.49 2.47 3.33
CA CYS D 23 -22.21 2.48 4.01
C CYS D 23 -22.31 1.50 5.17
N LYS D 24 -21.61 0.38 5.06
CA LYS D 24 -21.62 -0.65 6.09
C LYS D 24 -20.33 -0.62 6.89
N ALA D 25 -20.41 -1.09 8.13
CA ALA D 25 -19.29 -1.05 9.04
C ALA D 25 -18.84 -2.46 9.41
N SER D 26 -17.54 -2.60 9.69
CA SER D 26 -17.04 -3.89 10.14
C SER D 26 -17.44 -4.17 11.57
N GLU D 27 -17.71 -3.13 12.36
CA GLU D 27 -17.98 -3.23 13.78
C GLU D 27 -19.24 -2.45 14.12
N ASN D 28 -19.57 -2.47 15.42
CA ASN D 28 -20.59 -1.57 15.94
C ASN D 28 -19.97 -0.19 16.01
N VAL D 29 -20.55 0.76 15.28
CA VAL D 29 -20.15 2.15 15.31
C VAL D 29 -21.17 3.01 16.05
N GLY D 30 -22.42 2.58 16.13
CA GLY D 30 -23.40 3.30 16.91
C GLY D 30 -24.19 4.22 16.01
N ILE D 31 -24.18 5.50 16.31
CA ILE D 31 -24.77 6.49 15.42
C ILE D 31 -23.75 7.58 15.14
N PHE D 32 -22.46 7.27 15.28
CA PHE D 32 -21.45 8.31 15.12
C PHE D 32 -21.05 8.54 13.65
N VAL D 33 -21.73 7.93 12.69
CA VAL D 33 -21.36 8.01 11.27
C VAL D 33 -21.74 9.37 10.70
N SER D 34 -20.84 9.98 9.95
CA SER D 34 -21.11 11.23 9.25
C SER D 34 -21.23 10.99 7.74
N TRP D 35 -21.65 12.04 7.03
CA TRP D 35 -21.73 12.03 5.58
C TRP D 35 -21.22 13.35 5.04
N TYR D 36 -20.27 13.28 4.10
CA TYR D 36 -19.61 14.47 3.59
C TYR D 36 -19.82 14.57 2.08
N GLN D 37 -19.65 15.78 1.56
CA GLN D 37 -19.76 16.07 0.14
C GLN D 37 -18.48 16.80 -0.26
N GLN D 38 -17.87 16.38 -1.38
CA GLN D 38 -16.64 17.01 -1.85
C GLN D 38 -16.77 17.34 -3.32
N LYS D 39 -16.35 18.56 -3.67
CA LYS D 39 -16.28 19.12 -5.01
C LYS D 39 -14.80 19.35 -5.38
N PRO D 40 -14.46 19.44 -6.67
CA PRO D 40 -13.04 19.46 -7.07
C PRO D 40 -12.26 20.69 -6.59
N GLU D 41 -11.11 20.42 -5.97
CA GLU D 41 -10.27 21.36 -5.20
C GLU D 41 -11.13 22.17 -4.22
N GLN D 42 -11.79 21.42 -3.34
CA GLN D 42 -12.55 21.99 -2.23
C GLN D 42 -12.48 21.03 -1.05
N SER D 43 -12.73 21.59 0.13
CA SER D 43 -12.76 20.78 1.34
C SER D 43 -14.01 19.91 1.35
N PRO D 44 -13.98 18.78 2.06
CA PRO D 44 -15.23 18.05 2.31
C PRO D 44 -16.15 18.90 3.15
N LYS D 45 -17.42 18.90 2.78
CA LYS D 45 -18.41 19.72 3.46
C LYS D 45 -19.43 18.78 4.08
N LEU D 46 -19.64 18.93 5.38
CA LEU D 46 -20.44 17.97 6.13
C LEU D 46 -21.92 18.20 5.85
N LEU D 47 -22.61 17.12 5.46
CA LEU D 47 -24.05 17.13 5.24
C LEU D 47 -24.81 16.67 6.47
N ILE D 48 -24.53 15.45 6.91
CA ILE D 48 -25.31 14.78 7.95
C ILE D 48 -24.34 14.23 8.97
N TYR D 49 -24.52 14.63 10.23
CA TYR D 49 -23.83 14.07 11.38
C TYR D 49 -24.84 13.27 12.19
N GLY D 50 -24.33 12.37 13.04
CA GLY D 50 -25.24 11.61 13.86
C GLY D 50 -25.94 10.50 13.07
N ALA D 51 -27.06 10.06 13.61
CA ALA D 51 -27.94 9.15 12.90
C ALA D 51 -28.46 9.82 11.63
N SER D 52 -29.34 10.81 11.83
CA SER D 52 -29.84 11.65 10.75
C SER D 52 -30.03 13.06 11.32
N ASN D 53 -28.93 13.80 11.42
CA ASN D 53 -29.01 15.20 11.84
C ASN D 53 -28.38 16.05 10.73
N ARG D 54 -29.21 16.85 10.08
CA ARG D 54 -28.77 17.69 8.97
C ARG D 54 -27.99 18.88 9.49
N TYR D 55 -26.82 19.13 8.90
CA TYR D 55 -26.06 20.32 9.22
C TYR D 55 -26.78 21.55 8.68
N THR D 56 -26.41 22.73 9.22
CA THR D 56 -27.04 23.99 8.85
C THR D 56 -26.75 24.30 7.38
N GLY D 57 -27.79 24.52 6.60
CA GLY D 57 -27.68 24.78 5.18
C GLY D 57 -27.87 23.57 4.29
N VAL D 58 -28.17 22.41 4.87
CA VAL D 58 -28.40 21.21 4.08
C VAL D 58 -29.90 21.11 3.79
N PRO D 59 -30.31 20.94 2.53
CA PRO D 59 -31.74 20.97 2.21
C PRO D 59 -32.51 19.74 2.65
N ASP D 60 -33.84 19.75 2.46
CA ASP D 60 -34.71 18.68 2.93
C ASP D 60 -34.62 17.43 2.07
N ARG D 61 -34.00 17.51 0.89
CA ARG D 61 -33.86 16.34 0.05
C ARG D 61 -32.82 15.36 0.58
N PHE D 62 -31.93 15.81 1.46
CA PHE D 62 -30.95 14.95 2.07
C PHE D 62 -31.55 14.30 3.32
N THR D 63 -31.48 12.97 3.38
CA THR D 63 -32.08 12.21 4.46
C THR D 63 -31.10 11.13 4.87
N GLY D 64 -30.82 11.05 6.17
CA GLY D 64 -29.93 10.03 6.69
C GLY D 64 -30.72 8.98 7.42
N SER D 65 -30.08 7.84 7.68
CA SER D 65 -30.67 6.75 8.45
C SER D 65 -29.55 5.82 8.87
N GLY D 66 -29.83 5.02 9.87
CA GLY D 66 -28.94 3.94 10.22
C GLY D 66 -28.70 3.81 11.71
N SER D 67 -28.21 2.63 12.09
CA SER D 67 -27.91 2.30 13.48
C SER D 67 -26.87 1.19 13.47
N ALA D 68 -25.81 1.38 14.28
CA ALA D 68 -24.74 0.42 14.56
C ALA D 68 -23.93 0.04 13.32
N THR D 69 -24.50 -0.76 12.41
CA THR D 69 -23.75 -1.34 11.30
C THR D 69 -24.16 -0.79 9.94
N ASP D 70 -25.45 -0.81 9.62
CA ASP D 70 -25.93 -0.44 8.29
C ASP D 70 -26.39 1.01 8.30
N PHE D 71 -25.92 1.78 7.31
CA PHE D 71 -26.20 3.21 7.26
C PHE D 71 -26.53 3.61 5.82
N THR D 72 -27.55 4.47 5.68
CA THR D 72 -27.98 4.94 4.37
C THR D 72 -28.03 6.46 4.36
N LEU D 73 -27.91 7.01 3.14
CA LEU D 73 -28.13 8.42 2.86
C LEU D 73 -28.91 8.50 1.57
N THR D 74 -30.08 9.14 1.59
CA THR D 74 -30.92 9.19 0.41
C THR D 74 -31.07 10.63 -0.09
N LEU D 75 -31.29 10.75 -1.39
CA LEU D 75 -31.66 12.02 -2.05
C LEU D 75 -33.02 11.83 -2.70
N SER D 76 -34.04 12.54 -2.20
CA SER D 76 -35.39 12.37 -2.73
C SER D 76 -35.54 13.00 -4.10
N SER D 77 -34.72 13.99 -4.43
CA SER D 77 -34.68 14.59 -5.77
C SER D 77 -33.24 15.03 -6.00
N VAL D 78 -32.57 14.38 -6.94
CA VAL D 78 -31.20 14.77 -7.28
C VAL D 78 -31.26 16.08 -8.06
N GLN D 79 -30.60 17.11 -7.55
CA GLN D 79 -30.50 18.39 -8.23
C GLN D 79 -29.12 18.55 -8.86
N ALA D 80 -28.96 19.63 -9.60
CA ALA D 80 -27.76 19.78 -10.44
C ALA D 80 -26.52 20.12 -9.62
N GLU D 81 -26.69 20.80 -8.48
CA GLU D 81 -25.56 21.12 -7.62
C GLU D 81 -25.25 20.02 -6.61
N ASP D 82 -26.01 18.92 -6.63
CA ASP D 82 -25.71 17.74 -5.83
C ASP D 82 -24.76 16.80 -6.54
N LEU D 83 -24.36 17.13 -7.76
CA LEU D 83 -23.44 16.31 -8.55
C LEU D 83 -22.04 16.50 -8.00
N ALA D 84 -21.64 15.63 -7.07
CA ALA D 84 -20.32 15.69 -6.46
C ALA D 84 -19.94 14.30 -5.95
N ASP D 85 -18.83 14.24 -5.23
CA ASP D 85 -18.39 13.03 -4.54
C ASP D 85 -18.95 13.03 -3.12
N TYR D 86 -19.24 11.84 -2.62
CA TYR D 86 -19.79 11.67 -1.28
C TYR D 86 -19.03 10.60 -0.51
N TYR D 87 -18.87 10.81 0.79
CA TYR D 87 -18.16 9.89 1.65
C TYR D 87 -18.95 9.65 2.93
N CYS D 88 -18.65 8.53 3.58
CA CYS D 88 -19.11 8.25 4.93
C CYS D 88 -17.87 8.00 5.79
N GLY D 89 -17.94 8.41 7.05
CA GLY D 89 -16.84 8.20 7.98
C GLY D 89 -17.39 7.88 9.35
N GLN D 90 -16.57 7.21 10.17
CA GLN D 90 -17.13 6.52 11.34
C GLN D 90 -17.14 7.37 12.61
N SER D 91 -16.03 8.03 12.97
CA SER D 91 -15.89 8.97 14.10
C SER D 91 -16.27 8.38 15.48
N TYR D 92 -16.29 7.06 15.63
CA TYR D 92 -16.63 6.40 16.89
C TYR D 92 -15.40 6.00 17.67
N ASN D 93 -14.29 5.81 16.97
CA ASN D 93 -13.03 5.42 17.58
C ASN D 93 -11.95 6.07 16.74
N TYR D 94 -10.94 6.63 17.41
CA TYR D 94 -9.77 7.09 16.65
C TYR D 94 -8.87 5.88 16.40
N PRO D 95 -8.34 5.69 15.17
CA PRO D 95 -8.36 6.50 13.95
C PRO D 95 -9.69 6.61 13.19
N LEU D 96 -9.93 7.77 12.59
CA LEU D 96 -11.16 7.95 11.83
C LEU D 96 -10.97 7.25 10.50
N THR D 97 -11.93 6.44 10.11
CA THR D 97 -11.83 5.79 8.81
C THR D 97 -13.01 6.20 7.96
N PHE D 98 -12.73 6.46 6.69
CA PHE D 98 -13.75 6.92 5.76
C PHE D 98 -14.04 5.83 4.74
N GLY D 99 -15.04 6.07 3.91
CA GLY D 99 -15.36 5.17 2.83
C GLY D 99 -14.45 5.38 1.63
N ALA D 100 -14.81 4.71 0.54
CA ALA D 100 -14.01 4.80 -0.69
C ALA D 100 -14.49 5.91 -1.60
N GLY D 101 -15.79 6.20 -1.61
CA GLY D 101 -16.34 7.29 -2.39
C GLY D 101 -17.54 6.87 -3.23
N THR D 102 -18.42 7.83 -3.51
CA THR D 102 -19.54 7.64 -4.43
C THR D 102 -19.64 8.92 -5.28
N LYS D 103 -19.40 8.79 -6.58
CA LYS D 103 -19.45 9.92 -7.49
C LYS D 103 -20.82 9.99 -8.15
N LEU D 104 -21.55 11.06 -7.87
CA LEU D 104 -22.80 11.30 -8.59
C LEU D 104 -22.49 12.01 -9.89
N GLU D 105 -23.00 11.45 -10.99
CA GLU D 105 -22.61 11.87 -12.32
C GLU D 105 -23.85 12.17 -13.14
N LEU D 106 -23.65 12.89 -14.24
CA LEU D 106 -24.76 13.24 -15.13
C LEU D 106 -24.95 12.16 -16.18
N LYS D 107 -26.19 11.71 -16.35
CA LYS D 107 -26.53 10.67 -17.29
C LYS D 107 -26.94 11.28 -18.62
N ARG D 108 -26.40 10.74 -19.72
CA ARG D 108 -26.84 11.09 -21.06
C ARG D 108 -26.92 9.84 -21.92
N ALA D 109 -27.28 10.01 -23.18
CA ALA D 109 -27.31 8.87 -24.10
C ALA D 109 -25.88 8.48 -24.47
N ASP D 110 -25.74 7.25 -24.97
CA ASP D 110 -24.43 6.68 -25.26
C ASP D 110 -23.76 7.40 -26.43
N ALA D 111 -22.43 7.31 -26.47
CA ALA D 111 -21.65 8.00 -27.49
C ALA D 111 -20.38 7.19 -27.76
N ALA D 112 -20.17 6.82 -29.03
CA ALA D 112 -18.97 6.08 -29.37
C ALA D 112 -17.77 7.02 -29.41
N PRO D 113 -16.60 6.57 -28.99
CA PRO D 113 -15.43 7.43 -29.05
C PRO D 113 -14.90 7.57 -30.47
N THR D 114 -14.21 8.68 -30.69
CA THR D 114 -13.60 9.00 -31.99
C THR D 114 -12.10 8.86 -31.79
N VAL D 115 -11.54 7.77 -32.33
CA VAL D 115 -10.20 7.33 -31.98
C VAL D 115 -9.23 7.75 -33.07
N SER D 116 -8.08 8.30 -32.67
CA SER D 116 -7.06 8.80 -33.59
C SER D 116 -5.69 8.40 -33.05
N ILE D 117 -4.82 7.90 -33.93
CA ILE D 117 -3.51 7.38 -33.54
C ILE D 117 -2.42 8.23 -34.21
N PHE D 118 -1.30 8.42 -33.51
CA PHE D 118 -0.30 9.33 -34.04
C PHE D 118 1.10 8.75 -33.94
N PRO D 119 1.89 8.87 -35.01
CA PRO D 119 3.29 8.41 -35.01
C PRO D 119 4.16 9.24 -34.07
N PRO D 120 5.39 8.80 -33.81
CA PRO D 120 6.37 9.72 -33.24
C PRO D 120 6.74 10.81 -34.22
N SER D 121 7.06 12.00 -33.69
CA SER D 121 7.45 13.11 -34.53
C SER D 121 8.88 12.90 -35.05
N SER D 122 9.26 13.70 -36.04
CA SER D 122 10.62 13.63 -36.56
C SER D 122 11.62 14.19 -35.56
N GLU D 123 11.23 15.24 -34.84
CA GLU D 123 12.14 15.90 -33.89
C GLU D 123 12.40 15.04 -32.67
N GLN D 124 11.42 14.25 -32.24
CA GLN D 124 11.62 13.41 -31.07
C GLN D 124 12.50 12.21 -31.40
N LEU D 125 12.44 11.72 -32.64
CA LEU D 125 13.32 10.64 -33.08
C LEU D 125 14.76 11.10 -33.24
N THR D 126 15.01 12.40 -33.42
CA THR D 126 16.38 12.88 -33.43
C THR D 126 17.01 12.86 -32.04
N SER D 127 16.19 12.83 -30.99
CA SER D 127 16.65 12.82 -29.61
C SER D 127 16.65 11.45 -28.97
N GLY D 128 16.29 10.39 -29.71
CA GLY D 128 16.30 9.05 -29.18
C GLY D 128 15.01 8.60 -28.54
N GLY D 129 14.03 9.50 -28.36
CA GLY D 129 12.74 9.10 -27.83
C GLY D 129 11.76 8.78 -28.95
N ALA D 130 10.68 8.10 -28.58
CA ALA D 130 9.65 7.70 -29.54
C ALA D 130 8.34 7.50 -28.80
N SER D 131 7.42 8.44 -28.94
CA SER D 131 6.12 8.39 -28.28
C SER D 131 5.05 8.10 -29.31
N VAL D 132 4.13 7.18 -28.98
CA VAL D 132 2.97 6.90 -29.80
C VAL D 132 1.74 7.39 -29.02
N VAL D 133 0.90 8.18 -29.67
CA VAL D 133 -0.20 8.89 -29.01
C VAL D 133 -1.52 8.43 -29.62
N CYS D 134 -2.47 8.07 -28.77
CA CYS D 134 -3.80 7.68 -29.20
C CYS D 134 -4.83 8.52 -28.46
N PHE D 135 -5.64 9.27 -29.20
CA PHE D 135 -6.64 10.15 -28.63
C PHE D 135 -8.00 9.50 -28.71
N LEU D 136 -8.69 9.41 -27.57
CA LEU D 136 -10.04 8.88 -27.50
C LEU D 136 -10.88 9.98 -26.86
N ASN D 137 -11.73 10.63 -27.65
CA ASN D 137 -12.45 11.79 -27.15
C ASN D 137 -13.92 11.75 -27.55
N ASN D 138 -14.73 12.42 -26.72
CA ASN D 138 -16.19 12.51 -26.81
C ASN D 138 -16.82 11.13 -26.78
N PHE D 139 -16.93 10.52 -25.61
CA PHE D 139 -17.61 9.24 -25.46
C PHE D 139 -18.36 9.22 -24.13
N TYR D 140 -19.45 8.45 -24.11
CA TYR D 140 -20.24 8.23 -22.92
C TYR D 140 -20.76 6.80 -23.00
N PRO D 141 -20.69 6.02 -21.90
CA PRO D 141 -20.18 6.35 -20.56
C PRO D 141 -18.66 6.25 -20.40
N LYS D 142 -18.19 6.40 -19.16
CA LYS D 142 -16.76 6.46 -18.87
C LYS D 142 -16.11 5.07 -18.88
N ASP D 143 -16.90 4.01 -18.95
CA ASP D 143 -16.40 2.65 -18.87
C ASP D 143 -15.68 2.30 -20.16
N ILE D 144 -14.36 2.47 -20.19
CA ILE D 144 -13.59 2.20 -21.40
C ILE D 144 -12.28 1.52 -21.00
N ASN D 145 -11.85 0.58 -21.84
CA ASN D 145 -10.60 -0.16 -21.61
C ASN D 145 -9.78 -0.10 -22.89
N VAL D 146 -8.51 0.28 -22.75
CA VAL D 146 -7.65 0.61 -23.88
C VAL D 146 -6.40 -0.25 -23.81
N LYS D 147 -6.13 -1.01 -24.86
CA LYS D 147 -4.92 -1.80 -24.97
C LYS D 147 -3.97 -1.20 -25.99
N TRP D 148 -2.68 -1.47 -25.81
CA TRP D 148 -1.62 -1.05 -26.72
C TRP D 148 -0.97 -2.31 -27.28
N LYS D 149 -1.16 -2.55 -28.57
CA LYS D 149 -0.66 -3.77 -29.19
C LYS D 149 0.45 -3.41 -30.17
N ILE D 150 1.62 -4.01 -29.96
CA ILE D 150 2.78 -3.84 -30.82
C ILE D 150 3.10 -5.20 -31.40
N ASP D 151 2.87 -5.35 -32.72
CA ASP D 151 2.97 -6.63 -33.45
C ASP D 151 2.11 -7.73 -32.78
N GLY D 152 0.93 -7.34 -32.33
CA GLY D 152 0.00 -8.25 -31.70
C GLY D 152 0.22 -8.45 -30.21
N SER D 153 1.27 -7.88 -29.63
CA SER D 153 1.60 -8.13 -28.23
C SER D 153 1.20 -6.92 -27.39
N GLU D 154 0.48 -7.17 -26.30
CA GLU D 154 0.04 -6.11 -25.43
C GLU D 154 1.22 -5.55 -24.63
N ARG D 155 1.19 -4.24 -24.39
CA ARG D 155 2.22 -3.55 -23.62
C ARG D 155 1.55 -2.56 -22.68
N GLN D 156 1.96 -2.57 -21.40
CA GLN D 156 1.37 -1.70 -20.39
C GLN D 156 2.38 -0.82 -19.65
N ASN D 157 3.69 -1.00 -19.86
CA ASN D 157 4.71 -0.25 -19.11
C ASN D 157 5.22 0.88 -20.00
N GLY D 158 5.13 2.10 -19.48
CA GLY D 158 5.50 3.29 -20.20
C GLY D 158 4.32 4.08 -20.70
N VAL D 159 3.13 3.86 -20.15
CA VAL D 159 1.88 4.41 -20.66
C VAL D 159 1.40 5.51 -19.72
N LEU D 160 1.07 6.68 -20.29
CA LEU D 160 0.42 7.76 -19.56
C LEU D 160 -1.01 7.88 -20.07
N ASN D 161 -1.96 7.96 -19.13
CA ASN D 161 -3.36 8.06 -19.49
C ASN D 161 -3.93 9.28 -18.79
N SER D 162 -4.40 10.25 -19.57
CA SER D 162 -5.02 11.44 -19.02
C SER D 162 -6.50 11.45 -19.34
N TRP D 163 -7.26 12.18 -18.54
CA TRP D 163 -8.72 12.16 -18.61
C TRP D 163 -9.26 13.58 -18.50
N THR D 164 -10.39 13.82 -19.14
CA THR D 164 -11.20 14.98 -18.83
C THR D 164 -12.43 14.52 -18.07
N ASP D 165 -13.07 15.45 -17.36
CA ASP D 165 -14.32 15.10 -16.66
C ASP D 165 -15.48 15.17 -17.65
N GLN D 166 -16.70 15.32 -17.17
CA GLN D 166 -17.82 15.49 -18.08
C GLN D 166 -17.71 16.85 -18.74
N ASP D 167 -18.00 16.90 -20.04
CA ASP D 167 -17.76 18.11 -20.83
C ASP D 167 -18.73 19.22 -20.43
N SER D 168 -18.25 20.46 -20.58
CA SER D 168 -19.10 21.62 -20.39
C SER D 168 -20.17 21.80 -21.45
N LYS D 169 -20.28 20.93 -22.45
CA LYS D 169 -21.37 21.02 -23.42
C LYS D 169 -21.91 19.67 -23.81
N ASP D 170 -21.04 18.73 -24.15
CA ASP D 170 -21.49 17.40 -24.53
C ASP D 170 -21.87 16.56 -23.31
N SER D 171 -21.29 16.90 -22.15
CA SER D 171 -21.23 16.04 -20.96
C SER D 171 -20.68 14.66 -21.30
N THR D 172 -19.58 14.64 -22.04
CA THR D 172 -18.87 13.41 -22.39
C THR D 172 -17.47 13.44 -21.79
N TYR D 173 -16.75 12.33 -21.96
CA TYR D 173 -15.40 12.17 -21.46
C TYR D 173 -14.43 12.11 -22.63
N SER D 174 -13.15 12.27 -22.30
CA SER D 174 -12.08 12.17 -23.29
C SER D 174 -10.86 11.60 -22.62
N MET D 175 -10.04 10.91 -23.40
CA MET D 175 -8.91 10.19 -22.86
C MET D 175 -7.72 10.34 -23.79
N SER D 176 -6.53 10.47 -23.22
CA SER D 176 -5.29 10.60 -23.97
C SER D 176 -4.30 9.56 -23.48
N SER D 177 -4.01 8.56 -24.33
CA SER D 177 -3.07 7.51 -24.00
C SER D 177 -1.77 7.73 -24.76
N THR D 178 -0.64 7.70 -24.05
CA THR D 178 0.65 8.01 -24.64
C THR D 178 1.64 6.91 -24.26
N LEU D 179 1.94 6.04 -25.22
CA LEU D 179 2.92 4.98 -25.07
C LEU D 179 4.29 5.51 -25.49
N THR D 180 5.27 5.40 -24.59
CA THR D 180 6.61 5.93 -24.84
C THR D 180 7.60 4.77 -24.87
N LEU D 181 8.36 4.67 -25.96
CA LEU D 181 9.40 3.67 -26.14
C LEU D 181 10.73 4.39 -26.36
N THR D 182 11.76 3.58 -26.61
CA THR D 182 13.02 4.08 -27.13
C THR D 182 12.98 4.07 -28.66
N LYS D 183 13.91 4.81 -29.27
CA LYS D 183 13.97 4.85 -30.73
C LYS D 183 14.40 3.51 -31.29
N ASP D 184 15.33 2.84 -30.58
CA ASP D 184 15.87 1.59 -31.08
C ASP D 184 14.88 0.45 -30.94
N GLU D 185 13.93 0.55 -30.02
CA GLU D 185 12.89 -0.46 -29.93
C GLU D 185 11.72 -0.15 -30.86
N TYR D 186 11.47 1.15 -31.11
CA TYR D 186 10.42 1.54 -32.03
C TYR D 186 10.73 1.16 -33.47
N GLU D 187 12.01 1.17 -33.85
CA GLU D 187 12.41 0.75 -35.20
C GLU D 187 12.44 -0.78 -35.36
N ARG D 188 12.23 -1.55 -34.30
CA ARG D 188 12.36 -3.00 -34.39
C ARG D 188 11.06 -3.67 -34.85
N HIS D 189 9.91 -3.16 -34.45
CA HIS D 189 8.63 -3.76 -34.77
C HIS D 189 7.91 -2.94 -35.84
N ASN D 190 6.75 -3.44 -36.30
CA ASN D 190 6.06 -2.85 -37.44
C ASN D 190 4.63 -2.42 -37.12
N SER D 191 3.79 -3.31 -36.61
CA SER D 191 2.37 -3.01 -36.43
C SER D 191 2.17 -2.40 -35.05
N TYR D 192 1.63 -1.18 -35.01
CA TYR D 192 1.37 -0.46 -33.77
C TYR D 192 -0.10 -0.13 -33.71
N THR D 193 -0.74 -0.46 -32.59
CA THR D 193 -2.20 -0.51 -32.53
C THR D 193 -2.70 0.06 -31.22
N CYS D 194 -3.66 0.96 -31.32
CA CYS D 194 -4.43 1.45 -30.18
C CYS D 194 -5.83 0.86 -30.29
N GLU D 195 -6.19 0.01 -29.32
CA GLU D 195 -7.42 -0.78 -29.37
C GLU D 195 -8.28 -0.42 -28.17
N ALA D 196 -9.56 -0.16 -28.42
CA ALA D 196 -10.47 0.35 -27.40
C ALA D 196 -11.74 -0.47 -27.35
N THR D 197 -12.27 -0.65 -26.15
CA THR D 197 -13.52 -1.37 -25.95
C THR D 197 -14.53 -0.44 -25.32
N HIS D 198 -15.76 -0.46 -25.83
CA HIS D 198 -16.78 0.43 -25.32
C HIS D 198 -18.14 -0.24 -25.45
N LYS D 199 -19.10 0.27 -24.68
CA LYS D 199 -20.48 -0.22 -24.69
C LYS D 199 -21.13 -0.09 -26.05
N THR D 200 -20.75 0.95 -26.80
CA THR D 200 -21.37 1.30 -28.06
C THR D 200 -21.04 0.35 -29.20
N SER D 201 -20.13 -0.60 -29.01
CA SER D 201 -19.75 -1.50 -30.08
C SER D 201 -19.38 -2.86 -29.49
N THR D 202 -19.97 -3.92 -30.04
CA THR D 202 -19.62 -5.27 -29.62
C THR D 202 -18.20 -5.61 -30.05
N SER D 203 -17.77 -5.13 -31.24
CA SER D 203 -16.40 -5.28 -31.71
C SER D 203 -15.54 -4.14 -31.20
N PRO D 204 -14.25 -4.38 -30.93
CA PRO D 204 -13.40 -3.29 -30.41
C PRO D 204 -13.06 -2.28 -31.50
N ILE D 205 -13.02 -1.02 -31.10
CA ILE D 205 -12.71 0.07 -32.01
C ILE D 205 -11.20 0.11 -32.16
N VAL D 206 -10.72 -0.14 -33.38
CA VAL D 206 -9.29 -0.32 -33.60
C VAL D 206 -8.80 0.71 -34.61
N LYS D 207 -7.68 1.36 -34.28
CA LYS D 207 -6.99 2.26 -35.19
C LYS D 207 -5.50 1.98 -35.06
N SER D 208 -4.82 1.77 -36.19
CA SER D 208 -3.45 1.28 -36.17
C SER D 208 -2.68 1.85 -37.34
N PHE D 209 -1.38 1.59 -37.35
CA PHE D 209 -0.51 2.04 -38.43
C PHE D 209 0.73 1.16 -38.49
N ASN D 210 1.27 1.03 -39.70
CA ASN D 210 2.50 0.30 -39.96
C ASN D 210 3.59 1.31 -40.27
N ARG D 211 4.72 1.19 -39.57
CA ARG D 211 5.74 2.23 -39.64
C ARG D 211 6.61 2.15 -40.90
N ASN D 212 6.48 1.10 -41.70
CA ASN D 212 7.35 0.91 -42.84
C ASN D 212 6.85 1.61 -44.09
N GLU D 213 5.53 1.58 -44.34
CA GLU D 213 5.00 2.03 -45.61
C GLU D 213 4.97 3.54 -45.74
N CYS D 214 4.93 4.27 -44.62
CA CYS D 214 4.79 5.71 -44.64
C CYS D 214 5.41 6.33 -43.40
N ASP E 1 -17.37 33.12 10.67
CA ASP E 1 -16.80 33.28 12.00
C ASP E 1 -15.63 32.31 12.24
N VAL E 2 -15.86 31.02 12.02
CA VAL E 2 -14.85 29.99 12.26
C VAL E 2 -14.21 29.65 10.93
N GLN E 3 -12.97 30.08 10.75
CA GLN E 3 -12.20 29.77 9.54
C GLN E 3 -10.98 28.96 9.93
N LEU E 4 -10.53 28.12 9.00
CA LEU E 4 -9.30 27.37 9.16
C LEU E 4 -8.41 27.76 7.98
N GLN E 5 -7.64 28.83 8.17
CA GLN E 5 -6.71 29.27 7.14
C GLN E 5 -5.51 28.33 7.13
N GLN E 6 -5.15 27.85 5.95
CA GLN E 6 -4.22 26.74 5.84
C GLN E 6 -3.17 27.10 4.79
N SER E 7 -1.89 27.03 5.18
CA SER E 7 -0.81 27.45 4.29
C SER E 7 -0.67 26.43 3.17
N GLY E 8 -1.14 26.78 1.98
CA GLY E 8 -1.18 25.87 0.87
C GLY E 8 0.06 25.97 0.00
N ALA E 9 0.05 25.17 -1.09
CA ALA E 9 1.01 25.18 -2.18
C ALA E 9 2.43 24.88 -1.71
N GLU E 10 2.82 23.61 -1.71
CA GLU E 10 4.18 23.24 -1.37
C GLU E 10 4.74 22.35 -2.47
N LEU E 11 6.07 22.24 -2.47
CA LEU E 11 6.81 21.55 -3.51
C LEU E 11 8.14 21.16 -2.90
N VAL E 12 8.40 19.86 -2.76
CA VAL E 12 9.47 19.38 -1.89
C VAL E 12 10.25 18.27 -2.58
N ARG E 13 11.57 18.30 -2.42
CA ARG E 13 12.45 17.30 -2.98
C ARG E 13 12.33 15.99 -2.20
N PRO E 14 12.61 14.84 -2.83
CA PRO E 14 12.48 13.56 -2.10
C PRO E 14 13.61 13.42 -1.09
N GLY E 15 13.25 12.98 0.11
CA GLY E 15 14.20 12.87 1.17
C GLY E 15 14.32 14.12 2.02
N ALA E 16 13.59 15.16 1.67
CA ALA E 16 13.57 16.41 2.41
C ALA E 16 12.35 16.42 3.33
N SER E 17 12.15 17.52 4.03
CA SER E 17 11.09 17.62 5.02
C SER E 17 10.23 18.83 4.72
N VAL E 18 9.02 18.83 5.28
CA VAL E 18 8.07 19.93 5.09
C VAL E 18 7.29 20.08 6.39
N LYS E 19 6.87 21.31 6.67
CA LYS E 19 6.13 21.63 7.89
C LYS E 19 4.94 22.47 7.48
N LEU E 20 3.74 21.91 7.63
CA LEU E 20 2.51 22.58 7.21
C LEU E 20 1.89 23.27 8.41
N SER E 21 0.88 24.10 8.13
CA SER E 21 0.29 24.91 9.19
C SER E 21 -1.20 25.10 8.92
N CYS E 22 -1.99 25.10 10.00
CA CYS E 22 -3.42 25.35 9.95
C CYS E 22 -3.74 26.40 11.02
N LYS E 23 -4.28 27.52 10.59
CA LYS E 23 -4.44 28.69 11.44
C LYS E 23 -5.93 28.85 11.75
N ALA E 24 -6.25 28.95 13.03
CA ALA E 24 -7.62 28.93 13.50
C ALA E 24 -8.04 30.30 14.01
N SER E 25 -9.29 30.66 13.77
CA SER E 25 -9.84 31.94 14.20
C SER E 25 -11.34 31.79 14.37
N GLY E 26 -11.88 32.51 15.35
CA GLY E 26 -13.31 32.52 15.60
C GLY E 26 -13.76 31.66 16.76
N TYR E 27 -12.84 30.97 17.43
CA TYR E 27 -13.16 30.13 18.57
C TYR E 27 -11.92 30.01 19.45
N THR E 28 -12.15 29.64 20.70
CA THR E 28 -11.03 29.41 21.63
C THR E 28 -10.30 28.14 21.22
N PHE E 29 -9.03 28.30 20.81
CA PHE E 29 -8.29 27.23 20.15
C PHE E 29 -7.98 26.06 21.07
N THR E 30 -7.84 26.30 22.36
CA THR E 30 -7.45 25.27 23.31
C THR E 30 -8.62 24.45 23.81
N ASP E 31 -9.83 24.64 23.27
CA ASP E 31 -11.01 23.92 23.73
C ASP E 31 -11.44 22.79 22.80
N TYR E 32 -10.84 22.66 21.62
CA TYR E 32 -11.22 21.61 20.69
C TYR E 32 -9.98 21.05 20.02
N GLU E 33 -10.07 19.78 19.61
CA GLU E 33 -8.94 19.09 19.02
C GLU E 33 -8.69 19.58 17.60
N MET E 34 -7.47 19.39 17.13
CA MET E 34 -7.13 19.58 15.73
C MET E 34 -6.84 18.24 15.09
N HIS E 35 -7.49 17.96 13.97
CA HIS E 35 -7.27 16.71 13.24
C HIS E 35 -6.70 17.01 11.86
N TRP E 36 -5.96 16.04 11.32
CA TRP E 36 -5.35 16.16 10.00
C TRP E 36 -5.67 14.93 9.17
N VAL E 37 -6.23 15.14 7.98
CA VAL E 37 -6.70 14.07 7.10
C VAL E 37 -5.99 14.20 5.77
N LYS E 38 -5.53 13.07 5.24
CA LYS E 38 -4.79 13.00 3.99
C LYS E 38 -5.70 12.43 2.91
N GLN E 39 -5.69 13.04 1.72
CA GLN E 39 -6.53 12.57 0.61
C GLN E 39 -5.68 12.36 -0.63
N THR E 40 -5.54 11.12 -1.05
CA THR E 40 -4.95 10.70 -2.30
C THR E 40 -6.05 10.22 -3.22
N PRO E 41 -5.81 10.14 -4.55
CA PRO E 41 -6.80 9.50 -5.43
C PRO E 41 -6.82 7.98 -5.32
N VAL E 42 -5.78 7.36 -4.76
CA VAL E 42 -5.69 5.90 -4.69
C VAL E 42 -6.22 5.38 -3.36
N HIS E 43 -5.67 5.87 -2.25
CA HIS E 43 -6.01 5.38 -0.92
C HIS E 43 -7.21 6.09 -0.34
N GLY E 44 -7.69 7.17 -0.97
CA GLY E 44 -8.84 7.88 -0.47
C GLY E 44 -8.48 8.76 0.71
N LEU E 45 -9.45 8.94 1.60
CA LEU E 45 -9.26 9.78 2.78
C LEU E 45 -8.60 8.95 3.88
N GLU E 46 -7.47 9.43 4.37
CA GLU E 46 -6.69 8.74 5.39
C GLU E 46 -6.49 9.64 6.61
N TRP E 47 -6.70 9.08 7.79
CA TRP E 47 -6.50 9.83 9.02
C TRP E 47 -5.04 9.76 9.42
N ILE E 48 -4.45 10.93 9.64
CA ILE E 48 -3.07 11.00 10.05
C ILE E 48 -2.95 11.01 11.56
N GLY E 49 -3.66 11.94 12.21
CA GLY E 49 -3.62 12.00 13.65
C GLY E 49 -4.39 13.21 14.18
N ALA E 50 -4.29 13.38 15.50
CA ALA E 50 -4.97 14.47 16.19
C ALA E 50 -4.08 15.02 17.29
N ILE E 51 -4.49 16.16 17.85
CA ILE E 51 -3.72 16.82 18.89
C ILE E 51 -4.66 17.63 19.77
N ASP E 52 -4.46 17.54 21.09
CA ASP E 52 -5.11 18.42 22.04
C ASP E 52 -4.25 19.67 22.21
N PRO E 53 -4.76 20.87 21.85
CA PRO E 53 -3.90 22.07 21.81
C PRO E 53 -3.38 22.54 23.17
N GLU E 54 -4.24 22.73 24.16
CA GLU E 54 -3.73 22.81 25.52
C GLU E 54 -3.31 21.42 25.93
N THR E 55 -2.19 21.33 26.67
CA THR E 55 -1.41 20.12 26.94
C THR E 55 -1.11 19.35 25.65
N GLY E 56 0.04 19.63 25.04
CA GLY E 56 0.43 19.06 23.75
C GLY E 56 0.47 17.56 23.68
N GLY E 57 -0.72 16.96 23.59
CA GLY E 57 -0.85 15.51 23.56
C GLY E 57 -1.40 15.06 22.23
N THR E 58 -0.76 14.05 21.65
CA THR E 58 -1.05 13.60 20.30
C THR E 58 -1.49 12.15 20.30
N ALA E 59 -2.17 11.76 19.23
CA ALA E 59 -2.47 10.37 18.93
C ALA E 59 -2.43 10.22 17.42
N TYR E 60 -1.70 9.22 16.94
CA TYR E 60 -1.45 9.04 15.52
C TYR E 60 -2.07 7.73 15.05
N SER E 61 -1.99 7.52 13.74
CA SER E 61 -2.20 6.19 13.17
C SER E 61 -0.84 5.52 13.08
N GLN E 62 -0.84 4.19 13.00
CA GLN E 62 0.42 3.47 13.05
C GLN E 62 1.18 3.55 11.74
N LYS E 63 0.47 3.85 10.64
CA LYS E 63 1.11 4.03 9.34
C LYS E 63 1.94 5.31 9.31
N PHE E 64 1.57 6.32 10.11
CA PHE E 64 2.20 7.62 10.08
C PHE E 64 3.08 7.91 11.28
N LYS E 65 3.26 6.96 12.19
CA LYS E 65 4.16 7.16 13.32
C LYS E 65 5.60 7.14 12.82
N GLY E 66 6.15 8.31 12.50
CA GLY E 66 7.49 8.38 11.94
C GLY E 66 7.57 9.36 10.77
N LYS E 67 6.46 9.48 10.04
CA LYS E 67 6.33 10.53 9.03
C LYS E 67 5.85 11.83 9.65
N ALA E 68 4.71 11.77 10.35
CA ALA E 68 4.03 12.97 10.83
C ALA E 68 4.43 13.33 12.24
N THR E 69 4.54 14.64 12.48
CA THR E 69 4.84 15.17 13.81
C THR E 69 4.03 16.45 13.99
N LYS E 70 3.30 16.55 15.09
CA LYS E 70 2.33 17.61 15.28
C LYS E 70 2.70 18.45 16.49
N THR E 71 2.62 19.77 16.33
CA THR E 71 2.77 20.70 17.44
C THR E 71 1.53 21.58 17.49
N ALA E 72 1.49 22.45 18.50
CA ALA E 72 0.38 23.38 18.68
C ALA E 72 0.89 24.59 19.45
N ASP E 73 0.69 25.77 18.88
CA ASP E 73 1.12 27.03 19.49
C ASP E 73 -0.16 27.81 19.79
N LYS E 74 -0.53 27.87 21.08
CA LYS E 74 -1.78 28.51 21.48
C LYS E 74 -1.67 30.02 21.54
N SER E 75 -0.45 30.57 21.51
CA SER E 75 -0.29 32.01 21.52
C SER E 75 -0.62 32.63 20.17
N SER E 76 -0.55 31.85 19.09
CA SER E 76 -0.91 32.29 17.75
C SER E 76 -2.17 31.62 17.23
N SER E 77 -2.72 30.66 17.99
CA SER E 77 -3.92 29.87 17.65
C SER E 77 -3.76 29.18 16.28
N THR E 78 -2.66 28.45 16.12
CA THR E 78 -2.42 27.67 14.91
C THR E 78 -1.76 26.35 15.27
N ALA E 79 -1.91 25.38 14.37
CA ALA E 79 -1.43 24.01 14.56
C ALA E 79 -0.51 23.64 13.42
N TYR E 80 0.52 22.86 13.71
CA TYR E 80 1.54 22.54 12.74
C TYR E 80 1.61 21.03 12.56
N MET E 81 1.89 20.60 11.34
CA MET E 81 2.10 19.19 11.05
C MET E 81 3.33 19.05 10.16
N GLU E 82 4.24 18.18 10.56
CA GLU E 82 5.55 18.10 9.93
C GLU E 82 5.73 16.71 9.35
N LEU E 83 5.85 16.65 8.03
CA LEU E 83 6.20 15.42 7.32
C LEU E 83 7.70 15.38 7.06
N ARG E 84 8.26 14.18 7.06
CA ARG E 84 9.71 14.00 7.19
C ARG E 84 10.19 12.86 6.32
N SER E 85 11.20 13.14 5.49
CA SER E 85 11.71 12.28 4.42
C SER E 85 10.59 11.77 3.52
N LEU E 86 10.14 12.62 2.59
CA LEU E 86 8.99 12.29 1.77
C LEU E 86 9.39 11.50 0.53
N THR E 87 8.55 10.54 0.16
CA THR E 87 8.64 9.82 -1.08
C THR E 87 7.50 10.28 -1.99
N SER E 88 7.31 9.59 -3.11
CA SER E 88 6.23 9.96 -4.02
C SER E 88 4.88 9.53 -3.48
N GLU E 89 4.85 8.60 -2.50
CA GLU E 89 3.61 8.21 -1.85
C GLU E 89 3.02 9.35 -1.02
N ASP E 90 3.85 10.27 -0.55
CA ASP E 90 3.41 11.32 0.37
C ASP E 90 2.85 12.55 -0.33
N SER E 91 2.76 12.54 -1.66
CA SER E 91 2.24 13.68 -2.40
C SER E 91 0.73 13.56 -2.47
N ALA E 92 0.04 14.44 -1.75
CA ALA E 92 -1.42 14.42 -1.67
C ALA E 92 -1.91 15.80 -1.23
N VAL E 93 -3.20 15.90 -0.94
CA VAL E 93 -3.78 17.08 -0.30
C VAL E 93 -3.98 16.75 1.17
N TYR E 94 -3.60 17.68 2.05
CA TYR E 94 -3.70 17.50 3.49
C TYR E 94 -4.67 18.52 4.05
N TYR E 95 -5.76 18.03 4.64
CA TYR E 95 -6.77 18.88 5.24
C TYR E 95 -6.59 18.94 6.74
N CYS E 96 -6.95 20.07 7.33
CA CYS E 96 -7.11 20.19 8.78
C CYS E 96 -8.58 20.40 9.07
N THR E 97 -9.07 19.76 10.13
CA THR E 97 -10.46 19.93 10.50
C THR E 97 -10.58 19.84 12.01
N ILE E 98 -11.71 20.32 12.53
CA ILE E 98 -11.93 20.29 13.97
C ILE E 98 -13.15 19.44 14.28
N PRO E 99 -13.15 18.74 15.40
CA PRO E 99 -14.39 18.18 15.93
C PRO E 99 -15.18 19.28 16.64
N TYR E 100 -16.02 20.03 15.91
CA TYR E 100 -16.68 21.19 16.49
C TYR E 100 -17.82 20.74 17.38
N TYR E 101 -17.70 21.11 18.67
CA TYR E 101 -18.40 20.72 19.90
C TYR E 101 -18.01 19.31 20.34
N SER E 102 -17.73 18.41 19.39
CA SER E 102 -17.55 17.00 19.67
C SER E 102 -17.02 16.29 18.44
N ASN E 103 -16.57 15.05 18.64
CA ASN E 103 -16.18 14.16 17.55
C ASN E 103 -17.38 13.62 16.78
N LEU E 104 -18.61 13.91 17.22
CA LEU E 104 -19.79 13.59 16.43
C LEU E 104 -19.88 14.47 15.20
N ARG E 105 -19.51 15.74 15.33
CA ARG E 105 -19.68 16.73 14.27
C ARG E 105 -18.32 17.29 13.84
N PHE E 106 -17.80 16.81 12.71
CA PHE E 106 -16.63 17.41 12.07
C PHE E 106 -17.15 18.38 11.01
N ALA E 107 -17.57 19.55 11.47
CA ALA E 107 -18.29 20.51 10.65
C ALA E 107 -17.38 21.47 9.90
N TYR E 108 -16.22 21.80 10.47
CA TYR E 108 -15.36 22.83 9.96
C TYR E 108 -14.06 22.20 9.46
N TRP E 109 -13.84 22.26 8.16
CA TRP E 109 -12.64 21.76 7.52
C TRP E 109 -11.81 22.94 7.03
N GLY E 110 -10.54 22.67 6.74
CA GLY E 110 -9.66 23.70 6.24
C GLY E 110 -9.85 23.97 4.76
N GLN E 111 -8.76 24.08 4.04
CA GLN E 111 -8.81 24.27 2.60
C GLN E 111 -7.90 23.33 1.85
N GLY E 112 -6.99 22.64 2.53
CA GLY E 112 -6.07 21.73 1.90
C GLY E 112 -4.77 22.40 1.56
N THR E 113 -3.66 21.72 1.82
CA THR E 113 -2.36 22.12 1.32
C THR E 113 -1.95 21.07 0.29
N LEU E 114 -1.77 21.49 -0.95
CA LEU E 114 -1.29 20.57 -1.97
C LEU E 114 0.21 20.38 -1.78
N VAL E 115 0.64 19.12 -1.70
CA VAL E 115 2.06 18.78 -1.58
C VAL E 115 2.41 17.94 -2.80
N THR E 116 3.34 18.43 -3.61
CA THR E 116 3.82 17.72 -4.79
C THR E 116 5.28 17.36 -4.55
N VAL E 117 5.61 16.08 -4.66
CA VAL E 117 6.93 15.59 -4.35
C VAL E 117 7.61 15.22 -5.66
N SER E 118 8.44 16.12 -6.18
CA SER E 118 9.23 15.86 -7.37
C SER E 118 10.69 16.16 -7.06
N SER E 119 11.54 15.97 -8.06
CA SER E 119 12.96 15.87 -7.81
C SER E 119 13.81 16.65 -8.81
N ALA E 120 13.19 17.51 -9.63
CA ALA E 120 13.87 18.12 -10.76
C ALA E 120 13.88 19.64 -10.61
N LYS E 121 14.92 20.26 -11.16
CA LYS E 121 14.97 21.70 -11.32
C LYS E 121 14.10 22.05 -12.52
N THR E 122 13.67 23.32 -12.59
CA THR E 122 12.77 23.84 -13.61
C THR E 122 13.31 23.59 -15.02
N THR E 123 12.60 22.76 -15.77
CA THR E 123 13.06 22.22 -17.04
C THR E 123 12.06 22.59 -18.13
N PRO E 124 12.52 23.16 -19.24
CA PRO E 124 11.58 23.59 -20.30
C PRO E 124 11.05 22.41 -21.08
N PRO E 125 9.84 22.49 -21.62
CA PRO E 125 9.25 21.32 -22.27
C PRO E 125 9.81 21.04 -23.65
N SER E 126 9.71 19.79 -24.05
CA SER E 126 9.94 19.38 -25.42
C SER E 126 8.58 19.23 -26.09
N VAL E 127 8.41 19.91 -27.22
CA VAL E 127 7.13 20.01 -27.90
C VAL E 127 7.25 19.30 -29.24
N TYR E 128 6.36 18.34 -29.48
CA TYR E 128 6.41 17.56 -30.71
C TYR E 128 5.07 17.61 -31.43
N PRO E 129 5.08 17.83 -32.75
CA PRO E 129 3.81 17.88 -33.48
C PRO E 129 3.32 16.51 -33.89
N LEU E 130 2.05 16.23 -33.65
CA LEU E 130 1.45 14.93 -33.94
C LEU E 130 0.60 15.08 -35.19
N ALA E 131 1.08 14.53 -36.29
CA ALA E 131 0.43 14.51 -37.58
C ALA E 131 0.09 13.07 -37.94
N PRO E 132 -0.97 12.84 -38.75
CA PRO E 132 -1.37 11.45 -39.05
C PRO E 132 -0.38 10.66 -39.91
N GLY E 133 -0.69 9.39 -40.17
CA GLY E 133 0.30 8.46 -40.71
C GLY E 133 0.32 8.33 -42.22
N CYS E 134 0.15 9.46 -42.92
CA CYS E 134 0.22 9.57 -44.39
C CYS E 134 -0.78 8.67 -45.11
N GLY E 135 -1.91 8.40 -44.47
CA GLY E 135 -3.07 7.82 -45.12
C GLY E 135 -4.14 8.88 -45.22
N ASP E 136 -4.60 9.12 -46.45
CA ASP E 136 -5.61 10.14 -46.69
C ASP E 136 -6.93 9.71 -46.08
N THR E 137 -7.66 10.67 -45.52
CA THR E 137 -8.79 10.34 -44.67
C THR E 137 -9.98 9.83 -45.48
N THR E 138 -10.65 8.81 -44.95
CA THR E 138 -11.94 8.42 -45.49
C THR E 138 -13.06 9.21 -44.82
N GLY E 139 -12.88 9.54 -43.53
CA GLY E 139 -13.85 10.34 -42.81
C GLY E 139 -13.78 11.81 -43.17
N SER E 140 -14.80 12.55 -42.73
CA SER E 140 -14.90 13.96 -43.06
C SER E 140 -13.97 14.80 -42.21
N SER E 141 -13.86 14.49 -40.92
CA SER E 141 -13.07 15.28 -40.00
C SER E 141 -11.61 14.83 -40.05
N VAL E 142 -10.72 15.70 -39.59
CA VAL E 142 -9.29 15.40 -39.47
C VAL E 142 -8.84 15.79 -38.08
N THR E 143 -8.32 14.83 -37.32
CA THR E 143 -7.91 15.05 -35.94
C THR E 143 -6.39 14.97 -35.86
N LEU E 144 -5.80 15.91 -35.12
CA LEU E 144 -4.36 16.14 -35.09
C LEU E 144 -4.04 16.94 -33.83
N GLY E 145 -2.82 16.82 -33.36
CA GLY E 145 -2.56 17.34 -32.03
C GLY E 145 -1.11 17.64 -31.74
N CYS E 146 -0.87 18.00 -30.49
CA CYS E 146 0.41 18.54 -30.06
C CYS E 146 0.79 17.92 -28.73
N LEU E 147 2.05 17.51 -28.59
CA LEU E 147 2.51 16.75 -27.44
C LEU E 147 3.58 17.53 -26.69
N VAL E 148 3.36 17.70 -25.38
CA VAL E 148 4.26 18.44 -24.49
C VAL E 148 4.78 17.43 -23.49
N LYS E 149 6.09 17.16 -23.53
CA LYS E 149 6.66 16.06 -22.75
C LYS E 149 7.86 16.53 -21.95
N GLY E 150 7.87 16.23 -20.66
CA GLY E 150 9.06 16.44 -19.84
C GLY E 150 9.29 17.88 -19.44
N TYR E 151 8.40 18.44 -18.63
CA TYR E 151 8.58 19.80 -18.13
C TYR E 151 8.34 19.83 -16.62
N PHE E 152 8.87 20.89 -15.99
CA PHE E 152 8.72 21.15 -14.58
C PHE E 152 9.01 22.63 -14.35
N PRO E 153 8.28 23.33 -13.48
CA PRO E 153 7.06 22.89 -12.78
C PRO E 153 5.80 23.05 -13.61
N GLU E 154 4.66 23.07 -12.94
CA GLU E 154 3.34 23.08 -13.57
C GLU E 154 2.99 24.54 -13.87
N SER E 155 1.75 24.80 -14.30
CA SER E 155 1.29 25.97 -15.05
C SER E 155 2.09 26.09 -16.35
N VAL E 156 1.52 25.55 -17.42
CA VAL E 156 1.92 25.77 -18.80
C VAL E 156 0.63 26.13 -19.54
N THR E 157 0.76 26.82 -20.67
CA THR E 157 -0.42 27.32 -21.38
C THR E 157 -0.29 27.00 -22.86
N VAL E 158 -1.23 26.21 -23.37
CA VAL E 158 -1.26 25.83 -24.79
C VAL E 158 -2.41 26.57 -25.46
N THR E 159 -2.14 27.11 -26.64
CA THR E 159 -3.16 27.71 -27.50
C THR E 159 -2.91 27.23 -28.92
N TRP E 160 -3.94 27.34 -29.77
CA TRP E 160 -3.86 26.87 -31.14
C TRP E 160 -4.03 28.05 -32.09
N ASN E 161 -3.00 28.27 -32.93
CA ASN E 161 -2.86 29.45 -33.80
C ASN E 161 -3.03 30.75 -32.99
N SER E 162 -2.34 30.79 -31.84
CA SER E 162 -2.37 31.88 -30.86
C SER E 162 -3.77 32.18 -30.33
N GLY E 163 -4.67 31.20 -30.38
CA GLY E 163 -6.03 31.38 -29.92
C GLY E 163 -7.06 31.60 -31.03
N SER E 164 -6.65 31.55 -32.30
CA SER E 164 -7.59 31.88 -33.38
C SER E 164 -8.58 30.77 -33.68
N LEU E 165 -8.28 29.53 -33.32
CA LEU E 165 -9.27 28.46 -33.36
C LEU E 165 -9.38 27.86 -31.97
N SER E 166 -10.61 27.58 -31.56
CA SER E 166 -10.86 27.05 -30.23
C SER E 166 -12.04 26.10 -30.27
N SER E 167 -12.72 26.03 -31.42
CA SER E 167 -13.84 25.11 -31.53
C SER E 167 -13.34 23.68 -31.63
N SER E 168 -13.81 22.85 -30.69
CA SER E 168 -13.51 21.42 -30.54
C SER E 168 -12.00 21.18 -30.42
N VAL E 169 -11.50 21.62 -29.27
CA VAL E 169 -10.15 21.34 -28.83
C VAL E 169 -10.26 20.65 -27.47
N HIS E 170 -9.41 19.66 -27.25
CA HIS E 170 -9.35 18.92 -25.99
C HIS E 170 -7.93 19.04 -25.47
N THR E 171 -7.74 19.82 -24.41
CA THR E 171 -6.45 19.95 -23.74
C THR E 171 -6.51 19.14 -22.45
N PHE E 172 -5.69 18.15 -22.37
CA PHE E 172 -5.72 17.17 -21.30
C PHE E 172 -4.81 17.61 -20.16
N PRO E 173 -5.14 17.25 -18.91
CA PRO E 173 -4.29 17.65 -17.79
C PRO E 173 -3.02 16.82 -17.73
N ALA E 174 -2.05 17.35 -17.00
CA ALA E 174 -0.71 16.78 -17.00
C ALA E 174 -0.59 15.67 -15.96
N LEU E 175 0.38 14.79 -16.18
CA LEU E 175 0.67 13.70 -15.27
C LEU E 175 2.14 13.73 -14.89
N LEU E 176 2.41 13.53 -13.61
CA LEU E 176 3.78 13.43 -13.15
C LEU E 176 4.29 12.02 -13.47
N GLN E 177 5.38 11.96 -14.22
CA GLN E 177 5.98 10.70 -14.65
C GLN E 177 7.49 10.86 -14.60
N SER E 178 8.14 10.09 -13.71
CA SER E 178 9.59 10.13 -13.47
C SER E 178 10.05 11.54 -13.10
N GLY E 179 9.30 12.19 -12.21
CA GLY E 179 9.61 13.53 -11.75
C GLY E 179 9.28 14.64 -12.72
N LEU E 180 8.69 14.33 -13.88
CA LEU E 180 8.46 15.31 -14.93
C LEU E 180 7.03 15.22 -15.46
N TYR E 181 6.46 16.38 -15.80
CA TYR E 181 5.10 16.45 -16.28
C TYR E 181 5.03 16.22 -17.78
N THR E 182 3.83 15.88 -18.26
CA THR E 182 3.60 15.63 -19.68
C THR E 182 2.15 15.92 -20.00
N MET E 183 1.92 16.80 -20.98
CA MET E 183 0.59 17.28 -21.33
C MET E 183 0.36 17.06 -22.82
N SER E 184 -0.86 16.70 -23.20
CA SER E 184 -1.20 16.52 -24.60
C SER E 184 -2.46 17.32 -24.91
N SER E 185 -2.62 17.63 -26.20
CA SER E 185 -3.80 18.37 -26.66
C SER E 185 -4.10 17.97 -28.09
N SER E 186 -5.40 17.92 -28.43
CA SER E 186 -5.86 17.52 -29.75
C SER E 186 -6.88 18.54 -30.25
N VAL E 187 -6.83 18.84 -31.54
CA VAL E 187 -7.77 19.75 -32.20
C VAL E 187 -8.39 18.99 -33.37
N THR E 188 -9.67 19.24 -33.64
CA THR E 188 -10.40 18.53 -34.69
C THR E 188 -10.98 19.52 -35.69
N VAL E 189 -10.64 19.33 -36.96
CA VAL E 189 -11.05 20.18 -38.08
C VAL E 189 -11.62 19.28 -39.17
N PRO E 190 -12.37 19.81 -40.13
CA PRO E 190 -12.76 19.00 -41.28
C PRO E 190 -11.58 18.90 -42.25
N SER E 191 -11.77 18.07 -43.28
CA SER E 191 -10.71 17.78 -44.24
C SER E 191 -10.36 19.00 -45.09
N SER E 192 -11.29 19.93 -45.25
CA SER E 192 -11.03 21.13 -46.04
C SER E 192 -10.20 22.16 -45.28
N THR E 193 -10.05 22.02 -43.95
CA THR E 193 -9.26 22.97 -43.18
C THR E 193 -7.78 22.62 -43.23
N TRP E 194 -7.45 21.35 -43.02
CA TRP E 194 -6.06 20.90 -43.00
C TRP E 194 -5.76 19.94 -44.15
N PRO E 195 -4.61 20.09 -44.83
CA PRO E 195 -3.56 21.08 -44.62
C PRO E 195 -3.69 22.33 -45.50
N SER E 196 -4.92 22.73 -45.83
CA SER E 196 -5.13 23.93 -46.65
C SER E 196 -4.68 25.17 -45.90
N GLN E 197 -5.19 25.37 -44.69
CA GLN E 197 -4.72 26.42 -43.80
C GLN E 197 -3.58 25.90 -42.94
N THR E 198 -3.08 26.74 -42.03
CA THR E 198 -1.93 26.40 -41.20
C THR E 198 -2.38 26.28 -39.75
N VAL E 199 -2.12 25.15 -39.13
CA VAL E 199 -2.47 24.90 -37.74
C VAL E 199 -1.16 24.69 -36.99
N THR E 200 -0.85 25.61 -36.06
CA THR E 200 0.34 25.51 -35.23
C THR E 200 -0.06 25.38 -33.76
N CYS E 201 0.87 24.87 -32.97
CA CYS E 201 0.68 24.65 -31.55
C CYS E 201 1.52 25.68 -30.79
N SER E 202 0.85 26.51 -29.99
CA SER E 202 1.49 27.61 -29.28
C SER E 202 1.51 27.27 -27.79
N VAL E 203 2.67 26.89 -27.28
CA VAL E 203 2.82 26.47 -25.89
C VAL E 203 3.77 27.45 -25.18
N ALA E 204 3.49 27.74 -23.92
CA ALA E 204 4.21 28.77 -23.18
C ALA E 204 4.43 28.28 -21.76
N HIS E 205 5.68 28.04 -21.40
CA HIS E 205 6.04 27.65 -20.05
C HIS E 205 6.67 28.84 -19.35
N PRO E 206 5.97 29.51 -18.42
CA PRO E 206 6.47 30.78 -17.89
C PRO E 206 7.54 30.62 -16.83
N ALA E 207 7.63 29.46 -16.17
CA ALA E 207 8.57 29.31 -15.08
C ALA E 207 10.01 29.23 -15.59
N SER E 208 10.19 28.76 -16.82
CA SER E 208 11.50 28.75 -17.48
C SER E 208 11.61 29.83 -18.54
N SER E 209 10.63 30.74 -18.62
CA SER E 209 10.53 31.81 -19.61
C SER E 209 10.61 31.28 -21.05
N THR E 210 9.88 30.20 -21.32
CA THR E 210 9.95 29.50 -22.59
C THR E 210 8.62 29.61 -23.32
N THR E 211 8.68 30.01 -24.59
CA THR E 211 7.55 29.92 -25.50
C THR E 211 8.04 29.40 -26.83
N VAL E 212 7.36 28.39 -27.35
CA VAL E 212 7.73 27.66 -28.56
C VAL E 212 6.48 27.50 -29.41
N ASP E 213 6.60 27.79 -30.70
CA ASP E 213 5.54 27.50 -31.67
C ASP E 213 5.98 26.33 -32.55
N LYS E 214 5.10 25.35 -32.72
CA LYS E 214 5.39 24.18 -33.54
C LYS E 214 4.32 24.06 -34.62
N LYS E 215 4.74 24.18 -35.87
CA LYS E 215 3.81 24.04 -36.98
C LYS E 215 3.62 22.57 -37.35
N LEU E 216 2.37 22.19 -37.53
CA LEU E 216 2.02 20.79 -37.78
C LEU E 216 1.87 20.60 -39.28
N GLU E 217 2.90 20.01 -39.89
CA GLU E 217 2.98 19.78 -41.32
C GLU E 217 2.76 18.30 -41.62
N PRO E 218 2.19 17.97 -42.79
CA PRO E 218 2.00 16.55 -43.13
C PRO E 218 3.30 15.84 -43.48
N SER E 219 3.20 14.55 -43.83
CA SER E 219 4.39 13.74 -44.09
C SER E 219 4.14 12.64 -45.11
N GLY F 14 -17.59 3.38 35.61
CA GLY F 14 -18.51 3.57 34.50
C GLY F 14 -18.32 4.85 33.70
N GLN F 15 -17.05 5.25 33.52
CA GLN F 15 -16.75 6.54 32.90
C GLN F 15 -17.01 6.57 31.40
N GLU F 16 -16.85 5.43 30.70
CA GLU F 16 -17.01 5.41 29.25
C GLU F 16 -18.46 5.59 28.83
N THR F 17 -19.41 5.23 29.70
CA THR F 17 -20.81 5.52 29.43
C THR F 17 -21.08 7.01 29.54
N LEU F 18 -20.46 7.66 30.53
CA LEU F 18 -20.63 9.11 30.67
C LEU F 18 -19.89 9.88 29.59
N ARG F 19 -18.74 9.37 29.14
CA ARG F 19 -17.97 10.04 28.11
C ARG F 19 -18.68 10.02 26.76
N GLU F 20 -19.31 8.89 26.41
CA GLU F 20 -20.00 8.77 25.14
C GLU F 20 -21.25 9.65 25.09
N HIS F 21 -21.93 9.79 26.22
CA HIS F 21 -23.11 10.65 26.29
C HIS F 21 -22.71 12.13 26.33
N TYR F 22 -21.58 12.46 26.98
CA TYR F 22 -21.05 13.81 26.95
C TYR F 22 -20.33 14.12 25.63
N GLN F 23 -19.99 13.10 24.83
CA GLN F 23 -19.54 13.31 23.45
C GLN F 23 -20.70 13.39 22.48
N TYR F 24 -21.82 12.74 22.74
CA TYR F 24 -22.95 12.86 21.83
C TYR F 24 -23.60 14.23 21.96
N VAL F 25 -23.69 14.74 23.19
CA VAL F 25 -24.32 16.01 23.47
C VAL F 25 -23.44 17.18 23.04
N GLY F 26 -22.13 17.07 23.28
CA GLY F 26 -21.20 18.10 22.84
C GLY F 26 -20.41 18.76 23.96
N LYS F 27 -20.52 18.21 25.17
CA LYS F 27 -19.87 18.78 26.35
C LYS F 27 -18.46 18.29 26.61
N LEU F 28 -17.99 17.26 25.90
CA LEU F 28 -16.66 16.71 26.15
C LEU F 28 -15.66 17.02 25.04
N ALA F 29 -16.14 17.11 23.79
CA ALA F 29 -15.33 17.33 22.59
C ALA F 29 -14.17 16.37 22.37
N GLY F 30 -14.48 15.17 21.89
CA GLY F 30 -13.44 14.31 21.34
C GLY F 30 -12.99 13.21 22.27
N ARG F 31 -12.40 12.19 21.67
CA ARG F 31 -11.94 11.00 22.38
C ARG F 31 -10.51 11.13 22.88
N LEU F 32 -9.93 12.33 22.83
CA LEU F 32 -8.54 12.53 23.20
C LEU F 32 -8.45 13.65 24.23
N LYS F 33 -9.39 14.59 24.19
CA LYS F 33 -9.32 15.75 25.06
C LYS F 33 -9.92 15.42 26.43
N GLU F 34 -9.16 15.69 27.48
CA GLU F 34 -9.68 15.59 28.83
C GLU F 34 -10.45 16.86 29.15
N ALA F 35 -11.58 16.69 29.83
CA ALA F 35 -12.51 17.79 30.04
C ALA F 35 -12.01 18.76 31.10
N SER F 36 -12.54 19.97 31.01
CA SER F 36 -12.24 21.03 31.98
C SER F 36 -13.38 22.03 31.95
N GLU F 37 -13.84 22.42 33.14
CA GLU F 37 -14.80 23.51 33.27
C GLU F 37 -14.28 24.33 34.44
N GLY F 38 -13.59 25.42 34.13
CA GLY F 38 -13.05 26.28 35.16
C GLY F 38 -14.12 27.22 35.69
N SER F 39 -13.95 28.51 35.43
CA SER F 39 -14.85 29.60 35.83
C SER F 39 -15.11 29.57 37.33
N THR F 40 -14.00 29.64 38.10
CA THR F 40 -14.08 29.52 39.55
C THR F 40 -14.68 30.76 40.22
N LEU F 41 -15.06 31.77 39.44
CA LEU F 41 -15.96 32.81 39.92
C LEU F 41 -17.33 32.22 40.14
N THR F 42 -17.88 31.57 39.11
CA THR F 42 -19.24 31.03 39.13
C THR F 42 -19.39 29.85 40.07
N THR F 43 -18.30 29.17 40.44
CA THR F 43 -18.40 28.08 41.39
C THR F 43 -18.62 28.61 42.80
N VAL F 44 -17.75 29.53 43.24
CA VAL F 44 -17.94 30.19 44.52
C VAL F 44 -19.06 31.24 44.49
N LEU F 45 -19.49 31.68 43.30
CA LEU F 45 -20.70 32.49 43.26
C LEU F 45 -21.90 31.66 43.66
N PHE F 46 -22.07 30.50 43.03
CA PHE F 46 -23.26 29.69 43.27
C PHE F 46 -23.24 29.00 44.63
N LEU F 47 -22.04 28.74 45.19
CA LEU F 47 -21.97 28.08 46.49
C LEU F 47 -22.46 28.98 47.61
N VAL F 48 -22.14 30.27 47.56
CA VAL F 48 -22.62 31.20 48.58
C VAL F 48 -24.09 31.53 48.40
N ILE F 49 -24.66 31.33 47.21
CA ILE F 49 -26.12 31.37 47.08
C ILE F 49 -26.72 30.24 47.88
N CYS F 50 -26.17 29.04 47.71
CA CYS F 50 -26.64 27.84 48.41
C CYS F 50 -26.32 27.88 49.89
N SER F 51 -25.19 28.51 50.25
CA SER F 51 -24.87 28.69 51.64
C SER F 51 -25.79 29.73 52.29
N PHE F 52 -26.43 30.57 51.48
CA PHE F 52 -27.43 31.51 51.95
C PHE F 52 -28.84 30.91 51.91
N ILE F 53 -29.10 29.98 50.99
CA ILE F 53 -30.37 29.25 50.98
C ILE F 53 -30.42 28.29 52.16
N VAL F 54 -29.28 27.67 52.50
CA VAL F 54 -29.25 26.72 53.61
C VAL F 54 -29.39 27.48 54.93
N LEU F 55 -28.93 28.73 55.00
CA LEU F 55 -29.04 29.52 56.23
C LEU F 55 -30.43 30.11 56.41
N GLU F 56 -31.06 30.62 55.34
CA GLU F 56 -32.39 31.22 55.44
C GLU F 56 -33.44 30.20 55.89
N ASN F 57 -33.45 29.03 55.25
CA ASN F 57 -34.49 28.07 55.57
C ASN F 57 -34.21 27.32 56.86
N LEU F 58 -32.96 27.35 57.35
CA LEU F 58 -32.68 26.82 58.68
C LEU F 58 -33.19 27.74 59.77
N MET F 59 -33.16 29.06 59.53
CA MET F 59 -33.66 30.00 60.52
C MET F 59 -35.18 29.92 60.64
N VAL F 60 -35.87 29.49 59.58
CA VAL F 60 -37.31 29.33 59.65
C VAL F 60 -37.68 28.16 60.55
N LEU F 61 -36.90 27.07 60.49
CA LEU F 61 -37.24 25.86 61.23
C LEU F 61 -36.95 25.99 62.72
N ILE F 62 -35.89 26.72 63.09
CA ILE F 62 -35.68 26.99 64.51
C ILE F 62 -36.73 27.97 65.02
N ALA F 63 -37.24 28.83 64.13
CA ALA F 63 -38.31 29.75 64.53
C ALA F 63 -39.65 29.04 64.72
N ILE F 64 -39.84 27.87 64.11
CA ILE F 64 -41.04 27.07 64.35
C ILE F 64 -40.68 25.94 65.30
N TRP F 65 -40.36 26.29 66.55
CA TRP F 65 -40.42 25.34 67.65
C TRP F 65 -41.79 25.37 68.32
N LYS F 66 -42.48 26.52 68.19
CA LYS F 66 -43.90 26.72 68.53
C LYS F 66 -44.23 26.48 70.00
N ARG F 73 -49.55 24.08 64.03
CA ARG F 73 -50.77 24.80 63.65
C ARG F 73 -50.99 24.73 62.13
N MET F 74 -50.52 25.77 61.45
CA MET F 74 -50.63 25.98 60.00
C MET F 74 -49.27 26.35 59.41
N TYR F 75 -48.30 26.70 60.25
CA TYR F 75 -46.89 26.85 59.90
C TYR F 75 -46.23 25.52 59.50
N PHE F 76 -46.91 24.37 59.59
CA PHE F 76 -46.32 23.14 59.06
C PHE F 76 -46.21 23.20 57.54
N PHE F 77 -47.09 23.96 56.87
CA PHE F 77 -46.98 24.16 55.43
C PHE F 77 -45.75 24.99 55.06
N ILE F 78 -45.46 26.04 55.83
CA ILE F 78 -44.21 26.78 55.64
C ILE F 78 -43.04 25.95 56.15
N GLY F 79 -43.27 25.16 57.21
CA GLY F 79 -42.23 24.28 57.71
C GLY F 79 -41.94 23.13 56.77
N ASN F 80 -42.97 22.67 56.03
CA ASN F 80 -42.72 21.69 54.99
C ASN F 80 -42.03 22.33 53.79
N LEU F 81 -42.44 23.56 53.45
CA LEU F 81 -41.89 24.25 52.29
C LEU F 81 -40.42 24.59 52.50
N ALA F 82 -40.07 25.04 53.71
CA ALA F 82 -38.68 25.35 54.00
C ALA F 82 -37.83 24.09 54.12
N LEU F 83 -38.45 22.94 54.41
CA LEU F 83 -37.73 21.67 54.38
C LEU F 83 -37.38 21.26 52.95
N CYS F 84 -38.29 21.54 52.02
CA CYS F 84 -38.01 21.29 50.60
C CYS F 84 -36.89 22.19 50.13
N ASP F 85 -36.91 23.46 50.52
CA ASP F 85 -35.87 24.39 50.12
C ASP F 85 -34.59 24.23 50.94
N LEU F 86 -34.67 23.60 52.11
CA LEU F 86 -33.45 23.26 52.83
C LEU F 86 -32.68 22.18 52.06
N LEU F 87 -33.39 21.12 51.65
CA LEU F 87 -32.74 20.04 50.94
C LEU F 87 -32.37 20.43 49.52
N ALA F 88 -33.07 21.41 48.95
CA ALA F 88 -32.69 21.94 47.64
C ALA F 88 -31.34 22.66 47.70
N GLY F 89 -31.06 23.37 48.80
CA GLY F 89 -29.77 24.03 48.93
C GLY F 89 -28.64 23.08 49.28
N ILE F 90 -28.92 22.02 50.04
CA ILE F 90 -27.86 21.07 50.36
C ILE F 90 -27.55 20.20 49.16
N ALA F 91 -28.52 19.96 48.26
CA ALA F 91 -28.30 19.09 47.12
C ALA F 91 -27.59 19.83 45.99
N TYR F 92 -27.86 21.13 45.81
CA TYR F 92 -27.14 21.87 44.80
C TYR F 92 -25.71 22.15 45.25
N LYS F 93 -25.48 22.23 46.56
CA LYS F 93 -24.11 22.25 47.07
C LYS F 93 -23.40 20.94 46.74
N VAL F 94 -24.13 19.82 46.82
CA VAL F 94 -23.59 18.54 46.38
C VAL F 94 -23.51 18.50 44.85
N ASN F 95 -24.47 19.12 44.15
CA ASN F 95 -24.50 19.03 42.69
C ASN F 95 -23.39 19.85 42.05
N ILE F 96 -23.00 20.98 42.65
CA ILE F 96 -21.86 21.76 42.16
C ILE F 96 -20.56 21.02 42.43
N LEU F 97 -20.42 20.50 43.65
CA LEU F 97 -19.15 19.93 44.10
C LEU F 97 -18.86 18.58 43.48
N MET F 98 -19.82 17.95 42.80
CA MET F 98 -19.60 16.69 42.12
C MET F 98 -19.87 16.80 40.61
N SER F 99 -19.64 17.96 40.02
CA SER F 99 -19.82 18.19 38.60
C SER F 99 -18.61 18.92 38.06
N GLY F 100 -18.60 19.14 36.75
CA GLY F 100 -17.53 19.89 36.12
C GLY F 100 -16.38 19.01 35.68
N LYS F 101 -15.21 19.19 36.30
CA LYS F 101 -14.06 18.40 35.89
C LYS F 101 -14.13 16.98 36.43
N LYS F 102 -14.63 16.81 37.65
CA LYS F 102 -14.63 15.50 38.30
C LYS F 102 -15.99 14.82 38.22
N THR F 103 -16.75 15.07 37.16
CA THR F 103 -17.99 14.35 36.90
C THR F 103 -17.77 13.06 36.14
N PHE F 104 -16.53 12.74 35.77
CA PHE F 104 -16.20 11.51 35.06
C PHE F 104 -15.58 10.46 35.96
N SER F 105 -15.44 10.74 37.26
CA SER F 105 -15.07 9.76 38.26
C SER F 105 -16.27 9.04 38.85
N LEU F 106 -17.45 9.26 38.28
CA LEU F 106 -18.72 8.79 38.83
C LEU F 106 -19.26 7.63 38.01
N SER F 107 -19.87 6.67 38.70
CA SER F 107 -20.67 5.67 38.03
C SER F 107 -21.92 6.33 37.44
N PRO F 108 -22.51 5.77 36.38
CA PRO F 108 -23.81 6.28 35.93
C PRO F 108 -24.93 6.11 36.97
N THR F 109 -24.81 5.12 37.86
CA THR F 109 -25.75 4.99 38.97
C THR F 109 -25.57 6.12 39.98
N VAL F 110 -24.33 6.56 40.19
CA VAL F 110 -24.09 7.72 41.04
C VAL F 110 -24.51 8.99 40.32
N TRP F 111 -24.39 9.00 38.99
CA TRP F 111 -24.81 10.15 38.18
C TRP F 111 -26.32 10.34 38.25
N PHE F 112 -27.07 9.24 38.32
CA PHE F 112 -28.51 9.34 38.47
C PHE F 112 -28.90 9.82 39.87
N LEU F 113 -28.08 9.52 40.87
CA LEU F 113 -28.33 9.98 42.23
C LEU F 113 -28.00 11.46 42.38
N ARG F 114 -27.01 11.96 41.66
CA ARG F 114 -26.62 13.36 41.79
C ARG F 114 -27.68 14.29 41.22
N GLU F 115 -28.31 13.88 40.12
CA GLU F 115 -29.27 14.74 39.43
C GLU F 115 -30.69 14.48 39.92
N GLY F 116 -31.00 13.24 40.26
CA GLY F 116 -32.33 12.91 40.70
C GLY F 116 -32.63 13.34 42.11
N SER F 117 -31.60 13.66 42.90
CA SER F 117 -31.78 14.26 44.21
C SER F 117 -32.33 15.69 44.10
N MET F 118 -32.17 16.33 42.94
CA MET F 118 -32.67 17.66 42.71
C MET F 118 -34.04 17.66 42.06
N PHE F 119 -34.47 16.53 41.50
CA PHE F 119 -35.81 16.45 40.95
C PHE F 119 -36.81 16.02 42.00
N VAL F 120 -36.33 15.41 43.07
CA VAL F 120 -37.18 15.12 44.22
C VAL F 120 -37.21 16.32 45.17
N ALA F 121 -36.13 17.11 45.24
CA ALA F 121 -36.10 18.26 46.14
C ALA F 121 -36.86 19.44 45.54
N LEU F 122 -36.55 19.81 44.30
CA LEU F 122 -37.28 20.88 43.64
C LEU F 122 -38.67 20.42 43.22
N GLY F 123 -38.85 19.10 43.02
CA GLY F 123 -40.17 18.58 42.77
C GLY F 123 -41.08 18.69 43.98
N ALA F 124 -40.54 18.41 45.17
CA ALA F 124 -41.33 18.60 46.39
C ALA F 124 -41.51 20.07 46.71
N SER F 125 -40.62 20.94 46.21
CA SER F 125 -40.79 22.37 46.42
C SER F 125 -41.95 22.91 45.60
N THR F 126 -42.02 22.52 44.32
CA THR F 126 -43.07 23.04 43.45
C THR F 126 -44.42 22.42 43.77
N CYS F 127 -44.43 21.19 44.28
CA CYS F 127 -45.69 20.59 44.71
C CYS F 127 -46.20 21.23 45.99
N SER F 128 -45.30 21.76 46.82
CA SER F 128 -45.71 22.37 48.08
C SER F 128 -46.37 23.73 47.87
N LEU F 129 -45.90 24.54 46.90
CA LEU F 129 -46.60 25.79 46.58
C LEU F 129 -47.98 25.54 46.03
N LEU F 130 -48.18 24.41 45.34
CA LEU F 130 -49.53 24.01 44.95
C LEU F 130 -50.34 23.58 46.17
N ALA F 131 -49.69 22.95 47.15
CA ALA F 131 -50.39 22.52 48.36
C ALA F 131 -50.80 23.71 49.22
N ILE F 132 -49.99 24.77 49.20
CA ILE F 132 -50.39 26.03 49.82
C ILE F 132 -51.54 26.66 49.02
N ALA F 133 -51.52 26.52 47.70
CA ALA F 133 -52.57 27.10 46.88
C ALA F 133 -53.89 26.35 47.03
N ILE F 134 -53.83 25.03 47.16
CA ILE F 134 -55.06 24.27 47.20
C ILE F 134 -55.70 24.29 48.59
N GLU F 135 -54.91 24.41 49.67
CA GLU F 135 -55.48 24.39 51.02
C GLU F 135 -55.80 25.80 51.52
N ARG F 136 -54.83 26.72 51.49
CA ARG F 136 -55.00 28.05 52.05
C ARG F 136 -55.93 28.94 51.23
N HIS F 137 -56.29 28.52 50.01
CA HIS F 137 -57.18 29.32 49.17
C HIS F 137 -58.45 28.59 48.80
N LEU F 138 -58.37 27.31 48.42
CA LEU F 138 -59.61 26.65 48.04
C LEU F 138 -60.31 25.99 49.22
N THR F 139 -59.55 25.38 50.14
CA THR F 139 -60.15 24.66 51.25
C THR F 139 -60.62 25.58 52.37
N MET F 140 -60.20 26.86 52.39
CA MET F 140 -60.73 27.81 53.35
C MET F 140 -62.19 28.18 53.09
N ILE F 141 -62.73 27.81 51.93
CA ILE F 141 -64.14 28.02 51.64
C ILE F 141 -64.85 26.74 52.06
N LYS F 142 -65.92 26.86 52.84
CA LYS F 142 -66.67 25.70 53.28
C LYS F 142 -67.87 25.56 52.35
N MET F 143 -67.78 24.60 51.43
CA MET F 143 -68.87 24.30 50.52
C MET F 143 -69.18 22.80 50.57
N ARG F 144 -68.20 21.97 50.25
CA ARG F 144 -68.38 20.53 50.24
C ARG F 144 -67.85 19.95 51.55
N PRO F 145 -68.68 19.23 52.33
CA PRO F 145 -68.18 18.61 53.58
C PRO F 145 -67.60 17.22 53.40
N TYR F 146 -67.28 16.82 52.16
CA TYR F 146 -66.69 15.50 51.92
C TYR F 146 -65.27 15.39 52.45
N ASP F 147 -64.55 16.51 52.49
CA ASP F 147 -63.18 16.44 52.98
C ASP F 147 -63.21 16.55 54.50
N ALA F 148 -62.53 15.62 55.16
CA ALA F 148 -62.36 15.66 56.62
C ALA F 148 -61.48 16.84 56.97
N ASN F 149 -62.10 17.93 57.43
CA ASN F 149 -61.45 19.23 57.60
C ASN F 149 -60.63 19.35 58.89
N LYS F 150 -60.10 18.22 59.39
CA LYS F 150 -59.08 18.22 60.41
C LYS F 150 -57.72 18.30 59.74
N ARG F 151 -56.67 17.92 60.47
CA ARG F 151 -55.32 17.86 59.92
C ARG F 151 -55.02 16.56 59.16
N HIS F 152 -56.06 15.75 58.88
CA HIS F 152 -55.90 14.54 58.09
C HIS F 152 -55.78 14.85 56.60
N ARG F 153 -56.36 15.96 56.13
CA ARG F 153 -56.19 16.33 54.72
C ARG F 153 -54.83 16.95 54.46
N VAL F 154 -54.34 17.76 55.40
CA VAL F 154 -53.06 18.42 55.22
C VAL F 154 -51.93 17.42 55.37
N PHE F 155 -52.17 16.27 56.00
CA PHE F 155 -51.21 15.17 55.97
C PHE F 155 -51.28 14.45 54.63
N LEU F 156 -52.48 14.36 54.07
CA LEU F 156 -52.65 13.72 52.78
C LEU F 156 -52.11 14.61 51.67
N LEU F 157 -52.08 15.93 51.87
CA LEU F 157 -51.48 16.82 50.89
C LEU F 157 -49.96 16.67 50.88
N ILE F 158 -49.33 16.76 52.06
CA ILE F 158 -47.88 16.72 52.15
C ILE F 158 -47.37 15.30 51.85
N GLY F 159 -48.16 14.28 52.19
CA GLY F 159 -47.82 12.92 51.81
C GLY F 159 -47.88 12.71 50.31
N MET F 160 -48.88 13.30 49.66
CA MET F 160 -48.93 13.24 48.20
C MET F 160 -47.90 14.16 47.56
N CYS F 161 -47.49 15.25 48.24
CA CYS F 161 -46.48 16.12 47.67
C CYS F 161 -45.09 15.48 47.68
N TRP F 162 -44.80 14.67 48.68
CA TRP F 162 -43.51 14.02 48.75
C TRP F 162 -43.48 12.70 48.01
N LEU F 163 -44.65 12.09 47.79
CA LEU F 163 -44.71 10.84 47.04
C LEU F 163 -44.48 11.08 45.56
N ILE F 164 -45.15 12.10 45.01
CA ILE F 164 -45.01 12.44 43.59
C ILE F 164 -43.60 12.96 43.28
N ALA F 165 -42.97 13.63 44.24
CA ALA F 165 -41.61 14.10 44.03
C ALA F 165 -40.61 12.94 43.98
N PHE F 166 -40.79 11.94 44.85
CA PHE F 166 -39.93 10.78 44.82
C PHE F 166 -40.23 9.89 43.62
N THR F 167 -41.48 9.82 43.17
CA THR F 167 -41.83 8.96 42.06
C THR F 167 -41.32 9.54 40.75
N LEU F 168 -41.55 10.83 40.54
CA LEU F 168 -41.08 11.47 39.33
C LEU F 168 -39.56 11.66 39.34
N GLY F 169 -38.99 11.96 40.52
CA GLY F 169 -37.58 12.28 40.59
C GLY F 169 -36.67 11.10 40.42
N ALA F 170 -37.10 9.94 40.90
CA ALA F 170 -36.33 8.71 40.74
C ALA F 170 -36.86 7.85 39.60
N LEU F 171 -37.70 8.40 38.74
CA LEU F 171 -38.19 7.71 37.55
C LEU F 171 -37.13 7.43 36.46
N PRO F 172 -36.09 8.25 36.23
CA PRO F 172 -35.05 7.80 35.29
C PRO F 172 -34.20 6.63 35.77
N ILE F 173 -33.81 6.59 37.05
CA ILE F 173 -32.91 5.53 37.54
C ILE F 173 -33.62 4.17 37.60
N LEU F 174 -34.95 4.17 37.70
CA LEU F 174 -35.67 2.90 37.62
C LEU F 174 -35.79 2.39 36.19
N GLY F 175 -35.51 3.22 35.20
CA GLY F 175 -35.49 2.71 33.84
C GLY F 175 -35.60 3.74 32.73
N TRP F 176 -36.38 4.80 32.92
CA TRP F 176 -36.74 5.72 31.85
C TRP F 176 -35.58 6.68 31.61
N ASN F 177 -34.59 6.18 30.88
CA ASN F 177 -33.40 6.93 30.52
C ASN F 177 -33.12 6.73 29.05
N CYS F 178 -32.03 7.31 28.57
CA CYS F 178 -31.60 7.11 27.20
C CYS F 178 -30.34 6.23 27.12
N LEU F 179 -30.13 5.37 28.12
CA LEU F 179 -29.04 4.42 28.03
C LEU F 179 -29.34 3.37 26.95
N HIS F 180 -28.33 3.11 26.12
CA HIS F 180 -28.36 2.26 24.93
C HIS F 180 -29.35 2.74 23.86
N ASN F 181 -29.70 4.03 23.88
CA ASN F 181 -30.52 4.65 22.84
C ASN F 181 -30.18 6.14 22.84
N LEU F 182 -29.08 6.47 22.17
CA LEU F 182 -28.55 7.83 22.16
C LEU F 182 -29.43 8.92 21.52
N PRO F 183 -30.23 8.73 20.46
CA PRO F 183 -31.05 9.85 19.94
C PRO F 183 -32.13 10.38 20.88
N ASP F 184 -32.41 9.71 22.00
CA ASP F 184 -33.42 10.19 22.92
C ASP F 184 -32.80 10.91 24.12
N CYS F 185 -31.49 11.14 24.06
CA CYS F 185 -30.76 11.79 25.14
C CYS F 185 -30.93 13.30 25.08
N SER F 186 -31.29 13.88 26.22
CA SER F 186 -31.40 15.32 26.36
C SER F 186 -30.02 15.97 26.35
N THR F 187 -29.99 17.28 26.07
CA THR F 187 -28.74 18.01 25.98
C THR F 187 -28.29 18.56 27.33
N ILE F 188 -29.24 18.91 28.20
CA ILE F 188 -28.88 19.40 29.53
C ILE F 188 -28.45 18.26 30.42
N LEU F 189 -29.26 17.20 30.46
CA LEU F 189 -28.98 15.98 31.20
C LEU F 189 -28.70 14.89 30.16
N PRO F 190 -27.44 14.53 29.93
CA PRO F 190 -27.11 13.66 28.78
C PRO F 190 -27.55 12.21 28.95
N LEU F 191 -28.02 11.81 30.12
CA LEU F 191 -28.53 10.46 30.29
C LEU F 191 -30.04 10.42 30.45
N TYR F 192 -30.70 11.56 30.66
CA TYR F 192 -32.15 11.55 30.79
C TYR F 192 -32.80 11.45 29.40
N SER F 193 -34.08 11.09 29.41
CA SER F 193 -34.82 10.90 28.16
C SER F 193 -35.62 12.16 27.89
N LYS F 194 -35.69 12.54 26.60
CA LYS F 194 -36.47 13.70 26.21
C LYS F 194 -37.97 13.49 26.39
N LYS F 195 -38.43 12.24 26.31
CA LYS F 195 -39.81 11.94 26.65
C LYS F 195 -40.05 12.00 28.15
N TYR F 196 -39.00 11.76 28.97
CA TYR F 196 -39.15 12.00 30.40
C TYR F 196 -39.20 13.49 30.68
N ILE F 197 -38.41 14.28 29.96
CA ILE F 197 -38.50 15.74 30.06
C ILE F 197 -39.87 16.22 29.63
N ALA F 198 -40.41 15.62 28.56
CA ALA F 198 -41.74 15.98 28.06
C ALA F 198 -42.84 15.58 29.03
N PHE F 199 -42.61 14.55 29.85
CA PHE F 199 -43.52 14.27 30.94
C PHE F 199 -43.44 15.34 32.01
N CYS F 200 -42.23 15.85 32.26
CA CYS F 200 -42.02 16.89 33.25
C CYS F 200 -42.51 18.25 32.79
N ILE F 201 -42.60 18.47 31.47
CA ILE F 201 -43.17 19.71 30.96
C ILE F 201 -44.66 19.77 31.26
N SER F 202 -45.39 18.71 30.89
CA SER F 202 -46.84 18.73 30.88
C SER F 202 -47.44 18.68 32.28
N ILE F 203 -46.70 18.17 33.27
CA ILE F 203 -47.19 18.18 34.63
C ILE F 203 -46.70 19.38 35.41
N PHE F 204 -45.70 20.11 34.90
CA PHE F 204 -45.31 21.34 35.57
C PHE F 204 -46.27 22.46 35.25
N THR F 205 -46.61 22.60 33.96
CA THR F 205 -47.56 23.63 33.54
C THR F 205 -48.96 23.35 34.05
N ALA F 206 -49.35 22.07 34.11
CA ALA F 206 -50.65 21.70 34.68
C ALA F 206 -50.69 21.99 36.18
N ILE F 207 -49.54 21.91 36.85
CA ILE F 207 -49.45 22.44 38.21
C ILE F 207 -49.42 23.97 38.17
N LEU F 208 -48.75 24.56 37.18
CA LEU F 208 -48.64 26.02 37.14
C LEU F 208 -49.98 26.67 36.77
N VAL F 209 -50.73 26.05 35.85
CA VAL F 209 -52.05 26.60 35.55
C VAL F 209 -53.04 26.27 36.66
N THR F 210 -52.76 25.27 37.50
CA THR F 210 -53.62 25.04 38.66
C THR F 210 -53.38 26.12 39.71
N ILE F 211 -52.11 26.51 39.89
CA ILE F 211 -51.74 27.53 40.88
C ILE F 211 -52.30 28.89 40.49
N VAL F 212 -52.22 29.23 39.20
CA VAL F 212 -52.61 30.59 38.80
C VAL F 212 -54.13 30.72 38.71
N ILE F 213 -54.87 29.62 38.55
CA ILE F 213 -56.33 29.77 38.61
C ILE F 213 -56.83 29.70 40.05
N LEU F 214 -56.13 29.00 40.95
CA LEU F 214 -56.56 28.99 42.34
C LEU F 214 -56.25 30.32 43.03
N TYR F 215 -55.16 30.99 42.65
CA TYR F 215 -54.87 32.27 43.25
C TYR F 215 -55.74 33.39 42.66
N ALA F 216 -56.13 33.28 41.40
CA ALA F 216 -56.98 34.31 40.77
C ALA F 216 -58.46 34.13 41.05
N ARG F 217 -58.95 32.89 41.22
CA ARG F 217 -60.35 32.70 41.58
C ARG F 217 -60.62 33.16 43.00
N ILE F 218 -59.69 32.91 43.92
CA ILE F 218 -59.88 33.37 45.31
C ILE F 218 -59.71 34.90 45.40
N TYR F 219 -58.93 35.51 44.50
CA TYR F 219 -58.93 36.97 44.38
C TYR F 219 -60.29 37.46 43.85
N PHE F 220 -60.98 36.65 43.05
CA PHE F 220 -62.32 36.98 42.59
C PHE F 220 -63.40 36.67 43.62
N LEU F 221 -63.07 35.95 44.70
CA LEU F 221 -63.99 35.56 45.76
C LEU F 221 -63.74 36.27 47.10
N VAL F 222 -62.93 37.33 47.14
CA VAL F 222 -62.86 38.15 48.35
C VAL F 222 -63.82 39.34 48.29
N LYS F 223 -65.11 39.05 48.19
CA LYS F 223 -66.17 40.08 48.24
C LYS F 223 -67.18 39.69 49.32
N SER F 224 -66.99 40.22 50.54
CA SER F 224 -67.94 40.02 51.63
C SER F 224 -68.02 41.33 52.42
N SER F 225 -69.21 41.91 52.50
CA SER F 225 -69.40 43.19 53.18
C SER F 225 -69.47 43.01 54.69
N SER F 238 -61.41 49.04 55.48
CA SER F 238 -60.99 47.66 55.21
C SER F 238 -61.09 47.28 53.73
N MET F 239 -60.11 47.71 52.93
CA MET F 239 -60.00 47.32 51.53
C MET F 239 -59.19 46.05 51.38
N ALA F 240 -59.26 45.46 50.18
CA ALA F 240 -58.57 44.21 49.87
C ALA F 240 -57.11 44.51 49.53
N LEU F 241 -56.24 44.38 50.53
CA LEU F 241 -54.80 44.57 50.32
C LEU F 241 -54.15 43.42 49.58
N LEU F 242 -54.83 42.27 49.47
CA LEU F 242 -54.24 41.01 49.00
C LEU F 242 -53.86 40.99 47.52
N ARG F 243 -54.24 42.00 46.72
CA ARG F 243 -53.80 42.04 45.33
C ARG F 243 -52.29 42.18 45.24
N THR F 244 -51.66 42.90 46.16
CA THR F 244 -50.20 42.97 46.17
C THR F 244 -49.57 41.70 46.73
N VAL F 245 -50.34 40.80 47.34
CA VAL F 245 -49.82 39.51 47.76
C VAL F 245 -50.03 38.45 46.68
N VAL F 246 -51.16 38.51 45.97
CA VAL F 246 -51.50 37.46 45.00
C VAL F 246 -50.67 37.59 43.71
N ILE F 247 -50.14 38.77 43.42
CA ILE F 247 -49.28 38.92 42.24
C ILE F 247 -47.83 38.55 42.55
N VAL F 248 -47.33 38.99 43.71
CA VAL F 248 -45.94 38.77 44.06
C VAL F 248 -45.70 37.33 44.50
N VAL F 249 -46.75 36.62 44.92
CA VAL F 249 -46.60 35.18 45.17
C VAL F 249 -46.43 34.41 43.86
N SER F 250 -46.89 34.97 42.74
CA SER F 250 -46.59 34.45 41.41
C SER F 250 -45.39 35.15 40.79
N VAL F 251 -44.34 35.41 41.59
CA VAL F 251 -43.06 35.84 41.03
C VAL F 251 -42.21 34.64 40.62
N PHE F 252 -42.60 33.42 41.01
CA PHE F 252 -41.88 32.21 40.60
C PHE F 252 -42.00 31.93 39.11
N ILE F 253 -42.98 32.51 38.41
CA ILE F 253 -43.01 32.36 36.96
C ILE F 253 -41.85 33.11 36.32
N ALA F 254 -41.33 34.14 36.99
CA ALA F 254 -40.08 34.78 36.56
C ALA F 254 -38.87 33.94 36.95
N CYS F 255 -39.06 32.97 37.86
CA CYS F 255 -37.98 32.10 38.30
C CYS F 255 -38.02 30.70 37.70
N TRP F 256 -39.19 30.18 37.34
CA TRP F 256 -39.29 28.78 36.95
C TRP F 256 -39.53 28.58 35.48
N SER F 257 -40.24 29.48 34.82
CA SER F 257 -40.60 29.29 33.42
C SER F 257 -39.48 29.43 32.38
N PRO F 258 -38.44 30.30 32.50
CA PRO F 258 -37.36 30.24 31.50
C PRO F 258 -36.51 28.99 31.56
N LEU F 259 -36.49 28.30 32.70
CA LEU F 259 -35.87 26.97 32.74
C LEU F 259 -36.71 25.99 31.91
N PHE F 260 -38.03 26.11 32.00
CA PHE F 260 -38.92 25.23 31.27
C PHE F 260 -39.18 25.70 29.86
N ILE F 261 -38.86 26.96 29.54
CA ILE F 261 -38.65 27.34 28.14
C ILE F 261 -37.46 26.57 27.57
N LEU F 262 -36.39 26.47 28.35
CA LEU F 262 -35.15 25.86 27.87
C LEU F 262 -35.30 24.35 27.70
N PHE F 263 -36.13 23.72 28.53
CA PHE F 263 -36.44 22.30 28.33
C PHE F 263 -37.25 22.07 27.06
N LEU F 264 -38.13 23.02 26.71
CA LEU F 264 -38.88 22.90 25.48
C LEU F 264 -37.99 23.07 24.26
N ILE F 265 -36.95 23.90 24.38
CA ILE F 265 -35.97 24.07 23.31
C ILE F 265 -35.16 22.77 23.14
N ASP F 266 -34.85 22.10 24.25
CA ASP F 266 -34.11 20.85 24.25
C ASP F 266 -34.88 19.72 23.55
N VAL F 267 -36.17 19.61 23.83
CA VAL F 267 -37.00 18.58 23.17
C VAL F 267 -37.14 18.90 21.68
N ALA F 268 -37.12 20.17 21.33
CA ALA F 268 -37.33 20.54 19.94
C ALA F 268 -36.03 20.47 19.14
N CYS F 269 -34.96 21.02 19.70
CA CYS F 269 -33.70 21.12 18.97
C CYS F 269 -33.00 19.77 18.87
N ARG F 270 -32.40 19.52 17.71
CA ARG F 270 -31.48 18.42 17.54
C ARG F 270 -30.14 18.74 18.20
N VAL F 271 -29.25 17.77 18.24
CA VAL F 271 -28.05 17.87 19.05
C VAL F 271 -27.05 18.79 18.35
N GLN F 272 -26.37 19.61 19.17
CA GLN F 272 -25.30 20.54 18.76
C GLN F 272 -25.80 21.61 17.79
N ALA F 273 -27.12 21.88 17.80
CA ALA F 273 -27.74 22.84 16.89
C ALA F 273 -28.20 24.11 17.57
N CYS F 274 -28.58 24.03 18.85
CA CYS F 274 -29.06 25.18 19.62
C CYS F 274 -28.10 25.35 20.78
N PRO F 275 -27.05 26.17 20.63
CA PRO F 275 -26.02 26.25 21.66
C PRO F 275 -26.35 27.16 22.84
N ILE F 276 -27.61 27.57 23.01
CA ILE F 276 -28.01 28.26 24.22
C ILE F 276 -28.15 27.27 25.38
N LEU F 277 -28.29 25.97 25.07
CA LEU F 277 -28.43 24.93 26.07
C LEU F 277 -27.14 24.64 26.83
N PHE F 278 -25.99 25.16 26.38
CA PHE F 278 -24.75 24.96 27.11
C PHE F 278 -24.61 25.92 28.29
N LYS F 279 -25.31 27.06 28.23
CA LYS F 279 -25.40 28.02 29.33
C LYS F 279 -26.61 27.73 30.22
N ALA F 280 -26.94 26.45 30.41
CA ALA F 280 -28.16 26.07 31.11
C ALA F 280 -28.04 26.25 32.61
N GLN F 281 -26.81 26.39 33.13
CA GLN F 281 -26.57 26.54 34.56
C GLN F 281 -27.09 27.85 35.12
N TRP F 282 -27.27 28.87 34.28
CA TRP F 282 -27.91 30.11 34.72
C TRP F 282 -29.41 29.93 34.84
N PHE F 283 -29.98 29.06 34.02
CA PHE F 283 -31.41 28.78 34.12
C PHE F 283 -31.69 27.83 35.27
N ILE F 284 -30.70 27.05 35.70
CA ILE F 284 -30.86 26.19 36.86
C ILE F 284 -30.84 27.01 38.14
N VAL F 285 -29.88 27.94 38.25
CA VAL F 285 -29.77 28.72 39.48
C VAL F 285 -30.93 29.70 39.61
N LEU F 286 -31.51 30.12 38.50
CA LEU F 286 -32.64 31.02 38.54
C LEU F 286 -33.92 30.30 38.98
N ALA F 287 -33.96 28.97 38.88
CA ALA F 287 -35.05 28.20 39.47
C ALA F 287 -34.89 28.01 40.98
N VAL F 288 -33.67 28.03 41.50
CA VAL F 288 -33.43 27.78 42.91
C VAL F 288 -33.28 29.07 43.72
N LEU F 289 -33.29 30.24 43.05
CA LEU F 289 -33.55 31.45 43.82
C LEU F 289 -35.00 31.54 44.30
N ASN F 290 -35.91 30.69 43.79
CA ASN F 290 -37.23 30.53 44.39
C ASN F 290 -37.09 29.98 45.82
N SER F 291 -36.10 29.12 46.05
CA SER F 291 -35.83 28.63 47.40
C SER F 291 -35.31 29.73 48.33
N ALA F 292 -34.72 30.78 47.79
CA ALA F 292 -34.33 31.94 48.58
C ALA F 292 -35.46 32.95 48.77
N MET F 293 -36.39 33.07 47.82
CA MET F 293 -37.42 34.08 47.96
C MET F 293 -38.58 33.61 48.83
N ASN F 294 -38.89 32.30 48.85
CA ASN F 294 -40.02 31.81 49.63
C ASN F 294 -39.96 32.02 51.15
N PRO F 295 -38.81 32.04 51.83
CA PRO F 295 -38.83 32.56 53.21
C PRO F 295 -39.15 34.03 53.31
N VAL F 296 -38.97 34.82 52.26
CA VAL F 296 -39.33 36.24 52.29
C VAL F 296 -40.78 36.45 51.85
N ILE F 297 -41.26 35.69 50.85
CA ILE F 297 -42.63 35.86 50.36
C ILE F 297 -43.64 35.29 51.36
N TYR F 298 -43.35 34.16 51.98
CA TYR F 298 -44.34 33.46 52.79
C TYR F 298 -44.20 33.68 54.29
N THR F 299 -43.11 34.27 54.76
CA THR F 299 -43.01 34.58 56.18
C THR F 299 -42.94 36.09 56.40
N LEU F 300 -43.96 36.80 55.93
CA LEU F 300 -44.19 38.19 56.30
C LEU F 300 -45.26 38.34 57.37
N ALA F 301 -45.92 37.24 57.74
CA ALA F 301 -46.88 37.25 58.84
C ALA F 301 -46.14 37.42 60.15
N SER F 302 -46.67 38.33 60.99
CA SER F 302 -46.24 38.65 62.36
C SER F 302 -44.85 39.28 62.50
N LYS F 303 -44.08 39.35 61.41
CA LYS F 303 -42.66 39.77 61.38
C LYS F 303 -41.85 38.94 62.38
N GLU F 304 -41.61 37.69 61.96
CA GLU F 304 -41.04 36.69 62.87
C GLU F 304 -39.59 36.98 63.20
N MET F 305 -38.85 37.50 62.22
CA MET F 305 -37.44 37.82 62.43
C MET F 305 -37.30 39.01 63.38
N ARG F 306 -38.25 39.96 63.35
CA ARG F 306 -38.20 41.09 64.27
C ARG F 306 -38.49 40.68 65.70
N ARG F 307 -39.26 39.61 65.89
CA ARG F 307 -39.45 39.08 67.22
C ARG F 307 -38.32 38.13 67.60
N ALA F 308 -37.66 37.51 66.61
CA ALA F 308 -36.57 36.57 66.88
C ALA F 308 -35.22 37.17 66.50
N PHE F 309 -34.90 38.30 67.15
CA PHE F 309 -33.65 39.01 66.99
C PHE F 309 -33.42 39.85 68.23
N PHE F 310 -32.18 39.83 68.73
CA PHE F 310 -31.79 40.57 69.93
C PHE F 310 -31.68 42.06 69.61
N ARG F 311 -31.38 42.84 70.65
CA ARG F 311 -31.17 44.27 70.48
C ARG F 311 -29.85 44.72 71.11
#